data_2G56
#
_entry.id   2G56
#
_cell.length_a   262.250
_cell.length_b   262.250
_cell.length_c   90.610
_cell.angle_alpha   90.00
_cell.angle_beta   90.00
_cell.angle_gamma   120.00
#
_symmetry.space_group_name_H-M   'P 65'
#
loop_
_entity.id
_entity.type
_entity.pdbx_description
1 polymer 'Insulin-degrading enzyme'
2 polymer Insulin
3 non-polymer '1,4-DIETHYLENE DIOXIDE'
4 water water
#
loop_
_entity_poly.entity_id
_entity_poly.type
_entity_poly.pdbx_seq_one_letter_code
_entity_poly.pdbx_strand_id
1 'polypeptide(L)'
;MHHHHHHAAGIPMNNPAIKRIGNHITKSPEDKREYRGLELANGIKVLLISDPTTDKSSAALDVHIGSLSDPPNIAGLSHF
CQHMLFLGTKKYPKENEYSQFLSEHAGSSNAFTSGEHTNYYFDVSHEHLEGALDRFAQFFLCPLFDESCKDREVNAVDSE
HEKNVMNDAWRLFQLEKATGNPKHPFSKFGTGNKYTLETRPNQEGIDVRQELLKFHSAYYSSNLMAVCVLGRESLDDLTN
LVVKLFSEVENKNVPLPEFPEHPFQEEHLKQLYKIVPIKDIRNLYVTFPIPDLQKYYKSNPGHYLGHLIGHEGPGSLLSE
LKSKGWVNTLVGGQKEGARGFMFFIINVDLTEEGLLHVEDIILHMFQYIQKLRAEGPQEWVFQECKDLNAVAFRFKDKER
PRGYTSKIAGILHYYPLEEVLTAEYLLEEFRPDLIEMVLDKLRPENVRVAIVSKSFEGKTDRTEEWYGTQYKQEAIPDEV
IKKWQNADLNGKFKLPTKNEFIPTNFEILPLEKEATPYPALIKDTAMSKLWFKQDDKFFLPKACLNFEFFSPFAYVDPLH
CNMAYLYLELLKDSLNEYAYAAELAGLSYDLQNTIYGMYLSVKGYNDKQPILLKKIIEKMATFEIDEKRFEIIKEAYMRS
LNNFRAEQPHQHAMYYLRLLMTEVAWTKDELKEALDDVTLPRLKAFIPQLLSRLHIEALLHGNITKQAALGIMQMVEDTL
IEHAHTKPLLPSQLVRYREVQLPDRGWFVYQQRNEVHNNCGIEIYYQTDMQSTSENMFLELFCQIISEPCFNTLRTKEQL
GYIVFSGPRRANGIQGLRFIIQSEKPPHYLESRVEAFLITMEKSIEDMTEEAFQKHIQALAIRRLDKPKKLSAECAKYWG
EIISQQYNFDRDNTEVAYLKTLTKEDIIKFYKEMLAVDAPRRHKVSVHVLAREMDSCPVVGEFPCQNDINLSQAPALPQP
EVIQNMTEFKRGLPLFPLVKPHINFMAAKL
;
A,B
2 'polypeptide(L)' FVNQHLCGSHLVEALYLVCGERGFFYTPKT C,D
#
loop_
_chem_comp.id
_chem_comp.type
_chem_comp.name
_chem_comp.formula
DIO non-polymer '1,4-DIETHYLENE DIOXIDE' 'C4 H8 O2'
#
# COMPACT_ATOMS: atom_id res chain seq x y z
N PRO A 16 -64.35 8.03 -33.61
CA PRO A 16 -64.24 8.25 -35.08
C PRO A 16 -62.81 8.04 -35.54
N ALA A 17 -61.87 8.81 -34.96
CA ALA A 17 -60.46 8.68 -35.30
C ALA A 17 -59.95 7.34 -34.74
N ILE A 18 -60.78 6.71 -33.91
CA ILE A 18 -60.46 5.42 -33.30
C ILE A 18 -61.24 4.33 -34.03
N LYS A 19 -60.58 3.22 -34.32
CA LYS A 19 -61.21 2.13 -35.04
C LYS A 19 -61.65 1.02 -34.09
N ARG A 20 -60.95 0.91 -32.98
CA ARG A 20 -61.27 -0.13 -32.02
C ARG A 20 -60.57 0.12 -30.68
N ILE A 21 -61.27 -0.18 -29.61
CA ILE A 21 -60.71 -0.02 -28.27
C ILE A 21 -60.70 -1.42 -27.67
N GLY A 22 -59.50 -1.99 -27.62
CA GLY A 22 -59.35 -3.34 -27.10
C GLY A 22 -60.05 -3.59 -25.78
N ASN A 23 -60.26 -4.88 -25.49
CA ASN A 23 -60.90 -5.28 -24.25
C ASN A 23 -59.87 -5.14 -23.14
N HIS A 24 -60.12 -5.81 -22.02
CA HIS A 24 -59.24 -5.79 -20.86
C HIS A 24 -57.83 -6.27 -21.23
N ILE A 25 -56.81 -5.47 -20.92
CA ILE A 25 -55.43 -5.86 -21.22
C ILE A 25 -54.95 -6.73 -20.06
N THR A 26 -54.81 -8.03 -20.31
CA THR A 26 -54.37 -8.96 -19.28
C THR A 26 -53.03 -8.53 -18.69
N LYS A 27 -53.01 -8.25 -17.39
CA LYS A 27 -51.79 -7.82 -16.73
C LYS A 27 -51.58 -8.64 -15.46
N SER A 28 -50.45 -8.46 -14.81
CA SER A 28 -50.18 -9.18 -13.58
C SER A 28 -50.97 -8.53 -12.46
N PRO A 29 -51.48 -9.33 -11.52
CA PRO A 29 -52.26 -8.76 -10.42
C PRO A 29 -51.45 -7.84 -9.52
N GLU A 30 -50.13 -7.97 -9.56
CA GLU A 30 -49.26 -7.13 -8.75
C GLU A 30 -49.05 -5.78 -9.43
N ASP A 31 -49.40 -5.72 -10.71
CA ASP A 31 -49.23 -4.49 -11.47
C ASP A 31 -50.37 -3.51 -11.22
N LYS A 32 -50.02 -2.34 -10.70
CA LYS A 32 -51.01 -1.32 -10.39
C LYS A 32 -51.22 -0.30 -11.51
N ARG A 33 -50.33 -0.30 -12.51
CA ARG A 33 -50.47 0.61 -13.64
C ARG A 33 -51.75 0.26 -14.41
N GLU A 34 -52.27 1.22 -15.15
CA GLU A 34 -53.50 1.00 -15.92
C GLU A 34 -53.21 0.90 -17.39
N TYR A 35 -53.89 -0.02 -18.05
CA TYR A 35 -53.67 -0.22 -19.47
C TYR A 35 -54.91 -0.12 -20.33
N ARG A 36 -54.73 0.42 -21.53
CA ARG A 36 -55.79 0.53 -22.50
C ARG A 36 -55.21 0.34 -23.89
N GLY A 37 -55.69 -0.68 -24.58
CA GLY A 37 -55.22 -0.95 -25.93
C GLY A 37 -56.23 -0.44 -26.93
N LEU A 38 -55.75 0.03 -28.07
CA LEU A 38 -56.64 0.52 -29.10
C LEU A 38 -55.97 0.57 -30.45
N GLU A 39 -56.80 0.64 -31.48
CA GLU A 39 -56.31 0.70 -32.84
C GLU A 39 -56.93 1.94 -33.46
N LEU A 40 -56.08 2.84 -33.95
CA LEU A 40 -56.56 4.07 -34.58
C LEU A 40 -57.11 3.75 -35.96
N ALA A 41 -57.87 4.69 -36.52
CA ALA A 41 -58.47 4.50 -37.84
C ALA A 41 -57.42 4.29 -38.92
N ASN A 42 -56.21 4.84 -38.71
CA ASN A 42 -55.13 4.69 -39.67
C ASN A 42 -54.40 3.36 -39.55
N GLY A 43 -54.80 2.51 -38.60
CA GLY A 43 -54.17 1.22 -38.45
C GLY A 43 -53.09 1.12 -37.37
N ILE A 44 -52.68 2.25 -36.83
CA ILE A 44 -51.67 2.26 -35.79
C ILE A 44 -52.19 1.55 -34.53
N LYS A 45 -51.43 0.56 -34.08
CA LYS A 45 -51.80 -0.19 -32.88
C LYS A 45 -51.19 0.55 -31.67
N VAL A 46 -52.04 0.87 -30.69
CA VAL A 46 -51.57 1.61 -29.54
C VAL A 46 -51.83 0.94 -28.20
N LEU A 47 -50.90 1.17 -27.27
CA LEU A 47 -51.02 0.66 -25.91
C LEU A 47 -50.77 1.86 -25.01
N LEU A 48 -51.81 2.26 -24.29
CA LEU A 48 -51.74 3.38 -23.37
C LEU A 48 -51.50 2.84 -21.96
N ILE A 49 -50.66 3.53 -21.20
CA ILE A 49 -50.31 3.07 -19.85
C ILE A 49 -50.38 4.25 -18.86
N SER A 50 -51.25 4.16 -17.85
CA SER A 50 -51.34 5.26 -16.89
C SER A 50 -50.70 4.83 -15.56
N ASP A 51 -49.82 5.67 -15.05
CA ASP A 51 -49.13 5.43 -13.79
C ASP A 51 -49.01 6.75 -13.07
N PRO A 52 -50.00 7.07 -12.22
CA PRO A 52 -50.04 8.31 -11.44
C PRO A 52 -48.81 8.60 -10.59
N THR A 53 -47.91 7.64 -10.45
CA THR A 53 -46.71 7.84 -9.63
C THR A 53 -45.41 8.06 -10.40
N THR A 54 -45.38 7.61 -11.65
CA THR A 54 -44.17 7.74 -12.45
C THR A 54 -43.58 9.15 -12.44
N ASP A 55 -42.27 9.24 -12.26
CA ASP A 55 -41.59 10.53 -12.25
C ASP A 55 -41.23 10.91 -13.68
N LYS A 56 -41.11 9.90 -14.53
CA LYS A 56 -40.80 10.13 -15.94
C LYS A 56 -41.84 9.48 -16.82
N SER A 57 -42.27 10.21 -17.85
CA SER A 57 -43.24 9.67 -18.79
C SER A 57 -42.45 9.24 -20.01
N SER A 58 -43.06 8.44 -20.85
CA SER A 58 -42.30 7.93 -21.97
C SER A 58 -43.17 7.52 -23.16
N ALA A 59 -42.60 7.56 -24.36
CA ALA A 59 -43.31 7.13 -25.55
C ALA A 59 -42.34 6.40 -26.47
N ALA A 60 -42.90 5.50 -27.28
CA ALA A 60 -42.09 4.75 -28.22
C ALA A 60 -42.96 4.39 -29.41
N LEU A 61 -42.34 4.39 -30.58
CA LEU A 61 -43.04 4.06 -31.80
C LEU A 61 -42.16 3.12 -32.59
N ASP A 62 -42.71 1.99 -33.02
CA ASP A 62 -41.97 1.01 -33.78
C ASP A 62 -42.59 0.83 -35.17
N VAL A 63 -41.79 1.09 -36.20
CA VAL A 63 -42.22 0.95 -37.59
C VAL A 63 -41.78 -0.43 -38.03
N HIS A 64 -42.71 -1.23 -38.53
CA HIS A 64 -42.34 -2.57 -38.95
C HIS A 64 -41.54 -2.71 -40.24
N ILE A 65 -40.54 -1.86 -40.43
CA ILE A 65 -39.63 -2.10 -41.52
C ILE A 65 -38.22 -1.72 -41.12
N GLY A 66 -37.26 -2.46 -41.69
CA GLY A 66 -35.86 -2.26 -41.35
C GLY A 66 -34.89 -2.44 -42.51
N SER A 67 -33.63 -2.66 -42.16
CA SER A 67 -32.58 -2.81 -43.17
C SER A 67 -32.87 -3.84 -44.23
N LEU A 68 -33.69 -4.84 -43.89
CA LEU A 68 -34.03 -5.88 -44.84
C LEU A 68 -34.76 -5.28 -46.05
N SER A 69 -35.34 -4.10 -45.90
CA SER A 69 -36.07 -3.43 -46.97
C SER A 69 -35.22 -2.37 -47.68
N ASP A 70 -33.94 -2.30 -47.34
CA ASP A 70 -33.07 -1.31 -47.98
C ASP A 70 -32.99 -1.59 -49.49
N PRO A 71 -32.88 -0.52 -50.31
CA PRO A 71 -32.78 -0.76 -51.75
C PRO A 71 -31.43 -1.41 -51.97
N PRO A 72 -31.36 -2.43 -52.84
CA PRO A 72 -30.13 -3.17 -53.16
C PRO A 72 -28.92 -2.29 -53.46
N ASN A 73 -29.16 -1.12 -54.03
CA ASN A 73 -28.07 -0.22 -54.38
C ASN A 73 -27.77 0.88 -53.36
N ILE A 74 -28.43 0.83 -52.20
CA ILE A 74 -28.17 1.84 -51.16
C ILE A 74 -28.20 1.20 -49.77
N ALA A 75 -27.19 0.38 -49.50
CA ALA A 75 -27.07 -0.32 -48.22
C ALA A 75 -27.05 0.69 -47.06
N GLY A 76 -27.84 0.42 -46.04
CA GLY A 76 -27.88 1.29 -44.87
C GLY A 76 -28.88 2.43 -44.93
N LEU A 77 -29.64 2.51 -46.02
CA LEU A 77 -30.60 3.59 -46.17
C LEU A 77 -31.59 3.68 -45.00
N SER A 78 -32.13 2.53 -44.58
CA SER A 78 -33.10 2.54 -43.48
C SER A 78 -32.47 2.97 -42.15
N HIS A 79 -31.21 2.60 -41.94
CA HIS A 79 -30.52 3.00 -40.72
C HIS A 79 -30.19 4.49 -40.78
N PHE A 80 -29.87 4.97 -41.98
CA PHE A 80 -29.55 6.37 -42.19
C PHE A 80 -30.81 7.21 -41.92
N CYS A 81 -31.95 6.71 -42.39
CA CYS A 81 -33.23 7.38 -42.20
C CYS A 81 -33.46 7.59 -40.69
N GLN A 82 -33.18 6.54 -39.91
CA GLN A 82 -33.35 6.58 -38.47
C GLN A 82 -32.54 7.72 -37.85
N HIS A 83 -31.30 7.89 -38.31
CA HIS A 83 -30.44 8.97 -37.81
C HIS A 83 -30.99 10.34 -38.16
N MET A 84 -31.42 10.49 -39.42
CA MET A 84 -31.94 11.76 -39.90
C MET A 84 -33.22 12.24 -39.23
N LEU A 85 -34.07 11.31 -38.79
CA LEU A 85 -35.32 11.72 -38.18
C LEU A 85 -35.16 12.56 -36.92
N PHE A 86 -33.95 12.61 -36.39
CA PHE A 86 -33.70 13.40 -35.20
C PHE A 86 -33.23 14.81 -35.52
N LEU A 87 -32.91 15.06 -36.79
CA LEU A 87 -32.39 16.36 -37.18
C LEU A 87 -33.32 17.47 -37.65
N GLY A 88 -34.61 17.36 -37.34
CA GLY A 88 -35.51 18.42 -37.76
C GLY A 88 -36.77 18.03 -38.53
N THR A 89 -37.85 18.73 -38.23
CA THR A 89 -39.14 18.51 -38.89
C THR A 89 -39.71 19.89 -39.26
N LYS A 90 -40.69 19.93 -40.15
CA LYS A 90 -41.25 21.22 -40.55
C LYS A 90 -41.75 22.05 -39.37
N LYS A 91 -42.42 21.39 -38.43
CA LYS A 91 -42.95 22.08 -37.26
C LYS A 91 -41.83 22.53 -36.32
N TYR A 92 -40.71 21.80 -36.29
CA TYR A 92 -39.57 22.15 -35.45
C TYR A 92 -38.26 22.00 -36.23
N PRO A 93 -37.93 23.00 -37.06
CA PRO A 93 -36.73 23.08 -37.91
C PRO A 93 -35.38 22.85 -37.22
N LYS A 94 -35.16 23.53 -36.09
CA LYS A 94 -33.91 23.40 -35.33
C LYS A 94 -33.49 21.94 -35.31
N GLU A 95 -32.29 21.66 -35.82
CA GLU A 95 -31.83 20.28 -35.88
C GLU A 95 -31.68 19.59 -34.53
N ASN A 96 -31.62 20.36 -33.44
CA ASN A 96 -31.49 19.76 -32.12
C ASN A 96 -32.65 20.17 -31.21
N GLU A 97 -33.73 20.68 -31.82
CA GLU A 97 -34.88 21.10 -31.05
C GLU A 97 -35.40 19.94 -30.21
N TYR A 98 -35.40 18.74 -30.79
CA TYR A 98 -35.88 17.56 -30.10
C TYR A 98 -35.00 17.21 -28.90
N SER A 99 -33.71 16.98 -29.15
CA SER A 99 -32.81 16.61 -28.07
C SER A 99 -32.68 17.72 -27.02
N GLN A 100 -32.70 18.97 -27.45
CA GLN A 100 -32.59 20.08 -26.51
C GLN A 100 -33.81 20.14 -25.60
N PHE A 101 -34.99 19.96 -26.16
CA PHE A 101 -36.21 19.98 -25.36
C PHE A 101 -36.16 18.91 -24.27
N LEU A 102 -35.79 17.69 -24.67
CA LEU A 102 -35.71 16.60 -23.71
C LEU A 102 -34.67 16.87 -22.63
N SER A 103 -33.51 17.37 -23.05
CA SER A 103 -32.45 17.66 -22.10
C SER A 103 -32.90 18.65 -21.03
N GLU A 104 -33.56 19.73 -21.45
CA GLU A 104 -34.02 20.75 -20.52
C GLU A 104 -35.19 20.28 -19.65
N HIS A 105 -35.71 19.08 -19.94
CA HIS A 105 -36.81 18.55 -19.16
C HIS A 105 -36.56 17.15 -18.62
N ALA A 106 -35.33 16.91 -18.19
CA ALA A 106 -34.93 15.62 -17.61
C ALA A 106 -35.25 14.41 -18.47
N GLY A 107 -35.15 14.58 -19.78
CA GLY A 107 -35.46 13.47 -20.67
C GLY A 107 -34.25 12.89 -21.39
N SER A 108 -34.47 11.80 -22.10
CA SER A 108 -33.42 11.15 -22.86
C SER A 108 -34.08 10.43 -24.03
N SER A 109 -33.30 10.18 -25.07
CA SER A 109 -33.85 9.50 -26.24
C SER A 109 -32.81 8.69 -27.01
N ASN A 110 -33.30 7.71 -27.75
CA ASN A 110 -32.44 6.86 -28.58
C ASN A 110 -33.35 6.09 -29.53
N ALA A 111 -32.73 5.35 -30.44
CA ALA A 111 -33.46 4.54 -31.40
C ALA A 111 -32.55 3.47 -31.98
N PHE A 112 -33.14 2.41 -32.50
CA PHE A 112 -32.35 1.37 -33.12
C PHE A 112 -33.01 0.85 -34.38
N THR A 113 -32.19 0.27 -35.25
CA THR A 113 -32.65 -0.28 -36.51
C THR A 113 -32.27 -1.75 -36.63
N SER A 114 -33.25 -2.60 -36.84
CA SER A 114 -33.00 -4.03 -37.02
C SER A 114 -33.39 -4.37 -38.46
N GLY A 115 -33.44 -5.65 -38.78
CA GLY A 115 -33.79 -6.06 -40.13
C GLY A 115 -35.24 -5.76 -40.50
N GLU A 116 -36.15 -5.89 -39.53
CA GLU A 116 -37.58 -5.66 -39.78
C GLU A 116 -38.21 -4.57 -38.93
N HIS A 117 -37.41 -3.85 -38.14
CA HIS A 117 -37.96 -2.80 -37.28
C HIS A 117 -37.07 -1.58 -37.11
N THR A 118 -37.70 -0.44 -36.88
CA THR A 118 -36.99 0.80 -36.60
C THR A 118 -37.80 1.31 -35.41
N ASN A 119 -37.16 1.32 -34.25
CA ASN A 119 -37.78 1.68 -33.00
C ASN A 119 -37.24 2.99 -32.41
N TYR A 120 -38.14 3.95 -32.17
CA TYR A 120 -37.79 5.25 -31.61
C TYR A 120 -38.44 5.38 -30.24
N TYR A 121 -37.71 5.94 -29.27
CA TYR A 121 -38.24 6.07 -27.93
C TYR A 121 -37.59 7.19 -27.14
N PHE A 122 -38.29 7.64 -26.10
CA PHE A 122 -37.79 8.72 -25.25
C PHE A 122 -38.55 8.69 -23.93
N ASP A 123 -37.98 9.39 -22.95
CA ASP A 123 -38.63 9.55 -21.66
C ASP A 123 -38.43 11.02 -21.31
N VAL A 124 -39.17 11.51 -20.34
CA VAL A 124 -39.09 12.92 -19.96
C VAL A 124 -39.92 13.15 -18.69
N SER A 125 -39.68 14.26 -18.01
CA SER A 125 -40.43 14.61 -16.81
C SER A 125 -41.91 14.40 -17.11
N HIS A 126 -42.63 13.75 -16.21
CA HIS A 126 -44.06 13.47 -16.42
C HIS A 126 -44.89 14.71 -16.71
N GLU A 127 -44.36 15.90 -16.41
CA GLU A 127 -45.10 17.14 -16.64
C GLU A 127 -45.01 17.63 -18.09
N HIS A 128 -44.11 17.06 -18.89
CA HIS A 128 -43.93 17.52 -20.26
C HIS A 128 -44.12 16.45 -21.34
N LEU A 129 -44.98 15.48 -21.06
CA LEU A 129 -45.25 14.39 -21.99
C LEU A 129 -45.73 14.93 -23.34
N GLU A 130 -46.76 15.77 -23.30
CA GLU A 130 -47.33 16.33 -24.51
C GLU A 130 -46.31 17.08 -25.38
N GLY A 131 -45.58 17.99 -24.78
CA GLY A 131 -44.58 18.75 -25.53
C GLY A 131 -43.55 17.85 -26.19
N ALA A 132 -43.14 16.79 -25.49
CA ALA A 132 -42.15 15.87 -26.02
C ALA A 132 -42.79 15.00 -27.11
N LEU A 133 -43.98 14.48 -26.82
CA LEU A 133 -44.68 13.62 -27.77
C LEU A 133 -45.03 14.37 -29.07
N ASP A 134 -45.33 15.66 -28.94
CA ASP A 134 -45.67 16.46 -30.11
C ASP A 134 -44.45 16.51 -31.03
N ARG A 135 -43.32 16.91 -30.48
CA ARG A 135 -42.07 16.99 -31.23
C ARG A 135 -41.71 15.63 -31.82
N PHE A 136 -42.00 14.58 -31.06
CA PHE A 136 -41.72 13.22 -31.47
C PHE A 136 -42.60 12.78 -32.66
N ALA A 137 -43.90 13.03 -32.57
CA ALA A 137 -44.84 12.65 -33.63
C ALA A 137 -44.49 13.25 -34.99
N GLN A 138 -43.87 14.43 -34.98
CA GLN A 138 -43.46 15.10 -36.21
C GLN A 138 -42.44 14.30 -37.02
N PHE A 139 -41.72 13.40 -36.35
CA PHE A 139 -40.70 12.56 -37.02
C PHE A 139 -41.39 11.72 -38.09
N PHE A 140 -42.65 11.38 -37.84
CA PHE A 140 -43.42 10.54 -38.75
C PHE A 140 -44.46 11.30 -39.53
N LEU A 141 -44.37 12.63 -39.51
CA LEU A 141 -45.34 13.44 -40.22
C LEU A 141 -44.71 14.38 -41.22
N CYS A 142 -43.66 15.09 -40.80
CA CYS A 142 -42.98 16.06 -41.65
C CYS A 142 -41.48 16.15 -41.45
N PRO A 143 -40.74 15.04 -41.65
CA PRO A 143 -39.28 15.07 -41.47
C PRO A 143 -38.67 16.03 -42.49
N LEU A 144 -37.61 16.73 -42.10
CA LEU A 144 -36.96 17.65 -43.03
C LEU A 144 -35.93 16.99 -43.94
N PHE A 145 -35.12 16.08 -43.38
CA PHE A 145 -34.05 15.45 -44.13
C PHE A 145 -33.23 16.54 -44.77
N ASP A 146 -32.92 17.57 -43.99
CA ASP A 146 -32.12 18.70 -44.45
C ASP A 146 -30.83 18.26 -45.14
N GLU A 147 -30.57 18.84 -46.31
CA GLU A 147 -29.38 18.51 -47.09
C GLU A 147 -28.08 18.65 -46.29
N SER A 148 -27.94 19.77 -45.58
CA SER A 148 -26.74 20.01 -44.78
C SER A 148 -26.58 18.96 -43.70
N CYS A 149 -27.68 18.63 -43.01
CA CYS A 149 -27.63 17.63 -41.95
C CYS A 149 -27.23 16.28 -42.53
N LYS A 150 -27.79 15.96 -43.68
CA LYS A 150 -27.50 14.70 -44.36
C LYS A 150 -26.02 14.54 -44.62
N ASP A 151 -25.38 15.59 -45.15
CA ASP A 151 -23.95 15.52 -45.45
C ASP A 151 -23.08 15.40 -44.20
N ARG A 152 -23.60 15.84 -43.06
CA ARG A 152 -22.82 15.75 -41.83
C ARG A 152 -23.05 14.41 -41.16
N GLU A 153 -24.33 14.08 -40.91
CA GLU A 153 -24.67 12.84 -40.23
C GLU A 153 -24.20 11.56 -40.91
N VAL A 154 -23.90 11.64 -42.21
CA VAL A 154 -23.42 10.46 -42.90
C VAL A 154 -22.08 10.04 -42.26
N ASN A 155 -21.36 11.02 -41.73
CA ASN A 155 -20.08 10.73 -41.07
C ASN A 155 -20.31 9.97 -39.77
N ALA A 156 -21.43 10.25 -39.11
CA ALA A 156 -21.78 9.57 -37.87
C ALA A 156 -22.05 8.11 -38.16
N VAL A 157 -22.71 7.83 -39.28
CA VAL A 157 -23.01 6.45 -39.66
C VAL A 157 -21.73 5.72 -40.00
N ASP A 158 -20.87 6.37 -40.76
CA ASP A 158 -19.60 5.77 -41.17
C ASP A 158 -18.75 5.41 -39.94
N SER A 159 -18.70 6.35 -39.00
CA SER A 159 -17.93 6.15 -37.78
C SER A 159 -18.52 5.01 -36.96
N GLU A 160 -19.84 4.89 -36.98
CA GLU A 160 -20.53 3.83 -36.26
C GLU A 160 -20.11 2.47 -36.85
N HIS A 161 -20.04 2.40 -38.17
CA HIS A 161 -19.65 1.15 -38.82
C HIS A 161 -18.17 0.87 -38.57
N GLU A 162 -17.37 1.93 -38.59
CA GLU A 162 -15.94 1.85 -38.39
C GLU A 162 -15.56 1.14 -37.09
N LYS A 163 -16.24 1.47 -35.98
CA LYS A 163 -15.94 0.85 -34.72
C LYS A 163 -16.34 -0.62 -34.70
N ASN A 164 -17.22 -1.04 -35.61
CA ASN A 164 -17.64 -2.44 -35.66
C ASN A 164 -16.75 -3.29 -36.56
N VAL A 165 -16.07 -2.65 -37.50
CA VAL A 165 -15.21 -3.35 -38.45
C VAL A 165 -14.30 -4.40 -37.82
N MET A 166 -13.70 -4.05 -36.69
CA MET A 166 -12.79 -4.97 -36.00
C MET A 166 -13.44 -5.70 -34.83
N ASN A 167 -14.76 -5.70 -34.77
CA ASN A 167 -15.49 -6.37 -33.71
C ASN A 167 -15.85 -7.76 -34.21
N ASP A 168 -15.35 -8.78 -33.52
CA ASP A 168 -15.60 -10.17 -33.92
C ASP A 168 -17.08 -10.53 -34.06
N ALA A 169 -17.91 -10.01 -33.17
CA ALA A 169 -19.36 -10.32 -33.22
C ALA A 169 -19.96 -9.86 -34.54
N TRP A 170 -19.71 -8.61 -34.90
CA TRP A 170 -20.24 -8.07 -36.15
C TRP A 170 -19.65 -8.75 -37.39
N ARG A 171 -18.36 -9.06 -37.33
CA ARG A 171 -17.71 -9.72 -38.44
C ARG A 171 -18.40 -11.06 -38.71
N LEU A 172 -18.67 -11.83 -37.64
CA LEU A 172 -19.34 -13.11 -37.79
C LEU A 172 -20.79 -12.92 -38.25
N PHE A 173 -21.44 -11.90 -37.71
CA PHE A 173 -22.83 -11.57 -38.06
C PHE A 173 -22.97 -11.37 -39.57
N GLN A 174 -22.11 -10.52 -40.14
CA GLN A 174 -22.16 -10.26 -41.57
C GLN A 174 -21.65 -11.44 -42.40
N LEU A 175 -20.72 -12.22 -41.84
CA LEU A 175 -20.19 -13.37 -42.57
C LEU A 175 -21.27 -14.42 -42.82
N GLU A 176 -22.13 -14.65 -41.82
CA GLU A 176 -23.20 -15.62 -42.00
C GLU A 176 -24.10 -15.19 -43.16
N LYS A 177 -24.41 -13.89 -43.19
CA LYS A 177 -25.24 -13.32 -44.25
C LYS A 177 -24.60 -13.49 -45.61
N ALA A 178 -23.28 -13.35 -45.64
CA ALA A 178 -22.50 -13.46 -46.88
C ALA A 178 -22.34 -14.91 -47.37
N THR A 179 -22.66 -15.88 -46.53
CA THR A 179 -22.52 -17.28 -46.93
C THR A 179 -23.85 -17.93 -47.30
N GLY A 180 -24.91 -17.14 -47.32
CA GLY A 180 -26.21 -17.66 -47.68
C GLY A 180 -26.52 -17.20 -49.09
N ASN A 181 -27.78 -17.36 -49.50
CA ASN A 181 -28.19 -16.96 -50.84
C ASN A 181 -27.90 -15.48 -51.08
N PRO A 182 -27.04 -15.17 -52.08
CA PRO A 182 -26.68 -13.78 -52.41
C PRO A 182 -27.88 -12.96 -52.88
N LYS A 183 -28.92 -13.65 -53.33
CA LYS A 183 -30.11 -12.97 -53.83
C LYS A 183 -31.13 -12.67 -52.75
N HIS A 184 -30.95 -13.30 -51.60
CA HIS A 184 -31.86 -13.09 -50.49
C HIS A 184 -31.50 -11.81 -49.74
N PRO A 185 -32.51 -10.99 -49.40
CA PRO A 185 -32.22 -9.75 -48.68
C PRO A 185 -31.46 -9.95 -47.36
N PHE A 186 -31.38 -11.20 -46.91
CA PHE A 186 -30.66 -11.50 -45.67
C PHE A 186 -29.16 -11.21 -45.84
N SER A 187 -28.68 -11.19 -47.09
CA SER A 187 -27.27 -10.94 -47.38
C SER A 187 -26.87 -9.47 -47.38
N LYS A 188 -27.86 -8.59 -47.23
CA LYS A 188 -27.61 -7.16 -47.23
C LYS A 188 -26.77 -6.66 -46.05
N PHE A 189 -26.07 -5.56 -46.28
CA PHE A 189 -25.26 -4.90 -45.27
C PHE A 189 -26.18 -3.78 -44.76
N GLY A 190 -26.65 -3.91 -43.51
CA GLY A 190 -27.57 -2.93 -42.96
C GLY A 190 -27.05 -1.66 -42.30
N THR A 191 -25.82 -1.69 -41.84
CA THR A 191 -25.26 -0.52 -41.17
C THR A 191 -25.05 0.64 -42.14
N GLY A 192 -24.47 0.35 -43.29
CA GLY A 192 -24.17 1.38 -44.26
C GLY A 192 -22.92 2.14 -43.81
N ASN A 193 -22.33 2.93 -44.71
CA ASN A 193 -21.16 3.73 -44.39
C ASN A 193 -21.03 4.85 -45.43
N LYS A 194 -19.97 5.65 -45.33
CA LYS A 194 -19.81 6.76 -46.26
C LYS A 194 -19.77 6.32 -47.72
N TYR A 195 -19.21 5.15 -47.97
CA TYR A 195 -19.14 4.63 -49.32
C TYR A 195 -20.54 4.33 -49.87
N THR A 196 -21.30 3.54 -49.14
CA THR A 196 -22.63 3.14 -49.59
C THR A 196 -23.69 4.22 -49.51
N LEU A 197 -23.47 5.21 -48.66
CA LEU A 197 -24.46 6.27 -48.50
C LEU A 197 -24.10 7.58 -49.16
N GLU A 198 -22.88 7.71 -49.66
CA GLU A 198 -22.48 8.95 -50.28
C GLU A 198 -21.64 8.75 -51.55
N THR A 199 -20.46 8.17 -51.37
CA THR A 199 -19.53 7.95 -52.46
C THR A 199 -20.11 7.18 -53.64
N ARG A 200 -20.55 5.95 -53.41
CA ARG A 200 -21.11 5.15 -54.49
C ARG A 200 -22.35 5.81 -55.10
N PRO A 201 -23.28 6.30 -54.26
CA PRO A 201 -24.48 6.95 -54.82
C PRO A 201 -24.13 8.14 -55.73
N ASN A 202 -23.18 8.95 -55.32
CA ASN A 202 -22.78 10.12 -56.12
C ASN A 202 -22.23 9.67 -57.47
N GLN A 203 -21.46 8.59 -57.44
CA GLN A 203 -20.90 8.03 -58.66
C GLN A 203 -21.99 7.49 -59.57
N GLU A 204 -23.03 6.90 -58.97
CA GLU A 204 -24.14 6.34 -59.75
C GLU A 204 -25.20 7.39 -60.08
N GLY A 205 -24.94 8.64 -59.68
CA GLY A 205 -25.89 9.70 -59.95
C GLY A 205 -27.18 9.63 -59.14
N ILE A 206 -27.08 9.10 -57.92
CA ILE A 206 -28.25 8.97 -57.06
C ILE A 206 -28.31 10.11 -56.02
N ASP A 207 -29.51 10.62 -55.77
CA ASP A 207 -29.73 11.69 -54.79
C ASP A 207 -30.19 11.04 -53.49
N VAL A 208 -29.28 10.88 -52.55
CA VAL A 208 -29.60 10.25 -51.28
C VAL A 208 -30.70 10.95 -50.51
N ARG A 209 -30.76 12.27 -50.64
CA ARG A 209 -31.78 13.05 -49.97
C ARG A 209 -33.16 12.56 -50.45
N GLN A 210 -33.34 12.50 -51.76
CA GLN A 210 -34.61 12.05 -52.33
C GLN A 210 -34.90 10.61 -51.89
N GLU A 211 -33.88 9.76 -51.96
CA GLU A 211 -34.01 8.36 -51.58
C GLU A 211 -34.48 8.22 -50.13
N LEU A 212 -33.96 9.07 -49.23
CA LEU A 212 -34.38 9.02 -47.84
C LEU A 212 -35.86 9.39 -47.76
N LEU A 213 -36.25 10.47 -48.43
CA LEU A 213 -37.64 10.91 -48.43
C LEU A 213 -38.51 9.83 -49.07
N LYS A 214 -38.05 9.28 -50.18
CA LYS A 214 -38.79 8.25 -50.88
C LYS A 214 -38.99 7.03 -49.96
N PHE A 215 -37.92 6.65 -49.27
CA PHE A 215 -37.99 5.52 -48.36
C PHE A 215 -38.97 5.81 -47.22
N HIS A 216 -38.84 6.96 -46.60
CA HIS A 216 -39.71 7.33 -45.48
C HIS A 216 -41.17 7.39 -45.93
N SER A 217 -41.38 7.97 -47.11
CA SER A 217 -42.71 8.11 -47.68
C SER A 217 -43.36 6.76 -47.99
N ALA A 218 -42.61 5.86 -48.59
CA ALA A 218 -43.16 4.56 -48.94
C ALA A 218 -43.33 3.57 -47.80
N TYR A 219 -42.45 3.61 -46.80
CA TYR A 219 -42.55 2.65 -45.71
C TYR A 219 -43.03 3.12 -44.36
N TYR A 220 -42.84 4.40 -44.04
CA TYR A 220 -43.31 4.87 -42.75
C TYR A 220 -44.82 5.13 -42.82
N SER A 221 -45.56 4.04 -43.01
CA SER A 221 -47.01 4.10 -43.10
C SER A 221 -47.64 3.71 -41.77
N SER A 222 -48.74 4.36 -41.42
CA SER A 222 -49.42 4.09 -40.17
C SER A 222 -49.83 2.63 -40.01
N ASN A 223 -50.09 1.92 -41.12
CA ASN A 223 -50.51 0.53 -40.99
C ASN A 223 -49.36 -0.38 -40.54
N LEU A 224 -48.15 0.13 -40.56
CA LEU A 224 -47.01 -0.67 -40.14
C LEU A 224 -46.40 -0.08 -38.87
N MET A 225 -47.21 0.69 -38.15
CA MET A 225 -46.75 1.33 -36.94
C MET A 225 -47.48 0.92 -35.66
N ALA A 226 -46.73 0.91 -34.56
CA ALA A 226 -47.27 0.56 -33.26
C ALA A 226 -46.70 1.58 -32.30
N VAL A 227 -47.55 2.07 -31.40
CA VAL A 227 -47.11 3.08 -30.44
C VAL A 227 -47.49 2.69 -29.03
N CYS A 228 -46.69 3.11 -28.07
CA CYS A 228 -46.95 2.84 -26.65
C CYS A 228 -46.60 4.11 -25.88
N VAL A 229 -47.56 4.60 -25.09
CA VAL A 229 -47.34 5.81 -24.29
C VAL A 229 -47.63 5.55 -22.82
N LEU A 230 -46.75 6.06 -21.97
CA LEU A 230 -46.88 5.90 -20.52
C LEU A 230 -46.75 7.25 -19.83
N GLY A 231 -47.69 7.56 -18.95
CA GLY A 231 -47.64 8.83 -18.25
C GLY A 231 -48.56 8.85 -17.05
N ARG A 232 -48.59 9.96 -16.32
CA ARG A 232 -49.45 10.06 -15.14
C ARG A 232 -50.90 10.31 -15.50
N GLU A 233 -51.14 10.95 -16.65
CA GLU A 233 -52.50 11.25 -17.09
C GLU A 233 -53.37 9.99 -17.10
N SER A 234 -54.67 10.19 -17.08
CA SER A 234 -55.62 9.09 -17.10
C SER A 234 -55.63 8.47 -18.50
N LEU A 235 -56.21 7.28 -18.61
CA LEU A 235 -56.29 6.60 -19.90
C LEU A 235 -57.10 7.42 -20.91
N ASP A 236 -58.17 8.07 -20.46
CA ASP A 236 -58.98 8.90 -21.36
C ASP A 236 -58.17 10.08 -21.89
N ASP A 237 -57.43 10.74 -21.01
CA ASP A 237 -56.60 11.87 -21.44
C ASP A 237 -55.47 11.38 -22.34
N LEU A 238 -54.87 10.24 -22.01
CA LEU A 238 -53.80 9.72 -22.83
C LEU A 238 -54.36 9.35 -24.20
N THR A 239 -55.60 8.88 -24.21
CA THR A 239 -56.25 8.49 -25.46
C THR A 239 -56.42 9.72 -26.36
N ASN A 240 -56.87 10.82 -25.77
CA ASN A 240 -57.06 12.04 -26.54
C ASN A 240 -55.73 12.61 -27.02
N LEU A 241 -54.69 12.46 -26.21
CA LEU A 241 -53.38 12.98 -26.57
C LEU A 241 -52.84 12.23 -27.79
N VAL A 242 -52.87 10.90 -27.73
CA VAL A 242 -52.38 10.08 -28.82
C VAL A 242 -53.16 10.28 -30.11
N VAL A 243 -54.49 10.27 -30.01
CA VAL A 243 -55.34 10.46 -31.18
C VAL A 243 -55.02 11.80 -31.83
N LYS A 244 -54.88 12.83 -31.01
CA LYS A 244 -54.60 14.15 -31.51
C LYS A 244 -53.24 14.28 -32.23
N LEU A 245 -52.24 13.54 -31.78
CA LEU A 245 -50.91 13.62 -32.39
C LEU A 245 -50.57 12.58 -33.45
N PHE A 246 -51.26 11.44 -33.44
CA PHE A 246 -50.94 10.39 -34.40
C PHE A 246 -51.99 9.99 -35.44
N SER A 247 -53.25 10.33 -35.19
CA SER A 247 -54.30 9.97 -36.14
C SER A 247 -54.02 10.60 -37.51
N GLU A 248 -53.19 11.64 -37.53
CA GLU A 248 -52.87 12.32 -38.79
C GLU A 248 -51.78 11.63 -39.61
N VAL A 249 -51.18 10.58 -39.07
CA VAL A 249 -50.15 9.87 -39.81
C VAL A 249 -50.86 9.18 -40.98
N GLU A 250 -50.30 9.33 -42.17
CA GLU A 250 -50.91 8.74 -43.35
C GLU A 250 -50.77 7.24 -43.47
N ASN A 251 -51.80 6.59 -43.98
CA ASN A 251 -51.81 5.16 -44.17
C ASN A 251 -51.63 4.84 -45.65
N LYS A 252 -50.54 4.15 -45.97
CA LYS A 252 -50.26 3.79 -47.36
C LYS A 252 -50.64 2.34 -47.61
N ASN A 253 -51.20 1.70 -46.60
CA ASN A 253 -51.59 0.30 -46.71
C ASN A 253 -50.44 -0.49 -47.32
N VAL A 254 -49.26 -0.33 -46.74
CA VAL A 254 -48.07 -1.03 -47.22
C VAL A 254 -48.10 -2.49 -46.79
N PRO A 255 -47.78 -3.40 -47.72
CA PRO A 255 -47.77 -4.82 -47.40
C PRO A 255 -46.58 -5.13 -46.48
N LEU A 256 -46.80 -5.96 -45.48
CA LEU A 256 -45.74 -6.32 -44.54
C LEU A 256 -44.76 -7.23 -45.26
N PRO A 257 -43.49 -6.84 -45.33
CA PRO A 257 -42.48 -7.67 -46.00
C PRO A 257 -42.45 -9.09 -45.43
N GLU A 258 -42.41 -10.07 -46.32
CA GLU A 258 -42.39 -11.48 -45.93
C GLU A 258 -41.18 -12.16 -46.59
N PHE A 259 -40.59 -13.12 -45.90
CA PHE A 259 -39.42 -13.82 -46.44
C PHE A 259 -39.57 -15.33 -46.29
N PRO A 260 -40.52 -15.93 -47.01
CA PRO A 260 -40.79 -17.37 -46.97
C PRO A 260 -39.63 -18.28 -47.37
N GLU A 261 -38.84 -17.88 -48.36
CA GLU A 261 -37.70 -18.70 -48.77
C GLU A 261 -36.53 -18.48 -47.81
N HIS A 262 -36.07 -19.55 -47.21
CA HIS A 262 -34.97 -19.48 -46.27
C HIS A 262 -33.66 -19.14 -46.95
N PRO A 263 -32.91 -18.17 -46.39
CA PRO A 263 -31.62 -17.71 -46.91
C PRO A 263 -30.65 -18.88 -47.14
N PHE A 264 -30.83 -19.95 -46.40
CA PHE A 264 -29.97 -21.11 -46.58
C PHE A 264 -30.71 -22.21 -47.32
N GLN A 265 -30.31 -22.48 -48.55
CA GLN A 265 -30.92 -23.53 -49.35
C GLN A 265 -29.99 -24.74 -49.32
N GLU A 266 -30.31 -25.77 -50.08
CA GLU A 266 -29.51 -26.99 -50.11
C GLU A 266 -28.01 -26.75 -50.27
N GLU A 267 -27.62 -25.97 -51.27
CA GLU A 267 -26.21 -25.69 -51.50
C GLU A 267 -25.51 -24.98 -50.34
N HIS A 268 -26.28 -24.53 -49.36
CA HIS A 268 -25.72 -23.83 -48.21
C HIS A 268 -25.66 -24.73 -46.99
N LEU A 269 -26.11 -25.97 -47.15
CA LEU A 269 -26.11 -26.93 -46.05
C LEU A 269 -24.90 -27.84 -46.12
N LYS A 270 -24.59 -28.49 -45.00
CA LYS A 270 -23.44 -29.38 -44.90
C LYS A 270 -22.18 -28.67 -45.35
N GLN A 271 -22.04 -27.44 -44.87
CA GLN A 271 -20.90 -26.61 -45.18
C GLN A 271 -20.13 -26.32 -43.91
N LEU A 272 -18.82 -26.23 -44.06
CA LEU A 272 -17.92 -25.94 -42.96
C LEU A 272 -17.20 -24.64 -43.26
N TYR A 273 -17.13 -23.76 -42.26
CA TYR A 273 -16.45 -22.49 -42.43
C TYR A 273 -15.35 -22.35 -41.37
N LYS A 274 -14.15 -22.02 -41.85
CA LYS A 274 -12.99 -21.82 -40.99
C LYS A 274 -12.70 -20.33 -41.04
N ILE A 275 -12.81 -19.68 -39.88
CA ILE A 275 -12.67 -18.24 -39.80
C ILE A 275 -11.55 -17.74 -38.89
N VAL A 276 -10.89 -16.67 -39.32
CA VAL A 276 -9.81 -16.06 -38.54
C VAL A 276 -10.38 -14.89 -37.73
N PRO A 277 -10.32 -14.97 -36.40
CA PRO A 277 -10.85 -13.90 -35.56
C PRO A 277 -9.81 -12.79 -35.33
N ILE A 278 -10.26 -11.67 -34.79
CA ILE A 278 -9.38 -10.55 -34.48
C ILE A 278 -8.80 -10.89 -33.11
N LYS A 279 -9.67 -11.09 -32.14
CA LYS A 279 -9.23 -11.47 -30.81
C LYS A 279 -8.80 -12.94 -30.84
N ASP A 280 -8.04 -13.37 -29.83
CA ASP A 280 -7.62 -14.77 -29.78
C ASP A 280 -8.77 -15.52 -29.09
N ILE A 281 -9.74 -15.95 -29.89
CA ILE A 281 -10.90 -16.69 -29.39
C ILE A 281 -11.01 -18.00 -30.16
N ARG A 282 -11.63 -18.98 -29.52
CA ARG A 282 -11.83 -20.31 -30.08
C ARG A 282 -13.31 -20.66 -29.94
N ASN A 283 -14.02 -20.70 -31.06
CA ASN A 283 -15.44 -20.99 -31.01
C ASN A 283 -15.94 -21.91 -32.12
N LEU A 284 -17.03 -22.60 -31.82
CA LEU A 284 -17.66 -23.49 -32.76
C LEU A 284 -19.12 -23.09 -32.88
N TYR A 285 -19.57 -22.82 -34.10
CA TYR A 285 -20.95 -22.43 -34.33
C TYR A 285 -21.65 -23.47 -35.18
N VAL A 286 -22.72 -24.05 -34.63
CA VAL A 286 -23.51 -25.04 -35.35
C VAL A 286 -24.89 -24.44 -35.58
N THR A 287 -25.29 -24.37 -36.85
CA THR A 287 -26.57 -23.77 -37.23
C THR A 287 -27.46 -24.70 -38.06
N PHE A 288 -28.74 -24.68 -37.76
CA PHE A 288 -29.73 -25.47 -38.49
C PHE A 288 -30.83 -24.53 -38.99
N PRO A 289 -31.11 -24.55 -40.29
CA PRO A 289 -32.16 -23.69 -40.84
C PRO A 289 -33.51 -24.28 -40.39
N ILE A 290 -34.44 -23.43 -39.97
CA ILE A 290 -35.76 -23.90 -39.53
C ILE A 290 -36.84 -22.93 -39.96
N PRO A 291 -38.09 -23.38 -40.01
CA PRO A 291 -39.23 -22.53 -40.40
C PRO A 291 -39.46 -21.46 -39.33
N ASP A 292 -40.21 -20.42 -39.69
CA ASP A 292 -40.54 -19.37 -38.73
C ASP A 292 -41.47 -20.02 -37.70
N LEU A 293 -41.09 -19.96 -36.42
CA LEU A 293 -41.91 -20.57 -35.37
C LEU A 293 -42.69 -19.53 -34.56
N GLN A 294 -42.64 -18.28 -35.01
CA GLN A 294 -43.33 -17.21 -34.31
C GLN A 294 -44.80 -17.46 -34.00
N LYS A 295 -45.54 -18.01 -34.96
CA LYS A 295 -46.97 -18.26 -34.74
C LYS A 295 -47.27 -19.33 -33.72
N TYR A 296 -46.28 -20.13 -33.36
CA TYR A 296 -46.47 -21.18 -32.36
C TYR A 296 -46.10 -20.68 -30.98
N TYR A 297 -45.99 -19.37 -30.83
CA TYR A 297 -45.58 -18.77 -29.56
C TYR A 297 -46.35 -19.26 -28.34
N LYS A 298 -47.58 -19.75 -28.54
CA LYS A 298 -48.37 -20.25 -27.43
C LYS A 298 -47.75 -21.49 -26.78
N SER A 299 -46.91 -22.19 -27.55
CA SER A 299 -46.26 -23.39 -27.04
C SER A 299 -44.74 -23.38 -27.17
N ASN A 300 -44.21 -22.41 -27.93
CA ASN A 300 -42.78 -22.27 -28.17
C ASN A 300 -42.01 -23.59 -28.28
N PRO A 301 -42.23 -24.33 -29.36
CA PRO A 301 -41.51 -25.60 -29.50
C PRO A 301 -39.99 -25.37 -29.57
N GLY A 302 -39.58 -24.26 -30.17
CA GLY A 302 -38.17 -23.94 -30.29
C GLY A 302 -37.51 -23.69 -28.95
N HIS A 303 -38.23 -23.03 -28.04
CA HIS A 303 -37.67 -22.76 -26.72
C HIS A 303 -37.61 -24.03 -25.88
N TYR A 304 -38.53 -24.96 -26.15
CA TYR A 304 -38.55 -26.23 -25.43
C TYR A 304 -37.24 -26.97 -25.74
N LEU A 305 -36.90 -27.05 -27.03
CA LEU A 305 -35.68 -27.75 -27.45
C LEU A 305 -34.42 -27.00 -27.00
N GLY A 306 -34.50 -25.68 -26.93
CA GLY A 306 -33.36 -24.90 -26.49
C GLY A 306 -33.16 -25.12 -25.00
N HIS A 307 -34.26 -25.17 -24.26
CA HIS A 307 -34.22 -25.39 -22.82
C HIS A 307 -33.47 -26.69 -22.50
N LEU A 308 -33.78 -27.74 -23.25
CA LEU A 308 -33.16 -29.03 -23.05
C LEU A 308 -31.73 -29.08 -23.59
N ILE A 309 -31.55 -28.66 -24.83
CA ILE A 309 -30.23 -28.68 -25.45
C ILE A 309 -29.23 -27.74 -24.76
N GLY A 310 -29.71 -26.57 -24.34
CA GLY A 310 -28.83 -25.62 -23.67
C GLY A 310 -28.77 -25.75 -22.16
N HIS A 311 -29.43 -26.77 -21.60
CA HIS A 311 -29.42 -26.97 -20.16
C HIS A 311 -27.99 -27.22 -19.69
N GLU A 312 -27.70 -26.80 -18.46
CA GLU A 312 -26.35 -26.98 -17.93
C GLU A 312 -26.31 -27.83 -16.67
N GLY A 313 -27.42 -28.46 -16.31
CA GLY A 313 -27.45 -29.29 -15.13
C GLY A 313 -26.83 -30.65 -15.39
N PRO A 314 -26.83 -31.55 -14.40
CA PRO A 314 -26.24 -32.88 -14.58
C PRO A 314 -26.92 -33.62 -15.73
N GLY A 315 -26.14 -34.39 -16.47
CA GLY A 315 -26.69 -35.16 -17.58
C GLY A 315 -26.79 -34.39 -18.87
N SER A 316 -26.54 -33.08 -18.79
CA SER A 316 -26.63 -32.23 -19.98
C SER A 316 -25.47 -32.41 -20.97
N LEU A 317 -25.68 -31.92 -22.18
CA LEU A 317 -24.67 -31.95 -23.22
C LEU A 317 -23.46 -31.15 -22.77
N LEU A 318 -23.70 -30.00 -22.15
CA LEU A 318 -22.61 -29.15 -21.67
C LEU A 318 -21.74 -29.91 -20.67
N SER A 319 -22.36 -30.50 -19.66
CA SER A 319 -21.64 -31.24 -18.63
C SER A 319 -20.65 -32.25 -19.20
N GLU A 320 -21.07 -32.99 -20.23
CA GLU A 320 -20.18 -33.96 -20.82
C GLU A 320 -19.08 -33.32 -21.65
N LEU A 321 -19.42 -32.28 -22.41
CA LEU A 321 -18.42 -31.61 -23.24
C LEU A 321 -17.38 -30.96 -22.36
N LYS A 322 -17.79 -30.52 -21.18
CA LYS A 322 -16.87 -29.88 -20.27
C LYS A 322 -16.00 -30.94 -19.58
N SER A 323 -16.60 -32.05 -19.18
CA SER A 323 -15.86 -33.13 -18.53
C SER A 323 -14.74 -33.65 -19.41
N LYS A 324 -15.00 -33.72 -20.71
CA LYS A 324 -14.00 -34.20 -21.63
C LYS A 324 -12.94 -33.13 -21.86
N GLY A 325 -13.17 -31.96 -21.27
CA GLY A 325 -12.23 -30.85 -21.41
C GLY A 325 -12.24 -30.27 -22.80
N TRP A 326 -13.40 -30.20 -23.44
CA TRP A 326 -13.51 -29.66 -24.79
C TRP A 326 -14.14 -28.27 -24.89
N VAL A 327 -15.06 -27.96 -23.99
CA VAL A 327 -15.74 -26.66 -24.01
C VAL A 327 -15.98 -26.16 -22.60
N ASN A 328 -16.21 -24.87 -22.47
CA ASN A 328 -16.48 -24.27 -21.17
C ASN A 328 -17.90 -23.72 -21.10
N THR A 329 -18.39 -23.20 -22.22
CA THR A 329 -19.73 -22.64 -22.25
C THR A 329 -20.52 -23.12 -23.45
N LEU A 330 -21.85 -23.03 -23.36
CA LEU A 330 -22.71 -23.47 -24.46
C LEU A 330 -24.03 -22.73 -24.49
N VAL A 331 -24.48 -22.38 -25.68
CA VAL A 331 -25.78 -21.76 -25.78
C VAL A 331 -26.51 -22.46 -26.90
N GLY A 332 -27.78 -22.77 -26.65
CA GLY A 332 -28.57 -23.44 -27.65
C GLY A 332 -29.98 -22.87 -27.68
N GLY A 333 -30.69 -23.13 -28.77
CA GLY A 333 -32.05 -22.66 -28.90
C GLY A 333 -32.31 -22.02 -30.25
N GLN A 334 -33.47 -21.39 -30.39
CA GLN A 334 -33.82 -20.77 -31.65
C GLN A 334 -33.25 -19.36 -31.75
N LYS A 335 -33.02 -18.93 -32.98
CA LYS A 335 -32.48 -17.62 -33.23
C LYS A 335 -33.36 -16.96 -34.29
N GLU A 336 -33.77 -15.72 -34.03
CA GLU A 336 -34.63 -14.99 -34.95
C GLU A 336 -33.97 -14.82 -36.31
N GLY A 337 -34.82 -14.73 -37.33
CA GLY A 337 -34.35 -14.50 -38.69
C GLY A 337 -35.16 -13.31 -39.15
N ALA A 338 -36.39 -13.58 -39.56
CA ALA A 338 -37.33 -12.56 -40.01
C ALA A 338 -38.62 -13.30 -40.39
N ARG A 339 -39.68 -12.54 -40.69
CA ARG A 339 -40.96 -13.13 -41.07
C ARG A 339 -40.74 -14.16 -42.17
N GLY A 340 -40.88 -15.44 -41.83
CA GLY A 340 -40.69 -16.47 -42.82
C GLY A 340 -39.53 -17.41 -42.59
N PHE A 341 -38.56 -17.02 -41.75
CA PHE A 341 -37.42 -17.90 -41.49
C PHE A 341 -36.69 -17.66 -40.18
N MET A 342 -36.24 -18.75 -39.56
CA MET A 342 -35.50 -18.71 -38.30
C MET A 342 -34.34 -19.69 -38.34
N PHE A 343 -33.56 -19.72 -37.27
CA PHE A 343 -32.44 -20.63 -37.18
C PHE A 343 -32.47 -21.31 -35.82
N PHE A 344 -31.75 -22.42 -35.71
CA PHE A 344 -31.63 -23.10 -34.44
C PHE A 344 -30.13 -23.27 -34.27
N ILE A 345 -29.60 -22.81 -33.16
CA ILE A 345 -28.17 -22.88 -32.95
C ILE A 345 -27.69 -23.62 -31.70
N ILE A 346 -26.44 -24.05 -31.77
CA ILE A 346 -25.76 -24.72 -30.68
C ILE A 346 -24.34 -24.20 -30.81
N ASN A 347 -23.99 -23.24 -29.96
CA ASN A 347 -22.66 -22.64 -30.01
C ASN A 347 -21.89 -22.91 -28.73
N VAL A 348 -20.59 -23.13 -28.87
CA VAL A 348 -19.74 -23.37 -27.72
C VAL A 348 -18.37 -22.74 -27.91
N ASP A 349 -17.67 -22.48 -26.81
CA ASP A 349 -16.32 -21.94 -26.93
C ASP A 349 -15.48 -23.22 -26.97
N LEU A 350 -14.23 -23.13 -27.39
CA LEU A 350 -13.39 -24.33 -27.46
C LEU A 350 -12.08 -24.21 -26.67
N THR A 351 -11.70 -25.30 -26.01
CA THR A 351 -10.46 -25.33 -25.28
C THR A 351 -9.44 -25.72 -26.35
N GLU A 352 -8.16 -25.74 -26.00
CA GLU A 352 -7.15 -26.10 -26.98
C GLU A 352 -7.45 -27.51 -27.51
N GLU A 353 -7.84 -28.40 -26.61
CA GLU A 353 -8.17 -29.78 -27.01
C GLU A 353 -9.51 -29.85 -27.75
N GLY A 354 -10.46 -29.00 -27.36
CA GLY A 354 -11.75 -28.99 -28.02
C GLY A 354 -11.62 -28.64 -29.49
N LEU A 355 -10.65 -27.79 -29.82
CA LEU A 355 -10.44 -27.38 -31.20
C LEU A 355 -9.96 -28.56 -32.05
N LEU A 356 -9.32 -29.53 -31.41
CA LEU A 356 -8.80 -30.71 -32.11
C LEU A 356 -9.85 -31.81 -32.18
N HIS A 357 -10.94 -31.64 -31.45
CA HIS A 357 -12.00 -32.65 -31.45
C HIS A 357 -13.37 -32.11 -31.87
N VAL A 358 -13.39 -31.19 -32.84
CA VAL A 358 -14.65 -30.61 -33.30
C VAL A 358 -15.63 -31.67 -33.82
N GLU A 359 -15.11 -32.61 -34.61
CA GLU A 359 -15.96 -33.66 -35.16
C GLU A 359 -16.62 -34.44 -34.01
N ASP A 360 -15.84 -34.76 -32.98
CA ASP A 360 -16.41 -35.49 -31.84
C ASP A 360 -17.45 -34.67 -31.08
N ILE A 361 -17.17 -33.38 -30.90
CA ILE A 361 -18.09 -32.51 -30.20
C ILE A 361 -19.44 -32.51 -30.91
N ILE A 362 -19.42 -32.35 -32.22
CA ILE A 362 -20.64 -32.35 -33.00
C ILE A 362 -21.34 -33.72 -32.88
N LEU A 363 -20.56 -34.79 -32.86
CA LEU A 363 -21.15 -36.12 -32.69
C LEU A 363 -21.92 -36.18 -31.39
N HIS A 364 -21.33 -35.66 -30.32
CA HIS A 364 -21.98 -35.65 -29.01
C HIS A 364 -23.26 -34.82 -29.09
N MET A 365 -23.19 -33.74 -29.84
CA MET A 365 -24.35 -32.88 -30.02
C MET A 365 -25.49 -33.70 -30.61
N PHE A 366 -25.19 -34.48 -31.65
CA PHE A 366 -26.22 -35.29 -32.26
C PHE A 366 -26.66 -36.47 -31.39
N GLN A 367 -25.78 -36.94 -30.50
CA GLN A 367 -26.15 -38.03 -29.61
C GLN A 367 -27.17 -37.51 -28.61
N TYR A 368 -26.98 -36.28 -28.14
CA TYR A 368 -27.93 -35.71 -27.19
C TYR A 368 -29.27 -35.54 -27.88
N ILE A 369 -29.23 -35.01 -29.11
CA ILE A 369 -30.44 -34.80 -29.88
C ILE A 369 -31.15 -36.12 -30.12
N GLN A 370 -30.36 -37.19 -30.31
CA GLN A 370 -30.92 -38.52 -30.53
C GLN A 370 -31.57 -39.00 -29.24
N LYS A 371 -31.02 -38.59 -28.11
CA LYS A 371 -31.58 -38.96 -26.81
C LYS A 371 -32.97 -38.32 -26.66
N LEU A 372 -33.12 -37.08 -27.14
CA LEU A 372 -34.41 -36.40 -27.07
C LEU A 372 -35.43 -37.13 -27.95
N ARG A 373 -35.01 -37.53 -29.14
CA ARG A 373 -35.90 -38.25 -30.05
C ARG A 373 -36.37 -39.55 -29.40
N ALA A 374 -35.44 -40.29 -28.80
CA ALA A 374 -35.74 -41.57 -28.16
C ALA A 374 -36.68 -41.44 -26.96
N GLU A 375 -36.52 -40.37 -26.18
CA GLU A 375 -37.37 -40.18 -25.02
C GLU A 375 -38.69 -39.52 -25.41
N GLY A 376 -38.71 -38.85 -26.56
CA GLY A 376 -39.90 -38.16 -27.00
C GLY A 376 -40.18 -36.94 -26.14
N PRO A 377 -40.99 -35.99 -26.61
CA PRO A 377 -41.31 -34.77 -25.85
C PRO A 377 -41.77 -35.06 -24.43
N GLN A 378 -41.23 -34.31 -23.49
CA GLN A 378 -41.48 -34.45 -22.06
C GLN A 378 -42.42 -33.35 -21.54
N GLU A 379 -43.66 -33.72 -21.26
CA GLU A 379 -44.63 -32.74 -20.79
C GLU A 379 -44.34 -32.15 -19.42
N TRP A 380 -43.80 -32.95 -18.50
CA TRP A 380 -43.50 -32.39 -17.18
C TRP A 380 -42.50 -31.24 -17.30
N VAL A 381 -41.64 -31.31 -18.30
CA VAL A 381 -40.64 -30.26 -18.52
C VAL A 381 -41.37 -28.98 -18.91
N PHE A 382 -42.23 -29.11 -19.91
CA PHE A 382 -43.03 -27.97 -20.38
C PHE A 382 -43.82 -27.36 -19.23
N GLN A 383 -44.46 -28.22 -18.44
CA GLN A 383 -45.27 -27.78 -17.31
C GLN A 383 -44.43 -27.06 -16.26
N GLU A 384 -43.24 -27.57 -15.99
CA GLU A 384 -42.36 -26.95 -15.00
C GLU A 384 -42.06 -25.52 -15.43
N CYS A 385 -41.71 -25.34 -16.71
CA CYS A 385 -41.41 -24.00 -17.22
C CYS A 385 -42.66 -23.13 -17.21
N LYS A 386 -43.79 -23.70 -17.62
CA LYS A 386 -45.04 -22.96 -17.64
C LYS A 386 -45.37 -22.37 -16.27
N ASP A 387 -45.33 -23.21 -15.23
CA ASP A 387 -45.61 -22.75 -13.88
C ASP A 387 -44.58 -21.73 -13.40
N LEU A 388 -43.33 -21.91 -13.81
CA LEU A 388 -42.27 -20.97 -13.43
C LEU A 388 -42.53 -19.62 -14.09
N ASN A 389 -42.89 -19.63 -15.37
CA ASN A 389 -43.16 -18.39 -16.10
C ASN A 389 -44.37 -17.68 -15.48
N ALA A 390 -45.32 -18.47 -14.99
CA ALA A 390 -46.51 -17.90 -14.37
C ALA A 390 -46.10 -17.16 -13.10
N VAL A 391 -45.22 -17.78 -12.32
CA VAL A 391 -44.73 -17.17 -11.08
C VAL A 391 -43.95 -15.91 -11.41
N ALA A 392 -43.07 -16.01 -12.40
CA ALA A 392 -42.26 -14.86 -12.81
C ALA A 392 -43.12 -13.69 -13.29
N PHE A 393 -44.13 -13.98 -14.10
CA PHE A 393 -44.99 -12.91 -14.61
C PHE A 393 -45.73 -12.23 -13.46
N ARG A 394 -46.22 -13.03 -12.53
CA ARG A 394 -46.95 -12.50 -11.39
C ARG A 394 -46.11 -11.56 -10.53
N PHE A 395 -44.90 -11.99 -10.18
CA PHE A 395 -44.03 -11.19 -9.32
C PHE A 395 -42.98 -10.41 -10.09
N LYS A 396 -43.27 -10.10 -11.35
CA LYS A 396 -42.37 -9.37 -12.23
C LYS A 396 -42.02 -7.99 -11.67
N ASP A 397 -40.74 -7.62 -11.69
CA ASP A 397 -40.36 -6.31 -11.19
C ASP A 397 -40.95 -5.23 -12.10
N LYS A 398 -41.22 -4.07 -11.52
CA LYS A 398 -41.74 -2.95 -12.30
C LYS A 398 -40.62 -2.44 -13.19
N GLU A 399 -40.90 -2.35 -14.48
CA GLU A 399 -39.93 -1.91 -15.48
C GLU A 399 -39.77 -0.39 -15.55
N ARG A 400 -38.63 0.04 -16.09
CA ARG A 400 -38.41 1.48 -16.29
C ARG A 400 -39.23 1.86 -17.51
N PRO A 401 -39.90 3.02 -17.47
CA PRO A 401 -40.73 3.53 -18.56
C PRO A 401 -40.16 3.47 -19.97
N ARG A 402 -39.01 4.10 -20.18
CA ARG A 402 -38.40 4.12 -21.51
C ARG A 402 -38.25 2.74 -22.16
N GLY A 403 -37.58 1.83 -21.47
CA GLY A 403 -37.39 0.50 -22.04
C GLY A 403 -38.70 -0.25 -22.17
N TYR A 404 -39.61 0.00 -21.25
CA TYR A 404 -40.91 -0.67 -21.25
C TYR A 404 -41.73 -0.29 -22.49
N THR A 405 -41.84 1.01 -22.77
CA THR A 405 -42.59 1.46 -23.94
C THR A 405 -41.95 0.98 -25.24
N SER A 406 -40.63 1.06 -25.32
CA SER A 406 -39.92 0.62 -26.52
C SER A 406 -40.20 -0.84 -26.83
N LYS A 407 -40.12 -1.67 -25.80
CA LYS A 407 -40.35 -3.11 -25.94
C LYS A 407 -41.79 -3.39 -26.37
N ILE A 408 -42.75 -2.76 -25.67
CA ILE A 408 -44.15 -2.95 -25.99
C ILE A 408 -44.49 -2.51 -27.41
N ALA A 409 -43.93 -1.37 -27.83
CA ALA A 409 -44.17 -0.87 -29.19
C ALA A 409 -43.74 -1.91 -30.22
N GLY A 410 -42.70 -2.67 -29.89
CA GLY A 410 -42.22 -3.69 -30.81
C GLY A 410 -43.10 -4.91 -30.86
N ILE A 411 -43.55 -5.41 -29.70
CA ILE A 411 -44.37 -6.61 -29.75
C ILE A 411 -45.85 -6.41 -30.09
N LEU A 412 -46.29 -5.16 -30.19
CA LEU A 412 -47.69 -4.90 -30.55
C LEU A 412 -47.88 -5.37 -31.99
N HIS A 413 -46.77 -5.64 -32.69
CA HIS A 413 -46.80 -6.11 -34.06
C HIS A 413 -47.01 -7.62 -34.17
N TYR A 414 -46.79 -8.35 -33.08
CA TYR A 414 -46.94 -9.80 -33.13
C TYR A 414 -48.07 -10.40 -32.31
N TYR A 415 -48.67 -9.63 -31.41
CA TYR A 415 -49.73 -10.17 -30.55
C TYR A 415 -50.94 -9.25 -30.44
N PRO A 416 -52.13 -9.82 -30.23
CA PRO A 416 -53.36 -9.04 -30.08
C PRO A 416 -53.20 -8.06 -28.92
N LEU A 417 -53.89 -6.93 -28.98
CA LEU A 417 -53.83 -5.91 -27.95
C LEU A 417 -53.92 -6.47 -26.53
N GLU A 418 -54.91 -7.32 -26.29
CA GLU A 418 -55.15 -7.90 -24.98
C GLU A 418 -54.06 -8.83 -24.48
N GLU A 419 -53.30 -9.40 -25.41
CA GLU A 419 -52.21 -10.30 -25.04
C GLU A 419 -50.80 -9.72 -24.97
N VAL A 420 -50.60 -8.45 -25.34
CA VAL A 420 -49.23 -7.93 -25.37
C VAL A 420 -48.38 -8.07 -24.10
N LEU A 421 -49.01 -7.92 -22.93
CA LEU A 421 -48.26 -8.01 -21.70
C LEU A 421 -47.91 -9.44 -21.31
N THR A 422 -48.76 -10.39 -21.67
CA THR A 422 -48.52 -11.78 -21.31
C THR A 422 -47.89 -12.61 -22.41
N ALA A 423 -48.09 -12.18 -23.66
CA ALA A 423 -47.59 -12.88 -24.84
C ALA A 423 -46.28 -13.64 -24.69
N GLU A 424 -45.17 -12.92 -24.55
CA GLU A 424 -43.86 -13.54 -24.45
C GLU A 424 -43.47 -13.98 -23.04
N TYR A 425 -44.47 -14.31 -22.24
CA TYR A 425 -44.22 -14.72 -20.87
C TYR A 425 -44.86 -16.05 -20.51
N LEU A 426 -46.17 -16.12 -20.66
CA LEU A 426 -46.91 -17.31 -20.30
C LEU A 426 -46.98 -18.36 -21.40
N LEU A 427 -46.83 -19.62 -21.00
CA LEU A 427 -46.90 -20.76 -21.90
C LEU A 427 -48.32 -21.28 -21.77
N GLU A 428 -48.87 -21.86 -22.84
CA GLU A 428 -50.24 -22.35 -22.75
C GLU A 428 -50.39 -23.85 -22.94
N GLU A 429 -50.39 -24.31 -24.19
CA GLU A 429 -50.57 -25.72 -24.45
C GLU A 429 -49.31 -26.45 -24.88
N PHE A 430 -49.20 -27.69 -24.45
CA PHE A 430 -48.07 -28.53 -24.79
C PHE A 430 -48.34 -29.10 -26.19
N ARG A 431 -47.45 -28.85 -27.13
CA ARG A 431 -47.65 -29.35 -28.49
C ARG A 431 -46.53 -30.27 -28.91
N PRO A 432 -46.59 -31.54 -28.48
CA PRO A 432 -45.54 -32.50 -28.83
C PRO A 432 -45.30 -32.63 -30.33
N ASP A 433 -46.36 -32.44 -31.13
CA ASP A 433 -46.24 -32.55 -32.59
C ASP A 433 -45.34 -31.46 -33.18
N LEU A 434 -45.45 -30.24 -32.65
CA LEU A 434 -44.63 -29.14 -33.15
C LEU A 434 -43.17 -29.35 -32.72
N ILE A 435 -42.99 -29.90 -31.52
CA ILE A 435 -41.66 -30.17 -31.00
C ILE A 435 -40.97 -31.20 -31.91
N GLU A 436 -41.69 -32.26 -32.27
CA GLU A 436 -41.14 -33.29 -33.13
C GLU A 436 -40.82 -32.70 -34.50
N MET A 437 -41.63 -31.74 -34.93
CA MET A 437 -41.45 -31.07 -36.21
C MET A 437 -40.13 -30.30 -36.25
N VAL A 438 -39.83 -29.57 -35.18
CA VAL A 438 -38.58 -28.81 -35.12
C VAL A 438 -37.39 -29.76 -34.97
N LEU A 439 -37.54 -30.73 -34.06
CA LEU A 439 -36.50 -31.71 -33.78
C LEU A 439 -36.11 -32.45 -35.04
N ASP A 440 -37.09 -32.63 -35.93
CA ASP A 440 -36.85 -33.32 -37.19
C ASP A 440 -35.97 -32.50 -38.14
N LYS A 441 -35.77 -31.23 -37.81
CA LYS A 441 -34.94 -30.34 -38.61
C LYS A 441 -33.48 -30.34 -38.12
N LEU A 442 -33.27 -30.80 -36.89
CA LEU A 442 -31.93 -30.82 -36.32
C LEU A 442 -31.19 -32.10 -36.69
N ARG A 443 -30.82 -32.21 -37.96
CA ARG A 443 -30.13 -33.38 -38.47
C ARG A 443 -28.86 -32.99 -39.23
N PRO A 444 -27.89 -33.91 -39.32
CA PRO A 444 -26.62 -33.67 -40.01
C PRO A 444 -26.77 -33.13 -41.43
N GLU A 445 -27.70 -33.68 -42.19
CA GLU A 445 -27.89 -33.21 -43.56
C GLU A 445 -28.28 -31.75 -43.73
N ASN A 446 -28.73 -31.08 -42.67
CA ASN A 446 -29.06 -29.67 -42.84
C ASN A 446 -28.29 -28.78 -41.84
N VAL A 447 -27.09 -29.24 -41.49
CA VAL A 447 -26.25 -28.51 -40.55
C VAL A 447 -25.22 -27.62 -41.25
N ARG A 448 -24.86 -26.53 -40.56
CA ARG A 448 -23.85 -25.61 -41.04
C ARG A 448 -22.90 -25.48 -39.86
N VAL A 449 -21.61 -25.60 -40.13
CA VAL A 449 -20.59 -25.53 -39.08
C VAL A 449 -19.55 -24.47 -39.37
N ALA A 450 -19.26 -23.65 -38.36
CA ALA A 450 -18.26 -22.60 -38.49
C ALA A 450 -17.32 -22.68 -37.29
N ILE A 451 -16.03 -22.64 -37.57
CA ILE A 451 -15.02 -22.73 -36.52
C ILE A 451 -14.20 -21.44 -36.56
N VAL A 452 -14.07 -20.79 -35.41
CA VAL A 452 -13.31 -19.56 -35.35
C VAL A 452 -12.02 -19.80 -34.53
N SER A 453 -10.88 -19.49 -35.14
CA SER A 453 -9.60 -19.72 -34.49
C SER A 453 -8.43 -19.07 -35.24
N LYS A 454 -7.48 -18.54 -34.48
CA LYS A 454 -6.29 -17.90 -35.04
C LYS A 454 -5.44 -18.92 -35.77
N SER A 455 -5.67 -20.19 -35.47
CA SER A 455 -4.92 -21.27 -36.09
C SER A 455 -5.18 -21.35 -37.58
N PHE A 456 -6.20 -20.67 -38.06
CA PHE A 456 -6.52 -20.68 -39.49
C PHE A 456 -5.85 -19.53 -40.24
N GLU A 457 -5.13 -18.68 -39.53
CA GLU A 457 -4.49 -17.56 -40.17
C GLU A 457 -3.48 -18.05 -41.23
N GLY A 458 -3.53 -17.42 -42.40
CA GLY A 458 -2.63 -17.80 -43.47
C GLY A 458 -3.10 -19.07 -44.16
N LYS A 459 -4.26 -19.59 -43.73
CA LYS A 459 -4.80 -20.80 -44.32
C LYS A 459 -6.18 -20.61 -44.95
N THR A 460 -6.60 -19.36 -45.08
CA THR A 460 -7.90 -19.04 -45.66
C THR A 460 -7.74 -18.52 -47.07
N ASP A 461 -8.79 -18.60 -47.88
CA ASP A 461 -8.70 -18.14 -49.26
C ASP A 461 -9.83 -17.21 -49.69
N ARG A 462 -10.67 -16.79 -48.75
CA ARG A 462 -11.77 -15.89 -49.09
C ARG A 462 -11.80 -14.69 -48.15
N THR A 463 -12.38 -13.60 -48.61
CA THR A 463 -12.46 -12.38 -47.82
C THR A 463 -13.87 -11.81 -47.90
N GLU A 464 -14.49 -11.55 -46.75
CA GLU A 464 -15.84 -10.97 -46.73
C GLU A 464 -15.67 -9.49 -47.10
N GLU A 465 -16.37 -9.06 -48.13
CA GLU A 465 -16.25 -7.69 -48.63
C GLU A 465 -16.45 -6.52 -47.66
N TRP A 466 -17.47 -6.59 -46.81
CA TRP A 466 -17.75 -5.47 -45.89
C TRP A 466 -16.85 -5.31 -44.67
N TYR A 467 -16.38 -6.41 -44.10
CA TYR A 467 -15.53 -6.33 -42.93
C TYR A 467 -14.11 -6.82 -43.22
N GLY A 468 -13.93 -7.55 -44.30
CA GLY A 468 -12.62 -8.05 -44.67
C GLY A 468 -12.28 -9.36 -43.98
N THR A 469 -13.27 -9.98 -43.33
CA THR A 469 -13.06 -11.23 -42.62
C THR A 469 -12.40 -12.30 -43.48
N GLN A 470 -11.31 -12.88 -42.98
CA GLN A 470 -10.58 -13.94 -43.69
C GLN A 470 -11.19 -15.27 -43.30
N TYR A 471 -11.56 -16.06 -44.30
CA TYR A 471 -12.13 -17.35 -43.97
C TYR A 471 -12.03 -18.31 -45.12
N LYS A 472 -12.50 -19.51 -44.87
CA LYS A 472 -12.45 -20.53 -45.88
C LYS A 472 -13.70 -21.40 -45.80
N GLN A 473 -14.20 -21.80 -46.97
CA GLN A 473 -15.38 -22.61 -47.04
C GLN A 473 -15.12 -24.00 -47.62
N GLU A 474 -15.65 -25.02 -46.97
CA GLU A 474 -15.49 -26.40 -47.42
C GLU A 474 -16.78 -27.18 -47.21
N ALA A 475 -17.01 -28.18 -48.05
CA ALA A 475 -18.20 -29.01 -47.90
C ALA A 475 -17.81 -30.06 -46.87
N ILE A 476 -18.74 -30.45 -46.01
CA ILE A 476 -18.45 -31.47 -45.01
C ILE A 476 -18.46 -32.83 -45.71
N PRO A 477 -17.39 -33.64 -45.50
CA PRO A 477 -17.32 -34.97 -46.14
C PRO A 477 -18.55 -35.82 -45.81
N ASP A 478 -19.07 -36.49 -46.84
CA ASP A 478 -20.23 -37.34 -46.68
C ASP A 478 -20.03 -38.40 -45.61
N GLU A 479 -18.79 -38.85 -45.43
CA GLU A 479 -18.51 -39.86 -44.42
C GLU A 479 -18.63 -39.26 -43.03
N VAL A 480 -18.44 -37.95 -42.93
CA VAL A 480 -18.57 -37.28 -41.63
C VAL A 480 -20.06 -37.11 -41.34
N ILE A 481 -20.82 -36.66 -42.33
CA ILE A 481 -22.26 -36.47 -42.19
C ILE A 481 -22.90 -37.80 -41.81
N LYS A 482 -22.52 -38.84 -42.53
CA LYS A 482 -23.08 -40.17 -42.29
C LYS A 482 -22.78 -40.69 -40.87
N LYS A 483 -21.59 -40.41 -40.36
CA LYS A 483 -21.27 -40.85 -39.00
C LYS A 483 -22.12 -40.09 -37.99
N TRP A 484 -22.39 -38.82 -38.28
CA TRP A 484 -23.22 -38.03 -37.38
C TRP A 484 -24.66 -38.52 -37.43
N GLN A 485 -25.12 -38.92 -38.62
CA GLN A 485 -26.48 -39.42 -38.80
C GLN A 485 -26.68 -40.70 -38.01
N ASN A 486 -25.60 -41.46 -37.82
CA ASN A 486 -25.67 -42.71 -37.08
C ASN A 486 -25.41 -42.53 -35.60
N ALA A 487 -25.54 -41.29 -35.12
CA ALA A 487 -25.31 -41.00 -33.71
C ALA A 487 -26.24 -41.86 -32.85
N ASP A 488 -25.65 -42.73 -32.05
CA ASP A 488 -26.43 -43.59 -31.17
C ASP A 488 -26.55 -42.93 -29.80
N LEU A 489 -27.12 -43.64 -28.84
CA LEU A 489 -27.29 -43.09 -27.49
C LEU A 489 -26.04 -43.18 -26.63
N ASN A 490 -25.77 -42.10 -25.91
CA ASN A 490 -24.63 -41.99 -25.02
C ASN A 490 -25.14 -42.05 -23.59
N GLY A 491 -24.69 -43.05 -22.84
CA GLY A 491 -25.12 -43.21 -21.47
C GLY A 491 -24.91 -42.00 -20.57
N LYS A 492 -24.04 -41.08 -20.99
CA LYS A 492 -23.75 -39.88 -20.21
C LYS A 492 -24.84 -38.81 -20.31
N PHE A 493 -25.70 -38.90 -21.32
CA PHE A 493 -26.75 -37.91 -21.51
C PHE A 493 -28.10 -38.31 -20.90
N LYS A 494 -28.61 -37.45 -20.02
CA LYS A 494 -29.88 -37.68 -19.35
C LYS A 494 -30.71 -36.41 -19.38
N LEU A 495 -32.02 -36.57 -19.22
CA LEU A 495 -32.91 -35.43 -19.20
C LEU A 495 -32.71 -34.78 -17.84
N PRO A 496 -33.00 -33.47 -17.74
CA PRO A 496 -32.82 -32.79 -16.46
C PRO A 496 -33.73 -33.44 -15.42
N THR A 497 -33.33 -33.33 -14.15
CA THR A 497 -34.13 -33.86 -13.07
C THR A 497 -35.06 -32.74 -12.63
N LYS A 498 -36.08 -33.06 -11.85
CA LYS A 498 -37.02 -32.06 -11.38
C LYS A 498 -36.28 -30.93 -10.68
N ASN A 499 -36.59 -29.69 -11.04
CA ASN A 499 -35.92 -28.53 -10.43
C ASN A 499 -36.36 -28.39 -8.98
N GLU A 500 -35.42 -28.47 -8.05
CA GLU A 500 -35.76 -28.39 -6.63
C GLU A 500 -35.64 -26.96 -6.09
N PHE A 501 -35.27 -26.02 -6.95
CA PHE A 501 -35.14 -24.65 -6.47
C PHE A 501 -36.41 -23.84 -6.68
N ILE A 502 -37.42 -24.45 -7.30
CA ILE A 502 -38.68 -23.74 -7.54
C ILE A 502 -39.19 -23.21 -6.22
N PRO A 503 -39.48 -21.90 -6.16
CA PRO A 503 -39.98 -21.27 -4.94
C PRO A 503 -41.44 -21.63 -4.67
N THR A 504 -41.80 -21.79 -3.40
CA THR A 504 -43.16 -22.11 -3.02
C THR A 504 -43.71 -21.14 -1.97
N ASN A 505 -42.82 -20.56 -1.18
CA ASN A 505 -43.25 -19.61 -0.15
C ASN A 505 -43.18 -18.17 -0.66
N PHE A 506 -44.32 -17.56 -0.90
CA PHE A 506 -44.34 -16.19 -1.40
C PHE A 506 -44.98 -15.21 -0.44
N GLU A 507 -45.04 -15.56 0.84
CA GLU A 507 -45.65 -14.66 1.79
C GLU A 507 -44.80 -13.41 2.03
N ILE A 508 -45.48 -12.27 2.08
CA ILE A 508 -44.82 -11.01 2.32
C ILE A 508 -44.91 -10.78 3.83
N LEU A 509 -43.78 -10.89 4.51
CA LEU A 509 -43.74 -10.68 5.95
C LEU A 509 -44.22 -9.27 6.25
N PRO A 510 -45.07 -9.12 7.28
CA PRO A 510 -45.58 -7.80 7.65
C PRO A 510 -44.46 -6.86 8.10
N LEU A 511 -44.59 -5.60 7.73
CA LEU A 511 -43.61 -4.58 8.08
C LEU A 511 -43.43 -4.53 9.60
N GLU A 512 -42.19 -4.61 10.06
CA GLU A 512 -41.90 -4.58 11.49
C GLU A 512 -42.17 -3.22 12.09
N LYS A 513 -42.50 -3.20 13.38
CA LYS A 513 -42.79 -1.93 14.03
C LYS A 513 -41.60 -0.98 14.06
N GLU A 514 -40.38 -1.52 14.10
CA GLU A 514 -39.20 -0.66 14.11
C GLU A 514 -38.52 -0.57 12.74
N ALA A 515 -39.27 -0.91 11.69
CA ALA A 515 -38.73 -0.84 10.33
C ALA A 515 -38.27 0.58 10.03
N THR A 516 -37.20 0.70 9.25
CA THR A 516 -36.65 2.00 8.89
C THR A 516 -36.75 2.26 7.39
N PRO A 517 -36.89 3.54 6.99
CA PRO A 517 -36.99 3.90 5.57
C PRO A 517 -35.67 3.71 4.82
N TYR A 518 -34.57 3.80 5.55
CA TYR A 518 -33.24 3.61 4.96
C TYR A 518 -32.57 2.45 5.67
N PRO A 519 -31.47 1.93 5.10
CA PRO A 519 -30.79 0.81 5.75
C PRO A 519 -30.28 1.20 7.14
N ALA A 520 -30.41 0.26 8.07
CA ALA A 520 -29.97 0.50 9.44
C ALA A 520 -28.85 -0.47 9.79
N LEU A 521 -27.88 0.01 10.54
CA LEU A 521 -26.76 -0.80 10.99
C LEU A 521 -27.24 -1.63 12.17
N ILE A 522 -27.56 -2.89 11.94
CA ILE A 522 -28.05 -3.74 13.02
C ILE A 522 -26.99 -4.63 13.65
N LYS A 523 -25.80 -4.61 13.06
CA LYS A 523 -24.68 -5.38 13.59
C LYS A 523 -23.42 -4.61 13.25
N ASP A 524 -22.53 -4.46 14.23
CA ASP A 524 -21.30 -3.72 14.02
C ASP A 524 -20.16 -4.28 14.86
N THR A 525 -19.59 -5.38 14.39
CA THR A 525 -18.49 -6.04 15.09
C THR A 525 -17.24 -6.02 14.20
N ALA A 526 -16.13 -6.53 14.72
CA ALA A 526 -14.91 -6.55 13.95
C ALA A 526 -15.04 -7.52 12.79
N MET A 527 -15.73 -8.64 13.04
CA MET A 527 -15.93 -9.65 12.01
C MET A 527 -16.85 -9.15 10.89
N SER A 528 -17.91 -8.43 11.25
CA SER A 528 -18.82 -7.96 10.25
C SER A 528 -19.67 -6.74 10.60
N LYS A 529 -20.04 -6.01 9.56
CA LYS A 529 -20.87 -4.82 9.67
C LYS A 529 -22.10 -5.13 8.83
N LEU A 530 -23.26 -5.24 9.47
CA LEU A 530 -24.50 -5.58 8.79
C LEU A 530 -25.53 -4.46 8.64
N TRP A 531 -25.80 -4.10 7.40
CA TRP A 531 -26.80 -3.08 7.11
C TRP A 531 -28.07 -3.82 6.70
N PHE A 532 -29.21 -3.37 7.23
CA PHE A 532 -30.46 -4.03 6.96
C PHE A 532 -31.63 -3.08 6.73
N LYS A 533 -32.52 -3.51 5.84
CA LYS A 533 -33.73 -2.77 5.55
C LYS A 533 -34.78 -3.71 4.98
N GLN A 534 -35.94 -3.72 5.61
CA GLN A 534 -37.04 -4.56 5.16
C GLN A 534 -37.76 -3.77 4.06
N ASP A 535 -37.98 -4.40 2.92
CA ASP A 535 -38.65 -3.73 1.80
C ASP A 535 -39.96 -3.08 2.26
N ASP A 536 -40.11 -1.79 1.96
CA ASP A 536 -41.32 -1.06 2.33
C ASP A 536 -41.93 -0.33 1.14
N LYS A 537 -41.74 -0.88 -0.05
CA LYS A 537 -42.27 -0.22 -1.22
C LYS A 537 -42.74 -1.18 -2.29
N PHE A 538 -41.97 -2.21 -2.54
CA PHE A 538 -42.32 -3.14 -3.61
C PHE A 538 -43.18 -4.31 -3.23
N PHE A 539 -43.01 -4.78 -1.98
CA PHE A 539 -43.79 -5.93 -1.48
C PHE A 539 -43.84 -7.13 -2.39
N LEU A 540 -42.67 -7.54 -2.87
CA LEU A 540 -42.63 -8.74 -3.70
C LEU A 540 -41.77 -9.76 -2.88
N PRO A 541 -42.05 -11.06 -3.05
CA PRO A 541 -41.33 -12.14 -2.36
C PRO A 541 -39.90 -12.31 -2.86
N LYS A 542 -39.14 -11.21 -2.79
CA LYS A 542 -37.75 -11.20 -3.26
C LYS A 542 -36.84 -10.52 -2.25
N ALA A 543 -35.54 -10.78 -2.37
CA ALA A 543 -34.56 -10.15 -1.48
C ALA A 543 -33.20 -10.04 -2.15
N CYS A 544 -32.40 -9.10 -1.69
CA CYS A 544 -31.05 -8.89 -2.19
C CYS A 544 -30.09 -9.02 -1.03
N LEU A 545 -29.15 -9.94 -1.16
CA LEU A 545 -28.17 -10.19 -0.12
C LEU A 545 -26.79 -9.86 -0.69
N ASN A 546 -26.24 -8.71 -0.28
CA ASN A 546 -24.94 -8.27 -0.77
C ASN A 546 -23.86 -8.38 0.29
N PHE A 547 -22.75 -9.02 -0.06
CA PHE A 547 -21.64 -9.19 0.87
C PHE A 547 -20.31 -8.77 0.28
N GLU A 548 -19.59 -7.95 1.03
CA GLU A 548 -18.26 -7.51 0.61
C GLU A 548 -17.28 -8.16 1.57
N PHE A 549 -16.37 -9.00 1.05
CA PHE A 549 -15.38 -9.65 1.89
C PHE A 549 -14.05 -8.95 1.72
N PHE A 550 -13.56 -8.32 2.80
CA PHE A 550 -12.28 -7.62 2.74
C PHE A 550 -11.09 -8.48 3.12
N SER A 551 -10.02 -8.36 2.32
CA SER A 551 -8.76 -9.07 2.55
C SER A 551 -7.68 -8.45 1.70
N PRO A 552 -6.54 -8.09 2.31
CA PRO A 552 -5.43 -7.49 1.57
C PRO A 552 -4.76 -8.44 0.58
N PHE A 553 -4.99 -9.75 0.74
CA PHE A 553 -4.37 -10.71 -0.14
C PHE A 553 -5.06 -10.93 -1.48
N ALA A 554 -6.07 -10.11 -1.76
CA ALA A 554 -6.80 -10.22 -3.02
C ALA A 554 -6.16 -9.33 -4.09
N TYR A 555 -5.45 -8.29 -3.65
CA TYR A 555 -4.84 -7.37 -4.60
C TYR A 555 -3.43 -6.95 -4.19
N VAL A 556 -2.85 -7.65 -3.21
CA VAL A 556 -1.52 -7.32 -2.73
C VAL A 556 -0.52 -7.17 -3.88
N ASP A 557 -0.63 -8.03 -4.88
CA ASP A 557 0.25 -7.98 -6.04
C ASP A 557 -0.40 -8.70 -7.23
N PRO A 558 0.17 -8.55 -8.43
CA PRO A 558 -0.38 -9.18 -9.63
C PRO A 558 -0.72 -10.66 -9.44
N LEU A 559 0.23 -11.41 -8.88
CA LEU A 559 0.04 -12.84 -8.65
C LEU A 559 -1.19 -13.15 -7.81
N HIS A 560 -1.38 -12.39 -6.73
CA HIS A 560 -2.50 -12.61 -5.85
C HIS A 560 -3.83 -12.15 -6.46
N CYS A 561 -3.75 -11.18 -7.36
CA CYS A 561 -4.95 -10.70 -8.03
C CYS A 561 -5.39 -11.83 -8.96
N ASN A 562 -4.44 -12.40 -9.69
CA ASN A 562 -4.73 -13.51 -10.60
C ASN A 562 -5.33 -14.69 -9.87
N MET A 563 -4.78 -15.00 -8.69
CA MET A 563 -5.26 -16.14 -7.92
C MET A 563 -6.64 -15.91 -7.36
N ALA A 564 -6.91 -14.69 -6.93
CA ALA A 564 -8.22 -14.36 -6.40
C ALA A 564 -9.27 -14.56 -7.50
N TYR A 565 -8.93 -14.10 -8.70
CA TYR A 565 -9.82 -14.23 -9.85
C TYR A 565 -10.04 -15.71 -10.18
N LEU A 566 -8.93 -16.42 -10.39
CA LEU A 566 -8.93 -17.83 -10.74
C LEU A 566 -9.71 -18.67 -9.72
N TYR A 567 -9.51 -18.36 -8.45
CA TYR A 567 -10.17 -19.06 -7.36
C TYR A 567 -11.69 -18.97 -7.50
N LEU A 568 -12.19 -17.75 -7.61
CA LEU A 568 -13.61 -17.50 -7.73
C LEU A 568 -14.18 -18.05 -9.03
N GLU A 569 -13.39 -17.97 -10.08
CA GLU A 569 -13.80 -18.46 -11.38
C GLU A 569 -13.92 -19.98 -11.32
N LEU A 570 -13.02 -20.62 -10.58
CA LEU A 570 -13.05 -22.07 -10.45
C LEU A 570 -14.20 -22.52 -9.55
N LEU A 571 -14.52 -21.71 -8.56
CA LEU A 571 -15.61 -22.00 -7.63
C LEU A 571 -16.95 -21.95 -8.37
N LYS A 572 -17.14 -20.91 -9.18
CA LYS A 572 -18.38 -20.78 -9.92
C LYS A 572 -18.53 -21.91 -10.92
N ASP A 573 -17.41 -22.30 -11.52
CA ASP A 573 -17.40 -23.38 -12.48
C ASP A 573 -17.81 -24.73 -11.86
N SER A 574 -17.44 -24.96 -10.60
CA SER A 574 -17.81 -26.22 -9.94
C SER A 574 -19.23 -26.17 -9.39
N LEU A 575 -19.75 -24.96 -9.17
CA LEU A 575 -21.10 -24.78 -8.67
C LEU A 575 -22.12 -24.63 -9.79
N ASN A 576 -21.64 -24.47 -11.03
CA ASN A 576 -22.50 -24.27 -12.18
C ASN A 576 -23.66 -25.26 -12.35
N GLU A 577 -23.37 -26.55 -12.35
CA GLU A 577 -24.45 -27.53 -12.51
C GLU A 577 -25.53 -27.31 -11.46
N TYR A 578 -25.10 -27.15 -10.22
CA TYR A 578 -26.01 -26.93 -9.11
C TYR A 578 -26.77 -25.61 -9.22
N ALA A 579 -26.06 -24.53 -9.53
CA ALA A 579 -26.64 -23.18 -9.62
C ALA A 579 -27.55 -22.90 -10.82
N TYR A 580 -27.36 -23.63 -11.92
CA TYR A 580 -28.18 -23.43 -13.10
C TYR A 580 -29.67 -23.58 -12.75
N ALA A 581 -29.99 -24.64 -12.02
CA ALA A 581 -31.36 -24.89 -11.63
C ALA A 581 -31.91 -23.71 -10.83
N ALA A 582 -31.12 -23.21 -9.89
CA ALA A 582 -31.53 -22.07 -9.08
C ALA A 582 -31.85 -20.88 -9.98
N GLU A 583 -30.94 -20.61 -10.91
CA GLU A 583 -31.09 -19.53 -11.87
C GLU A 583 -32.44 -19.66 -12.61
N LEU A 584 -32.73 -20.86 -13.11
CA LEU A 584 -34.01 -21.09 -13.80
C LEU A 584 -35.19 -20.80 -12.88
N ALA A 585 -35.01 -21.03 -11.58
CA ALA A 585 -36.05 -20.78 -10.60
C ALA A 585 -36.00 -19.36 -10.05
N GLY A 586 -35.41 -18.44 -10.82
CA GLY A 586 -35.35 -17.05 -10.39
C GLY A 586 -34.49 -16.76 -9.17
N LEU A 587 -33.52 -17.63 -8.92
CA LEU A 587 -32.62 -17.46 -7.77
C LEU A 587 -31.24 -17.29 -8.37
N SER A 588 -30.69 -16.08 -8.28
CA SER A 588 -29.40 -15.80 -8.88
C SER A 588 -28.31 -15.32 -7.92
N TYR A 589 -27.06 -15.43 -8.35
CA TYR A 589 -25.94 -14.97 -7.53
C TYR A 589 -24.76 -14.53 -8.39
N ASP A 590 -23.98 -13.61 -7.84
CA ASP A 590 -22.81 -13.10 -8.53
C ASP A 590 -21.63 -13.12 -7.55
N LEU A 591 -20.50 -13.68 -8.00
CA LEU A 591 -19.32 -13.79 -7.17
C LEU A 591 -18.10 -13.37 -8.00
N GLN A 592 -17.42 -12.32 -7.55
CA GLN A 592 -16.26 -11.83 -8.27
C GLN A 592 -15.23 -11.20 -7.35
N ASN A 593 -13.96 -11.26 -7.74
CA ASN A 593 -12.90 -10.68 -6.94
C ASN A 593 -12.89 -9.18 -7.15
N THR A 594 -12.46 -8.44 -6.13
CA THR A 594 -12.41 -6.97 -6.20
C THR A 594 -11.00 -6.52 -5.80
N ILE A 595 -10.75 -5.21 -5.89
CA ILE A 595 -9.44 -4.71 -5.52
C ILE A 595 -9.28 -4.72 -4.01
N TYR A 596 -10.37 -4.97 -3.29
CA TYR A 596 -10.34 -5.01 -1.83
C TYR A 596 -10.69 -6.38 -1.24
N GLY A 597 -11.02 -7.34 -2.10
CA GLY A 597 -11.37 -8.66 -1.61
C GLY A 597 -12.30 -9.41 -2.55
N MET A 598 -13.49 -9.73 -2.06
CA MET A 598 -14.48 -10.46 -2.85
C MET A 598 -15.87 -9.85 -2.75
N TYR A 599 -16.66 -10.02 -3.80
CA TYR A 599 -18.02 -9.51 -3.82
C TYR A 599 -18.97 -10.68 -4.06
N LEU A 600 -20.02 -10.77 -3.24
CA LEU A 600 -21.00 -11.84 -3.36
C LEU A 600 -22.40 -11.22 -3.27
N SER A 601 -23.25 -11.57 -4.23
CA SER A 601 -24.60 -11.04 -4.26
C SER A 601 -25.60 -12.14 -4.64
N VAL A 602 -26.60 -12.34 -3.79
CA VAL A 602 -27.63 -13.33 -4.05
C VAL A 602 -28.93 -12.55 -4.21
N LYS A 603 -29.62 -12.75 -5.32
CA LYS A 603 -30.87 -12.04 -5.61
C LYS A 603 -31.95 -12.99 -6.13
N GLY A 604 -33.21 -12.58 -5.99
CA GLY A 604 -34.30 -13.41 -6.46
C GLY A 604 -35.31 -13.68 -5.37
N TYR A 605 -36.10 -14.74 -5.52
CA TYR A 605 -37.11 -15.10 -4.52
C TYR A 605 -36.41 -15.43 -3.21
N ASN A 606 -36.88 -14.85 -2.12
CA ASN A 606 -36.26 -15.06 -0.83
C ASN A 606 -36.39 -16.49 -0.33
N ASP A 607 -37.44 -17.20 -0.76
CA ASP A 607 -37.71 -18.57 -0.34
C ASP A 607 -36.49 -19.46 -0.09
N LYS A 608 -35.76 -19.76 -1.16
CA LYS A 608 -34.60 -20.64 -1.05
C LYS A 608 -33.23 -19.96 -1.08
N GLN A 609 -33.18 -18.65 -0.88
CA GLN A 609 -31.90 -17.94 -0.89
C GLN A 609 -30.93 -18.49 0.17
N PRO A 610 -31.43 -18.76 1.38
CA PRO A 610 -30.56 -19.28 2.43
C PRO A 610 -29.83 -20.56 2.04
N ILE A 611 -30.54 -21.43 1.32
CA ILE A 611 -29.95 -22.69 0.89
C ILE A 611 -28.78 -22.48 -0.07
N LEU A 612 -28.99 -21.62 -1.07
CA LEU A 612 -27.95 -21.32 -2.04
C LEU A 612 -26.77 -20.61 -1.39
N LEU A 613 -27.05 -19.62 -0.55
CA LEU A 613 -26.01 -18.85 0.14
C LEU A 613 -25.12 -19.76 0.96
N LYS A 614 -25.74 -20.63 1.76
CA LYS A 614 -24.99 -21.56 2.60
C LYS A 614 -24.10 -22.44 1.75
N LYS A 615 -24.65 -22.95 0.65
CA LYS A 615 -23.89 -23.81 -0.25
C LYS A 615 -22.65 -23.07 -0.78
N ILE A 616 -22.84 -21.83 -1.23
CA ILE A 616 -21.76 -21.03 -1.76
C ILE A 616 -20.66 -20.78 -0.72
N ILE A 617 -21.04 -20.33 0.47
CA ILE A 617 -20.06 -20.08 1.52
C ILE A 617 -19.36 -21.38 1.89
N GLU A 618 -20.13 -22.45 2.08
CA GLU A 618 -19.55 -23.74 2.42
C GLU A 618 -18.50 -24.14 1.39
N LYS A 619 -18.86 -23.97 0.13
CA LYS A 619 -17.98 -24.34 -0.96
C LYS A 619 -16.72 -23.50 -1.07
N MET A 620 -16.83 -22.20 -0.83
CA MET A 620 -15.66 -21.37 -0.95
C MET A 620 -14.68 -21.65 0.19
N ALA A 621 -15.19 -22.18 1.30
CA ALA A 621 -14.35 -22.46 2.46
C ALA A 621 -13.85 -23.90 2.53
N THR A 622 -14.29 -24.74 1.61
CA THR A 622 -13.89 -26.14 1.60
C THR A 622 -13.58 -26.55 0.17
N PHE A 623 -13.35 -25.55 -0.68
CA PHE A 623 -13.09 -25.77 -2.09
C PHE A 623 -11.86 -26.60 -2.41
N GLU A 624 -12.03 -27.58 -3.28
CA GLU A 624 -10.96 -28.46 -3.71
C GLU A 624 -10.82 -28.34 -5.23
N ILE A 625 -9.74 -27.71 -5.65
CA ILE A 625 -9.48 -27.45 -7.06
C ILE A 625 -9.26 -28.68 -7.94
N ASP A 626 -9.87 -28.64 -9.12
CA ASP A 626 -9.72 -29.71 -10.09
C ASP A 626 -8.62 -29.27 -11.04
N GLU A 627 -7.54 -30.04 -11.10
CA GLU A 627 -6.40 -29.69 -11.96
C GLU A 627 -6.78 -29.36 -13.39
N LYS A 628 -7.53 -30.23 -14.04
CA LYS A 628 -7.94 -30.00 -15.43
C LYS A 628 -8.67 -28.67 -15.59
N ARG A 629 -9.70 -28.46 -14.78
CA ARG A 629 -10.48 -27.23 -14.81
C ARG A 629 -9.54 -26.04 -14.62
N PHE A 630 -8.58 -26.19 -13.69
CA PHE A 630 -7.60 -25.16 -13.40
C PHE A 630 -6.79 -24.75 -14.63
N GLU A 631 -6.23 -25.73 -15.33
CA GLU A 631 -5.41 -25.42 -16.50
C GLU A 631 -6.23 -24.77 -17.61
N ILE A 632 -7.45 -25.26 -17.80
CA ILE A 632 -8.32 -24.72 -18.84
C ILE A 632 -8.70 -23.27 -18.56
N ILE A 633 -9.17 -22.99 -17.36
CA ILE A 633 -9.57 -21.63 -17.01
C ILE A 633 -8.38 -20.67 -17.01
N LYS A 634 -7.22 -21.15 -16.58
CA LYS A 634 -6.03 -20.30 -16.55
C LYS A 634 -5.67 -19.89 -17.98
N GLU A 635 -5.78 -20.84 -18.91
CA GLU A 635 -5.47 -20.60 -20.31
C GLU A 635 -6.44 -19.59 -20.93
N ALA A 636 -7.72 -19.69 -20.56
CA ALA A 636 -8.75 -18.78 -21.06
C ALA A 636 -8.53 -17.38 -20.48
N TYR A 637 -8.07 -17.34 -19.23
CA TYR A 637 -7.81 -16.08 -18.56
C TYR A 637 -6.64 -15.37 -19.23
N MET A 638 -5.62 -16.13 -19.61
CA MET A 638 -4.46 -15.55 -20.28
C MET A 638 -4.90 -14.86 -21.59
N ARG A 639 -5.70 -15.54 -22.39
CA ARG A 639 -6.17 -14.95 -23.66
C ARG A 639 -7.04 -13.74 -23.37
N SER A 640 -7.88 -13.85 -22.36
CA SER A 640 -8.77 -12.76 -21.98
C SER A 640 -7.95 -11.49 -21.74
N LEU A 641 -6.86 -11.61 -20.98
CA LEU A 641 -6.00 -10.47 -20.70
C LEU A 641 -5.37 -9.94 -21.98
N ASN A 642 -4.92 -10.84 -22.84
CA ASN A 642 -4.31 -10.46 -24.11
C ASN A 642 -5.31 -9.84 -25.08
N ASN A 643 -6.54 -10.35 -25.04
CA ASN A 643 -7.59 -9.85 -25.93
C ASN A 643 -7.97 -8.40 -25.71
N PHE A 644 -7.53 -7.82 -24.61
CA PHE A 644 -7.86 -6.43 -24.35
C PHE A 644 -7.24 -5.52 -25.40
N ARG A 645 -6.20 -6.01 -26.08
CA ARG A 645 -5.54 -5.21 -27.11
C ARG A 645 -6.48 -4.96 -28.28
N ALA A 646 -7.54 -5.78 -28.40
CA ALA A 646 -8.49 -5.63 -29.50
C ALA A 646 -9.70 -4.76 -29.13
N GLU A 647 -9.69 -4.19 -27.93
CA GLU A 647 -10.80 -3.33 -27.51
C GLU A 647 -10.69 -1.98 -28.20
N GLN A 648 -11.79 -1.24 -28.22
CA GLN A 648 -11.85 0.07 -28.85
C GLN A 648 -10.97 1.14 -28.20
N PRO A 649 -10.53 2.13 -29.00
CA PRO A 649 -9.69 3.24 -28.54
C PRO A 649 -10.21 3.94 -27.29
N HIS A 650 -11.51 4.27 -27.26
CA HIS A 650 -12.04 4.95 -26.08
C HIS A 650 -12.02 4.04 -24.86
N GLN A 651 -12.04 2.73 -25.10
CA GLN A 651 -11.98 1.77 -24.00
C GLN A 651 -10.56 1.79 -23.43
N HIS A 652 -9.57 1.85 -24.31
CA HIS A 652 -8.19 1.93 -23.85
C HIS A 652 -7.96 3.23 -23.10
N ALA A 653 -8.52 4.33 -23.60
CA ALA A 653 -8.37 5.64 -22.96
C ALA A 653 -8.86 5.59 -21.53
N MET A 654 -10.06 5.06 -21.33
CA MET A 654 -10.62 4.99 -19.97
C MET A 654 -9.71 4.07 -19.13
N TYR A 655 -9.22 2.97 -19.73
CA TYR A 655 -8.35 2.03 -19.02
C TYR A 655 -7.08 2.75 -18.50
N TYR A 656 -6.40 3.47 -19.39
CA TYR A 656 -5.18 4.17 -18.99
C TYR A 656 -5.41 5.25 -17.94
N LEU A 657 -6.49 6.03 -18.07
CA LEU A 657 -6.78 7.07 -17.10
C LEU A 657 -6.91 6.48 -15.71
N ARG A 658 -7.60 5.35 -15.64
CA ARG A 658 -7.86 4.63 -14.41
C ARG A 658 -6.51 4.23 -13.77
N LEU A 659 -5.60 3.72 -14.60
CA LEU A 659 -4.30 3.29 -14.11
C LEU A 659 -3.47 4.48 -13.64
N LEU A 660 -3.63 5.62 -14.32
CA LEU A 660 -2.87 6.81 -13.97
C LEU A 660 -3.36 7.50 -12.72
N MET A 661 -4.67 7.45 -12.49
CA MET A 661 -5.26 8.15 -11.36
C MET A 661 -5.44 7.40 -10.05
N THR A 662 -5.27 6.08 -10.07
CA THR A 662 -5.47 5.31 -8.86
C THR A 662 -4.17 4.92 -8.18
N GLU A 663 -4.14 5.08 -6.86
CA GLU A 663 -2.96 4.76 -6.05
C GLU A 663 -2.35 3.44 -6.45
N VAL A 664 -3.13 2.36 -6.35
CA VAL A 664 -2.63 1.03 -6.73
C VAL A 664 -3.52 0.45 -7.80
N ALA A 665 -2.90 0.00 -8.90
CA ALA A 665 -3.63 -0.59 -10.00
C ALA A 665 -2.69 -1.44 -10.83
N TRP A 666 -2.96 -2.74 -10.90
CA TRP A 666 -2.12 -3.65 -11.67
C TRP A 666 -2.58 -3.67 -13.13
N THR A 667 -1.63 -3.48 -14.05
CA THR A 667 -1.95 -3.46 -15.47
C THR A 667 -2.18 -4.86 -16.03
N LYS A 668 -2.81 -4.92 -17.19
CA LYS A 668 -3.09 -6.19 -17.85
C LYS A 668 -1.78 -6.91 -18.10
N ASP A 669 -0.77 -6.16 -18.54
CA ASP A 669 0.53 -6.75 -18.81
C ASP A 669 1.19 -7.34 -17.57
N GLU A 670 1.05 -6.65 -16.44
CA GLU A 670 1.63 -7.15 -15.20
C GLU A 670 0.90 -8.43 -14.77
N LEU A 671 -0.42 -8.44 -14.95
CA LEU A 671 -1.22 -9.61 -14.60
C LEU A 671 -0.86 -10.87 -15.38
N LYS A 672 -0.71 -10.77 -16.69
CA LYS A 672 -0.39 -11.96 -17.45
C LYS A 672 1.07 -12.40 -17.30
N GLU A 673 1.93 -11.48 -16.91
CA GLU A 673 3.33 -11.79 -16.70
C GLU A 673 3.44 -12.63 -15.44
N ALA A 674 2.60 -12.34 -14.46
CA ALA A 674 2.59 -13.08 -13.20
C ALA A 674 1.75 -14.35 -13.29
N LEU A 675 0.85 -14.41 -14.27
CA LEU A 675 -0.02 -15.58 -14.44
C LEU A 675 0.74 -16.90 -14.61
N ASP A 676 1.74 -16.89 -15.47
CA ASP A 676 2.53 -18.10 -15.71
C ASP A 676 3.07 -18.73 -14.43
N ASP A 677 3.27 -17.93 -13.40
CA ASP A 677 3.77 -18.44 -12.14
C ASP A 677 2.68 -19.00 -11.23
N VAL A 678 1.41 -18.79 -11.59
CA VAL A 678 0.31 -19.33 -10.80
C VAL A 678 0.24 -20.83 -11.01
N THR A 679 0.56 -21.60 -9.96
CA THR A 679 0.51 -23.06 -10.05
C THR A 679 -0.56 -23.60 -9.14
N LEU A 680 -1.01 -24.82 -9.41
CA LEU A 680 -2.04 -25.43 -8.59
C LEU A 680 -1.65 -25.40 -7.11
N PRO A 681 -0.43 -25.85 -6.78
CA PRO A 681 0.02 -25.83 -5.38
C PRO A 681 -0.10 -24.44 -4.76
N ARG A 682 0.39 -23.42 -5.47
CA ARG A 682 0.33 -22.06 -4.97
C ARG A 682 -1.12 -21.60 -4.82
N LEU A 683 -2.01 -22.01 -5.72
CA LEU A 683 -3.41 -21.59 -5.63
C LEU A 683 -4.05 -22.26 -4.41
N LYS A 684 -3.76 -23.54 -4.20
CA LYS A 684 -4.32 -24.24 -3.05
C LYS A 684 -3.85 -23.61 -1.74
N ALA A 685 -2.61 -23.11 -1.72
CA ALA A 685 -2.09 -22.48 -0.53
C ALA A 685 -2.73 -21.10 -0.38
N PHE A 686 -2.99 -20.46 -1.51
CA PHE A 686 -3.60 -19.13 -1.52
C PHE A 686 -4.98 -19.04 -0.85
N ILE A 687 -5.87 -19.98 -1.16
CA ILE A 687 -7.23 -19.95 -0.62
C ILE A 687 -7.33 -19.83 0.91
N PRO A 688 -6.68 -20.74 1.65
CA PRO A 688 -6.73 -20.70 3.12
C PRO A 688 -6.21 -19.36 3.65
N GLN A 689 -5.15 -18.84 3.02
CA GLN A 689 -4.57 -17.56 3.43
C GLN A 689 -5.57 -16.44 3.20
N LEU A 690 -6.26 -16.50 2.07
CA LEU A 690 -7.24 -15.46 1.73
C LEU A 690 -8.40 -15.43 2.72
N LEU A 691 -8.87 -16.61 3.14
CA LEU A 691 -10.00 -16.69 4.07
C LEU A 691 -9.64 -16.66 5.55
N SER A 692 -8.36 -16.79 5.88
CA SER A 692 -7.94 -16.81 7.29
C SER A 692 -8.39 -15.56 8.02
N ARG A 693 -8.28 -14.41 7.35
CA ARG A 693 -8.68 -13.15 7.97
C ARG A 693 -9.51 -12.28 7.05
N LEU A 694 -10.68 -11.89 7.54
CA LEU A 694 -11.57 -11.09 6.73
C LEU A 694 -12.46 -10.18 7.57
N HIS A 695 -13.10 -9.25 6.88
CA HIS A 695 -14.06 -8.36 7.49
C HIS A 695 -15.23 -8.41 6.51
N ILE A 696 -16.44 -8.53 7.03
CA ILE A 696 -17.60 -8.63 6.16
C ILE A 696 -18.56 -7.47 6.33
N GLU A 697 -18.78 -6.72 5.26
CA GLU A 697 -19.75 -5.65 5.30
C GLU A 697 -20.89 -6.09 4.37
N ALA A 698 -22.09 -6.22 4.94
CA ALA A 698 -23.22 -6.68 4.15
C ALA A 698 -24.40 -5.74 4.13
N LEU A 699 -25.28 -5.98 3.17
CA LEU A 699 -26.50 -5.21 3.01
C LEU A 699 -27.57 -6.22 2.60
N LEU A 700 -28.47 -6.49 3.54
CA LEU A 700 -29.56 -7.42 3.30
C LEU A 700 -30.80 -6.55 3.16
N HIS A 701 -31.42 -6.59 1.99
CA HIS A 701 -32.57 -5.76 1.71
C HIS A 701 -33.63 -6.54 0.93
N GLY A 702 -34.88 -6.45 1.40
CA GLY A 702 -35.96 -7.15 0.73
C GLY A 702 -37.03 -7.67 1.67
N ASN A 703 -37.70 -8.74 1.27
CA ASN A 703 -38.76 -9.35 2.06
C ASN A 703 -38.11 -10.22 3.12
N ILE A 704 -37.57 -9.57 4.14
CA ILE A 704 -36.87 -10.24 5.23
C ILE A 704 -36.96 -9.43 6.52
N THR A 705 -36.87 -10.10 7.66
CA THR A 705 -36.95 -9.42 8.95
C THR A 705 -35.57 -9.21 9.58
N LYS A 706 -35.51 -8.34 10.58
CA LYS A 706 -34.27 -8.04 11.27
C LYS A 706 -33.64 -9.32 11.83
N GLN A 707 -34.44 -10.17 12.46
CA GLN A 707 -33.91 -11.41 13.03
C GLN A 707 -33.43 -12.36 11.94
N ALA A 708 -34.16 -12.41 10.83
CA ALA A 708 -33.76 -13.29 9.75
C ALA A 708 -32.42 -12.77 9.20
N ALA A 709 -32.31 -11.45 9.06
CA ALA A 709 -31.08 -10.84 8.55
C ALA A 709 -29.90 -11.26 9.44
N LEU A 710 -30.05 -11.03 10.73
CA LEU A 710 -29.02 -11.41 11.71
C LEU A 710 -28.74 -12.90 11.61
N GLY A 711 -29.77 -13.66 11.26
CA GLY A 711 -29.61 -15.10 11.12
C GLY A 711 -28.73 -15.47 9.94
N ILE A 712 -28.94 -14.81 8.81
CA ILE A 712 -28.15 -15.08 7.61
C ILE A 712 -26.67 -14.73 7.83
N MET A 713 -26.43 -13.56 8.42
CA MET A 713 -25.07 -13.10 8.67
C MET A 713 -24.33 -14.09 9.58
N GLN A 714 -24.99 -14.52 10.65
CA GLN A 714 -24.38 -15.45 11.59
C GLN A 714 -24.01 -16.75 10.88
N MET A 715 -24.86 -17.19 9.97
CA MET A 715 -24.63 -18.42 9.23
C MET A 715 -23.39 -18.30 8.35
N VAL A 716 -23.25 -17.15 7.68
CA VAL A 716 -22.09 -16.92 6.82
C VAL A 716 -20.83 -16.96 7.67
N GLU A 717 -20.85 -16.23 8.79
CA GLU A 717 -19.70 -16.17 9.69
C GLU A 717 -19.37 -17.56 10.23
N ASP A 718 -20.37 -18.22 10.80
CA ASP A 718 -20.19 -19.55 11.38
C ASP A 718 -19.61 -20.53 10.37
N THR A 719 -20.08 -20.47 9.13
CA THR A 719 -19.58 -21.38 8.09
C THR A 719 -18.10 -21.11 7.81
N LEU A 720 -17.74 -19.84 7.72
CA LEU A 720 -16.35 -19.47 7.46
C LEU A 720 -15.48 -19.86 8.65
N ILE A 721 -15.94 -19.55 9.85
CA ILE A 721 -15.19 -19.87 11.06
C ILE A 721 -14.99 -21.37 11.22
N GLU A 722 -16.03 -22.15 10.92
CA GLU A 722 -15.94 -23.61 11.04
C GLU A 722 -15.08 -24.29 9.99
N HIS A 723 -15.08 -23.78 8.77
CA HIS A 723 -14.31 -24.41 7.70
C HIS A 723 -13.04 -23.69 7.31
N ALA A 724 -13.01 -22.38 7.50
CA ALA A 724 -11.85 -21.58 7.13
C ALA A 724 -11.09 -21.03 8.34
N HIS A 725 -11.63 -21.24 9.53
CA HIS A 725 -10.98 -20.76 10.76
C HIS A 725 -10.80 -19.26 10.69
N THR A 726 -11.62 -18.62 9.88
CA THR A 726 -11.59 -17.19 9.67
C THR A 726 -11.63 -16.39 10.97
N LYS A 727 -10.83 -15.33 11.05
CA LYS A 727 -10.82 -14.49 12.24
C LYS A 727 -10.97 -13.07 11.79
N PRO A 728 -11.31 -12.18 12.72
CA PRO A 728 -11.48 -10.76 12.42
C PRO A 728 -10.18 -10.13 11.94
N LEU A 729 -10.35 -9.16 11.05
CA LEU A 729 -9.22 -8.43 10.49
C LEU A 729 -9.04 -7.17 11.35
N LEU A 730 -7.87 -6.56 11.29
CA LEU A 730 -7.62 -5.35 12.05
C LEU A 730 -8.19 -4.15 11.31
N PRO A 731 -8.78 -3.19 12.04
CA PRO A 731 -9.35 -2.00 11.41
C PRO A 731 -8.31 -1.21 10.63
N SER A 732 -7.07 -1.19 11.12
CA SER A 732 -6.01 -0.47 10.43
C SER A 732 -5.68 -1.16 9.10
N GLN A 733 -6.15 -2.40 8.94
CA GLN A 733 -5.90 -3.14 7.69
C GLN A 733 -6.95 -2.83 6.64
N LEU A 734 -8.07 -2.25 7.07
CA LEU A 734 -9.14 -1.91 6.15
C LEU A 734 -8.76 -0.66 5.38
N VAL A 735 -7.80 -0.82 4.48
CA VAL A 735 -7.30 0.28 3.66
C VAL A 735 -8.06 0.47 2.35
N ARG A 736 -8.27 1.73 1.99
CA ARG A 736 -8.95 2.08 0.76
C ARG A 736 -7.94 2.87 -0.10
N TYR A 737 -8.06 2.79 -1.41
CA TYR A 737 -7.11 3.49 -2.29
C TYR A 737 -7.49 4.94 -2.51
N ARG A 738 -6.47 5.78 -2.67
CA ARG A 738 -6.67 7.20 -2.89
C ARG A 738 -6.49 7.55 -4.38
N GLU A 739 -6.96 8.74 -4.77
CA GLU A 739 -6.76 9.18 -6.13
C GLU A 739 -5.58 10.16 -6.12
N VAL A 740 -4.80 10.15 -7.20
CA VAL A 740 -3.66 11.03 -7.31
C VAL A 740 -4.16 12.47 -7.30
N GLN A 741 -3.43 13.35 -6.62
CA GLN A 741 -3.82 14.75 -6.54
C GLN A 741 -3.00 15.57 -7.54
N LEU A 742 -3.67 16.10 -8.56
CA LEU A 742 -3.02 16.90 -9.60
C LEU A 742 -2.70 18.31 -9.12
N PRO A 743 -1.60 18.89 -9.61
CA PRO A 743 -1.20 20.25 -9.23
C PRO A 743 -1.98 21.33 -9.99
N ASP A 744 -2.24 22.44 -9.34
CA ASP A 744 -2.95 23.55 -9.97
C ASP A 744 -2.26 23.95 -11.27
N ARG A 745 -3.05 24.25 -12.30
CA ARG A 745 -2.55 24.64 -13.61
C ARG A 745 -1.72 23.55 -14.29
N GLY A 746 -1.78 22.34 -13.76
CA GLY A 746 -1.02 21.27 -14.36
C GLY A 746 -1.74 20.59 -15.52
N TRP A 747 -0.96 20.09 -16.47
CA TRP A 747 -1.53 19.38 -17.61
C TRP A 747 -0.59 18.26 -18.05
N PHE A 748 -1.05 17.03 -17.93
CA PHE A 748 -0.26 15.86 -18.31
C PHE A 748 -0.91 15.12 -19.47
N VAL A 749 -0.10 14.48 -20.28
CA VAL A 749 -0.60 13.73 -21.42
C VAL A 749 0.06 12.36 -21.48
N TYR A 750 -0.75 11.32 -21.53
CA TYR A 750 -0.24 9.96 -21.65
C TYR A 750 -0.70 9.52 -23.04
N GLN A 751 0.23 8.98 -23.82
CA GLN A 751 -0.08 8.55 -25.17
C GLN A 751 0.32 7.11 -25.42
N GLN A 752 -0.57 6.38 -26.09
CA GLN A 752 -0.36 4.98 -26.45
C GLN A 752 -1.04 4.76 -27.79
N ARG A 753 -0.78 3.61 -28.40
CA ARG A 753 -1.40 3.31 -29.67
C ARG A 753 -2.24 2.04 -29.57
N ASN A 754 -3.32 2.00 -30.35
CA ASN A 754 -4.20 0.85 -30.40
C ASN A 754 -3.78 0.11 -31.68
N GLU A 755 -3.29 -1.11 -31.52
CA GLU A 755 -2.80 -1.90 -32.63
C GLU A 755 -3.86 -2.64 -33.45
N VAL A 756 -5.12 -2.50 -33.07
CA VAL A 756 -6.18 -3.18 -33.79
C VAL A 756 -7.11 -2.25 -34.56
N HIS A 757 -7.60 -1.21 -33.91
CA HIS A 757 -8.51 -0.28 -34.55
C HIS A 757 -7.77 0.89 -35.20
N ASN A 758 -8.18 1.20 -36.44
CA ASN A 758 -7.56 2.29 -37.15
C ASN A 758 -8.37 3.56 -36.94
N ASN A 759 -8.58 3.88 -35.67
CA ASN A 759 -9.31 5.07 -35.27
C ASN A 759 -8.66 5.54 -33.98
N CYS A 760 -8.75 6.84 -33.70
CA CYS A 760 -8.18 7.38 -32.48
C CYS A 760 -9.21 7.48 -31.38
N GLY A 761 -8.72 7.57 -30.16
CA GLY A 761 -9.58 7.71 -29.00
C GLY A 761 -8.94 8.70 -28.05
N ILE A 762 -9.75 9.34 -27.23
CA ILE A 762 -9.21 10.29 -26.27
C ILE A 762 -10.13 10.51 -25.11
N GLU A 763 -9.53 10.74 -23.94
CA GLU A 763 -10.29 11.07 -22.76
C GLU A 763 -9.58 12.24 -22.09
N ILE A 764 -10.35 13.27 -21.77
CA ILE A 764 -9.81 14.45 -21.11
C ILE A 764 -10.44 14.49 -19.73
N TYR A 765 -9.62 14.59 -18.72
CA TYR A 765 -10.08 14.63 -17.34
C TYR A 765 -9.69 15.93 -16.65
N TYR A 766 -10.70 16.69 -16.25
CA TYR A 766 -10.50 17.95 -15.54
C TYR A 766 -10.85 17.69 -14.09
N GLN A 767 -9.87 17.29 -13.30
CA GLN A 767 -10.09 17.00 -11.89
C GLN A 767 -10.55 18.25 -11.14
N THR A 768 -11.60 18.14 -10.34
CA THR A 768 -12.07 19.29 -9.58
C THR A 768 -11.58 19.18 -8.14
N ASP A 769 -12.30 18.45 -7.30
CA ASP A 769 -11.89 18.29 -5.91
C ASP A 769 -12.65 17.14 -5.27
N MET A 770 -12.41 16.93 -3.97
CA MET A 770 -13.05 15.86 -3.24
C MET A 770 -14.57 16.00 -3.29
N GLN A 771 -15.27 14.88 -3.27
CA GLN A 771 -16.72 14.87 -3.30
C GLN A 771 -17.31 15.50 -2.04
N SER A 772 -18.34 16.33 -2.23
CA SER A 772 -19.02 17.01 -1.14
C SER A 772 -20.32 17.54 -1.72
N THR A 773 -21.28 17.86 -0.86
CA THR A 773 -22.57 18.35 -1.32
C THR A 773 -22.41 19.49 -2.32
N SER A 774 -21.64 20.52 -1.96
CA SER A 774 -21.45 21.66 -2.85
C SER A 774 -20.68 21.31 -4.14
N GLU A 775 -19.53 20.64 -4.00
CA GLU A 775 -18.73 20.26 -5.16
C GLU A 775 -19.48 19.34 -6.11
N ASN A 776 -20.25 18.41 -5.55
CA ASN A 776 -21.02 17.46 -6.35
C ASN A 776 -22.03 18.18 -7.24
N MET A 777 -22.80 19.09 -6.63
CA MET A 777 -23.82 19.80 -7.38
C MET A 777 -23.27 20.86 -8.32
N PHE A 778 -22.09 21.39 -8.04
CA PHE A 778 -21.48 22.36 -8.93
C PHE A 778 -21.19 21.61 -10.23
N LEU A 779 -20.50 20.48 -10.09
CA LEU A 779 -20.14 19.64 -11.21
C LEU A 779 -21.34 19.08 -11.96
N GLU A 780 -22.27 18.48 -11.23
CA GLU A 780 -23.45 17.89 -11.85
C GLU A 780 -24.33 18.88 -12.59
N LEU A 781 -24.51 20.09 -12.03
CA LEU A 781 -25.34 21.09 -12.69
C LEU A 781 -24.65 21.52 -13.97
N PHE A 782 -23.35 21.77 -13.89
CA PHE A 782 -22.59 22.18 -15.06
C PHE A 782 -22.65 21.09 -16.13
N CYS A 783 -22.54 19.84 -15.72
CA CYS A 783 -22.61 18.74 -16.68
C CYS A 783 -23.98 18.70 -17.34
N GLN A 784 -25.02 18.94 -16.55
CA GLN A 784 -26.39 18.95 -17.05
C GLN A 784 -26.52 20.04 -18.12
N ILE A 785 -25.93 21.19 -17.85
CA ILE A 785 -25.99 22.32 -18.76
C ILE A 785 -25.23 22.11 -20.08
N ILE A 786 -24.10 21.41 -20.03
CA ILE A 786 -23.31 21.21 -21.23
C ILE A 786 -23.60 19.90 -21.93
N SER A 787 -24.31 19.00 -21.26
CA SER A 787 -24.61 17.69 -21.82
C SER A 787 -25.09 17.72 -23.28
N GLU A 788 -26.25 18.31 -23.52
CA GLU A 788 -26.83 18.42 -24.85
C GLU A 788 -25.94 19.21 -25.82
N PRO A 789 -25.49 20.40 -25.41
CA PRO A 789 -24.64 21.20 -26.29
C PRO A 789 -23.36 20.49 -26.72
N CYS A 790 -22.82 19.64 -25.86
CA CYS A 790 -21.59 18.91 -26.18
C CYS A 790 -21.82 17.94 -27.34
N PHE A 791 -22.88 17.16 -27.24
CA PHE A 791 -23.22 16.19 -28.27
C PHE A 791 -23.55 16.88 -29.60
N ASN A 792 -24.33 17.96 -29.53
CA ASN A 792 -24.72 18.68 -30.73
C ASN A 792 -23.57 19.38 -31.43
N THR A 793 -22.58 19.79 -30.65
CA THR A 793 -21.42 20.48 -31.20
C THR A 793 -20.33 19.54 -31.73
N LEU A 794 -19.82 18.69 -30.85
CA LEU A 794 -18.74 17.77 -31.24
C LEU A 794 -19.16 16.67 -32.20
N ARG A 795 -20.42 16.22 -32.13
CA ARG A 795 -20.86 15.19 -33.06
C ARG A 795 -21.76 15.72 -34.18
N THR A 796 -22.95 16.17 -33.83
CA THR A 796 -23.89 16.66 -34.84
C THR A 796 -23.31 17.71 -35.76
N LYS A 797 -22.74 18.77 -35.19
CA LYS A 797 -22.15 19.82 -36.01
C LYS A 797 -20.80 19.45 -36.60
N GLU A 798 -19.82 19.19 -35.74
CA GLU A 798 -18.47 18.87 -36.18
C GLU A 798 -18.20 17.44 -36.64
N GLN A 799 -19.10 16.53 -36.30
CA GLN A 799 -18.98 15.13 -36.70
C GLN A 799 -17.58 14.54 -36.48
N LEU A 800 -17.08 14.68 -35.26
CA LEU A 800 -15.76 14.16 -34.93
C LEU A 800 -15.84 12.65 -34.84
N GLY A 801 -17.00 12.14 -34.43
CA GLY A 801 -17.16 10.70 -34.32
C GLY A 801 -18.53 10.32 -33.80
N TYR A 802 -18.85 9.04 -33.91
CA TYR A 802 -20.11 8.50 -33.45
C TYR A 802 -20.14 8.56 -31.93
N ILE A 803 -19.00 8.27 -31.32
CA ILE A 803 -18.88 8.31 -29.87
C ILE A 803 -18.34 9.64 -29.38
N VAL A 804 -19.21 10.40 -28.73
CA VAL A 804 -18.87 11.71 -28.16
C VAL A 804 -19.57 11.71 -26.82
N PHE A 805 -18.78 11.79 -25.75
CA PHE A 805 -19.35 11.74 -24.41
C PHE A 805 -18.76 12.76 -23.46
N SER A 806 -19.58 13.27 -22.56
CA SER A 806 -19.13 14.21 -21.55
C SER A 806 -19.91 13.88 -20.29
N GLY A 807 -19.38 14.24 -19.14
CA GLY A 807 -20.08 13.96 -17.91
C GLY A 807 -19.13 13.91 -16.73
N PRO A 808 -19.65 13.69 -15.53
CA PRO A 808 -18.80 13.62 -14.33
C PRO A 808 -18.05 12.30 -14.19
N ARG A 809 -16.93 12.35 -13.49
CA ARG A 809 -16.16 11.15 -13.23
C ARG A 809 -15.96 11.12 -11.73
N ARG A 810 -16.32 10.00 -11.11
CA ARG A 810 -16.18 9.82 -9.67
C ARG A 810 -15.32 8.59 -9.42
N ALA A 811 -14.34 8.73 -8.54
CA ALA A 811 -13.45 7.63 -8.21
C ALA A 811 -12.71 7.91 -6.92
N ASN A 812 -12.77 6.96 -5.99
CA ASN A 812 -12.06 7.07 -4.73
C ASN A 812 -12.36 8.33 -3.93
N GLY A 813 -13.61 8.77 -3.98
CA GLY A 813 -14.01 9.96 -3.24
C GLY A 813 -13.70 11.27 -3.95
N ILE A 814 -12.98 11.20 -5.05
CA ILE A 814 -12.66 12.40 -5.80
C ILE A 814 -13.55 12.46 -7.05
N GLN A 815 -13.58 13.61 -7.71
CA GLN A 815 -14.43 13.75 -8.88
C GLN A 815 -13.94 14.84 -9.83
N GLY A 816 -14.62 14.93 -10.96
CA GLY A 816 -14.28 15.92 -11.97
C GLY A 816 -15.07 15.75 -13.26
N LEU A 817 -14.72 16.56 -14.26
CA LEU A 817 -15.38 16.54 -15.55
C LEU A 817 -14.56 15.71 -16.52
N ARG A 818 -15.24 14.89 -17.32
CA ARG A 818 -14.55 14.08 -18.31
C ARG A 818 -15.20 14.16 -19.70
N PHE A 819 -14.35 14.04 -20.71
CA PHE A 819 -14.78 14.05 -22.10
C PHE A 819 -14.15 12.81 -22.71
N ILE A 820 -14.92 12.09 -23.51
CA ILE A 820 -14.41 10.90 -24.20
C ILE A 820 -14.85 10.99 -25.65
N ILE A 821 -13.91 10.77 -26.56
CA ILE A 821 -14.22 10.83 -27.98
C ILE A 821 -13.44 9.78 -28.76
N GLN A 822 -14.10 9.20 -29.76
CA GLN A 822 -13.46 8.22 -30.63
C GLN A 822 -13.66 8.78 -32.02
N SER A 823 -12.55 9.04 -32.72
CA SER A 823 -12.61 9.65 -34.03
C SER A 823 -11.46 9.25 -34.93
N GLU A 824 -11.58 9.58 -36.21
CA GLU A 824 -10.49 9.27 -37.12
C GLU A 824 -9.53 10.46 -37.03
N LYS A 825 -9.99 11.56 -36.43
CA LYS A 825 -9.16 12.74 -36.28
C LYS A 825 -8.14 12.49 -35.14
N PRO A 826 -6.92 13.04 -35.27
CA PRO A 826 -5.88 12.86 -34.24
C PRO A 826 -6.27 13.49 -32.91
N PRO A 827 -5.80 12.89 -31.80
CA PRO A 827 -6.09 13.38 -30.45
C PRO A 827 -5.84 14.86 -30.19
N HIS A 828 -4.70 15.39 -30.63
CA HIS A 828 -4.42 16.81 -30.40
C HIS A 828 -5.46 17.71 -31.06
N TYR A 829 -5.99 17.28 -32.22
CA TYR A 829 -7.01 18.08 -32.88
C TYR A 829 -8.29 17.98 -32.06
N LEU A 830 -8.58 16.77 -31.59
CA LEU A 830 -9.76 16.51 -30.77
C LEU A 830 -9.68 17.37 -29.51
N GLU A 831 -8.49 17.44 -28.94
CA GLU A 831 -8.25 18.22 -27.73
C GLU A 831 -8.63 19.68 -27.95
N SER A 832 -8.16 20.25 -29.05
CA SER A 832 -8.44 21.64 -29.37
C SER A 832 -9.94 21.89 -29.51
N ARG A 833 -10.64 20.96 -30.15
CA ARG A 833 -12.07 21.07 -30.35
C ARG A 833 -12.84 21.10 -29.03
N VAL A 834 -12.46 20.22 -28.11
CA VAL A 834 -13.12 20.19 -26.81
C VAL A 834 -12.88 21.52 -26.08
N GLU A 835 -11.67 22.04 -26.23
CA GLU A 835 -11.30 23.30 -25.59
C GLU A 835 -12.10 24.46 -26.21
N ALA A 836 -12.33 24.38 -27.53
CA ALA A 836 -13.10 25.43 -28.21
C ALA A 836 -14.53 25.38 -27.70
N PHE A 837 -15.05 24.17 -27.54
CA PHE A 837 -16.40 23.96 -27.05
C PHE A 837 -16.58 24.58 -25.66
N LEU A 838 -15.59 24.39 -24.79
CA LEU A 838 -15.66 24.92 -23.44
C LEU A 838 -15.83 26.44 -23.47
N ILE A 839 -15.15 27.10 -24.40
CA ILE A 839 -15.25 28.54 -24.53
C ILE A 839 -16.65 28.93 -25.01
N THR A 840 -17.21 28.14 -25.93
CA THR A 840 -18.55 28.37 -26.44
C THR A 840 -19.57 28.20 -25.31
N MET A 841 -19.41 27.16 -24.50
CA MET A 841 -20.32 26.94 -23.39
C MET A 841 -20.29 28.13 -22.45
N GLU A 842 -19.08 28.54 -22.07
CA GLU A 842 -18.91 29.68 -21.18
C GLU A 842 -19.81 30.82 -21.66
N LYS A 843 -19.58 31.25 -22.90
CA LYS A 843 -20.37 32.32 -23.49
C LYS A 843 -21.85 31.99 -23.42
N SER A 844 -22.20 30.76 -23.76
CA SER A 844 -23.59 30.33 -23.77
C SER A 844 -24.23 30.42 -22.38
N ILE A 845 -23.43 30.16 -21.34
CA ILE A 845 -23.94 30.24 -19.98
C ILE A 845 -24.14 31.68 -19.52
N GLU A 846 -23.18 32.53 -19.84
CA GLU A 846 -23.26 33.95 -19.46
C GLU A 846 -24.45 34.64 -20.11
N ASP A 847 -24.88 34.12 -21.25
CA ASP A 847 -26.01 34.71 -21.97
C ASP A 847 -27.34 34.04 -21.71
N MET A 848 -27.33 32.87 -21.08
CA MET A 848 -28.61 32.21 -20.88
C MET A 848 -29.46 32.94 -19.85
N THR A 849 -30.77 32.86 -20.05
CA THR A 849 -31.73 33.51 -19.16
C THR A 849 -31.93 32.70 -17.90
N GLU A 850 -32.37 33.38 -16.84
CA GLU A 850 -32.64 32.73 -15.56
C GLU A 850 -33.63 31.60 -15.82
N GLU A 851 -34.55 31.87 -16.73
CA GLU A 851 -35.60 30.93 -17.11
C GLU A 851 -34.96 29.62 -17.57
N ALA A 852 -34.00 29.75 -18.48
CA ALA A 852 -33.29 28.60 -19.03
C ALA A 852 -32.45 27.94 -17.94
N PHE A 853 -31.76 28.75 -17.16
CA PHE A 853 -30.91 28.24 -16.09
C PHE A 853 -31.70 27.42 -15.07
N GLN A 854 -32.83 27.96 -14.63
CA GLN A 854 -33.68 27.30 -13.66
C GLN A 854 -34.26 26.02 -14.24
N LYS A 855 -34.50 26.03 -15.54
CA LYS A 855 -35.05 24.86 -16.21
C LYS A 855 -34.05 23.71 -16.06
N HIS A 856 -32.76 24.03 -16.15
CA HIS A 856 -31.70 23.04 -16.00
C HIS A 856 -31.63 22.49 -14.58
N ILE A 857 -31.74 23.39 -13.60
CA ILE A 857 -31.71 22.98 -12.20
C ILE A 857 -32.84 21.99 -11.96
N GLN A 858 -34.01 22.28 -12.53
CA GLN A 858 -35.17 21.42 -12.37
C GLN A 858 -34.96 20.10 -13.11
N ALA A 859 -34.29 20.18 -14.24
CA ALA A 859 -34.01 19.00 -15.04
C ALA A 859 -33.14 18.04 -14.21
N LEU A 860 -32.12 18.58 -13.55
CA LEU A 860 -31.24 17.77 -12.72
C LEU A 860 -32.00 17.25 -11.52
N ALA A 861 -32.81 18.12 -10.92
CA ALA A 861 -33.60 17.77 -9.75
C ALA A 861 -34.45 16.53 -10.01
N ILE A 862 -35.12 16.50 -11.16
CA ILE A 862 -35.95 15.35 -11.50
C ILE A 862 -35.09 14.10 -11.73
N ARG A 863 -33.97 14.27 -12.41
CA ARG A 863 -33.09 13.13 -12.67
C ARG A 863 -32.61 12.50 -11.37
N ARG A 864 -32.16 13.34 -10.43
CA ARG A 864 -31.65 12.85 -9.15
C ARG A 864 -32.75 12.30 -8.23
N LEU A 865 -33.97 12.82 -8.38
CA LEU A 865 -35.06 12.38 -7.53
C LEU A 865 -35.89 11.24 -8.11
N ASP A 866 -35.66 10.90 -9.37
CA ASP A 866 -36.40 9.81 -10.01
C ASP A 866 -36.24 8.59 -9.12
N LYS A 867 -37.35 8.07 -8.62
CA LYS A 867 -37.30 6.92 -7.73
C LYS A 867 -37.25 5.55 -8.39
N PRO A 868 -36.53 4.61 -7.76
CA PRO A 868 -36.37 3.24 -8.26
C PRO A 868 -37.72 2.54 -8.43
N LYS A 869 -37.84 1.74 -9.48
CA LYS A 869 -39.10 1.02 -9.75
C LYS A 869 -39.06 -0.38 -9.18
N LYS A 870 -37.86 -0.89 -8.90
CA LYS A 870 -37.70 -2.24 -8.37
C LYS A 870 -36.70 -2.31 -7.23
N LEU A 871 -36.79 -3.37 -6.45
CA LEU A 871 -35.92 -3.59 -5.30
C LEU A 871 -34.43 -3.49 -5.58
N SER A 872 -33.98 -4.15 -6.65
CA SER A 872 -32.56 -4.14 -7.01
C SER A 872 -32.04 -2.74 -7.34
N ALA A 873 -32.92 -1.87 -7.83
CA ALA A 873 -32.50 -0.51 -8.15
C ALA A 873 -32.34 0.31 -6.85
N GLU A 874 -33.24 0.09 -5.90
CA GLU A 874 -33.19 0.81 -4.63
C GLU A 874 -31.98 0.30 -3.84
N CYS A 875 -31.81 -1.02 -3.86
CA CYS A 875 -30.69 -1.66 -3.18
C CYS A 875 -29.35 -1.16 -3.72
N ALA A 876 -29.24 -1.08 -5.04
CA ALA A 876 -28.00 -0.61 -5.67
C ALA A 876 -27.59 0.77 -5.15
N LYS A 877 -28.54 1.65 -4.91
CA LYS A 877 -28.22 2.99 -4.40
C LYS A 877 -27.67 2.88 -2.99
N TYR A 878 -28.31 2.06 -2.16
CA TYR A 878 -27.84 1.90 -0.80
C TYR A 878 -26.44 1.29 -0.86
N TRP A 879 -26.29 0.25 -1.68
CA TRP A 879 -25.01 -0.43 -1.82
C TRP A 879 -23.93 0.56 -2.24
N GLY A 880 -24.30 1.49 -3.13
CA GLY A 880 -23.35 2.49 -3.60
C GLY A 880 -22.81 3.31 -2.44
N GLU A 881 -23.70 3.67 -1.50
CA GLU A 881 -23.31 4.45 -0.33
C GLU A 881 -22.44 3.63 0.63
N ILE A 882 -22.71 2.34 0.74
CA ILE A 882 -21.93 1.48 1.61
C ILE A 882 -20.54 1.18 1.02
N ILE A 883 -20.50 0.84 -0.26
CA ILE A 883 -19.24 0.55 -0.94
C ILE A 883 -18.29 1.75 -0.97
N SER A 884 -18.84 2.93 -1.24
CA SER A 884 -18.03 4.14 -1.30
C SER A 884 -17.69 4.56 0.13
N GLN A 885 -18.38 3.96 1.09
CA GLN A 885 -18.19 4.25 2.50
C GLN A 885 -18.54 5.69 2.84
N GLN A 886 -19.54 6.23 2.17
CA GLN A 886 -19.98 7.59 2.43
C GLN A 886 -21.28 7.50 3.24
N TYR A 887 -21.98 6.38 3.06
CA TYR A 887 -23.22 6.12 3.79
C TYR A 887 -24.21 7.27 3.85
N ASN A 888 -24.35 7.99 2.74
CA ASN A 888 -25.28 9.11 2.70
C ASN A 888 -26.58 8.62 2.07
N PHE A 889 -27.37 7.88 2.84
CA PHE A 889 -28.62 7.31 2.37
C PHE A 889 -29.73 8.29 2.01
N ASP A 890 -29.64 9.54 2.49
CA ASP A 890 -30.63 10.56 2.19
C ASP A 890 -30.00 11.61 1.27
N ARG A 891 -28.97 11.19 0.54
CA ARG A 891 -28.24 12.08 -0.36
C ARG A 891 -29.07 12.88 -1.36
N ASP A 892 -29.90 12.19 -2.14
CA ASP A 892 -30.72 12.85 -3.16
C ASP A 892 -31.52 14.05 -2.64
N ASN A 893 -32.22 13.88 -1.53
CA ASN A 893 -33.00 14.97 -0.96
C ASN A 893 -32.09 16.14 -0.61
N THR A 894 -31.02 15.84 0.11
CA THR A 894 -30.06 16.86 0.54
C THR A 894 -29.46 17.62 -0.64
N GLU A 895 -28.80 16.88 -1.53
CA GLU A 895 -28.17 17.47 -2.68
C GLU A 895 -29.11 18.27 -3.58
N VAL A 896 -30.33 17.78 -3.79
CA VAL A 896 -31.26 18.50 -4.64
C VAL A 896 -31.69 19.79 -3.95
N ALA A 897 -31.85 19.74 -2.63
CA ALA A 897 -32.23 20.91 -1.88
C ALA A 897 -31.14 21.97 -2.06
N TYR A 898 -29.89 21.53 -1.98
CA TYR A 898 -28.77 22.45 -2.16
C TYR A 898 -28.69 22.93 -3.62
N LEU A 899 -29.00 22.02 -4.55
CA LEU A 899 -28.97 22.32 -5.98
C LEU A 899 -29.85 23.54 -6.30
N LYS A 900 -31.08 23.52 -5.78
CA LYS A 900 -32.02 24.59 -6.04
C LYS A 900 -31.57 25.96 -5.53
N THR A 901 -30.46 26.03 -4.79
CA THR A 901 -30.03 27.33 -4.31
C THR A 901 -28.90 27.87 -5.18
N LEU A 902 -28.34 27.02 -6.04
CA LEU A 902 -27.26 27.47 -6.91
C LEU A 902 -27.77 28.52 -7.86
N THR A 903 -26.93 29.50 -8.16
CA THR A 903 -27.28 30.58 -9.07
C THR A 903 -26.39 30.49 -10.29
N LYS A 904 -26.74 31.23 -11.34
CA LYS A 904 -25.95 31.23 -12.55
C LYS A 904 -24.53 31.73 -12.28
N GLU A 905 -24.40 32.67 -11.34
CA GLU A 905 -23.10 33.23 -10.98
C GLU A 905 -22.16 32.18 -10.35
N ASP A 906 -22.70 31.32 -9.50
CA ASP A 906 -21.90 30.29 -8.85
C ASP A 906 -21.25 29.39 -9.89
N ILE A 907 -22.04 28.98 -10.88
CA ILE A 907 -21.56 28.12 -11.93
C ILE A 907 -20.45 28.78 -12.74
N ILE A 908 -20.59 30.07 -12.99
CA ILE A 908 -19.57 30.79 -13.75
C ILE A 908 -18.26 30.81 -12.97
N LYS A 909 -18.35 31.07 -11.67
CA LYS A 909 -17.16 31.11 -10.83
C LYS A 909 -16.51 29.73 -10.78
N PHE A 910 -17.34 28.70 -10.61
CA PHE A 910 -16.85 27.33 -10.56
C PHE A 910 -16.05 27.04 -11.84
N TYR A 911 -16.59 27.48 -12.98
CA TYR A 911 -15.94 27.26 -14.26
C TYR A 911 -14.67 28.09 -14.42
N LYS A 912 -14.68 29.28 -13.85
CA LYS A 912 -13.53 30.18 -13.94
C LYS A 912 -12.39 29.77 -13.04
N GLU A 913 -12.69 29.12 -11.94
CA GLU A 913 -11.65 28.69 -11.01
C GLU A 913 -11.18 27.26 -11.21
N MET A 914 -12.04 26.39 -11.75
CA MET A 914 -11.66 25.00 -11.91
C MET A 914 -11.47 24.47 -13.34
N LEU A 915 -12.30 24.93 -14.25
CA LEU A 915 -12.27 24.42 -15.63
C LEU A 915 -11.71 25.30 -16.74
N ALA A 916 -11.91 26.61 -16.65
CA ALA A 916 -11.41 27.52 -17.68
C ALA A 916 -9.95 27.26 -18.01
N VAL A 917 -9.60 27.50 -19.27
CA VAL A 917 -8.25 27.27 -19.74
C VAL A 917 -7.21 28.03 -18.89
N ASP A 918 -7.59 29.17 -18.33
CA ASP A 918 -6.67 29.92 -17.49
C ASP A 918 -7.11 29.88 -16.03
N ALA A 919 -7.85 28.84 -15.68
CA ALA A 919 -8.33 28.68 -14.31
C ALA A 919 -7.12 28.46 -13.41
N PRO A 920 -7.11 29.11 -12.23
CA PRO A 920 -5.98 28.95 -11.31
C PRO A 920 -5.87 27.55 -10.70
N ARG A 921 -6.99 26.83 -10.66
CA ARG A 921 -7.00 25.48 -10.10
C ARG A 921 -7.32 24.40 -11.12
N ARG A 922 -6.94 24.63 -12.37
CA ARG A 922 -7.19 23.65 -13.41
C ARG A 922 -6.30 22.43 -13.18
N HIS A 923 -6.89 21.24 -13.21
CA HIS A 923 -6.15 19.99 -13.01
C HIS A 923 -6.50 19.09 -14.18
N LYS A 924 -5.66 19.12 -15.21
CA LYS A 924 -5.94 18.37 -16.41
C LYS A 924 -5.00 17.25 -16.85
N VAL A 925 -5.56 16.09 -17.17
CA VAL A 925 -4.74 15.02 -17.74
C VAL A 925 -5.51 14.47 -18.93
N SER A 926 -4.78 14.23 -20.00
CA SER A 926 -5.36 13.72 -21.24
C SER A 926 -4.72 12.40 -21.63
N VAL A 927 -5.55 11.48 -22.10
CA VAL A 927 -5.07 10.20 -22.57
C VAL A 927 -5.32 10.14 -24.08
N HIS A 928 -4.24 10.01 -24.85
CA HIS A 928 -4.30 9.94 -26.30
C HIS A 928 -4.05 8.53 -26.79
N VAL A 929 -5.03 7.94 -27.47
CA VAL A 929 -4.86 6.60 -28.02
C VAL A 929 -4.85 6.77 -29.53
N LEU A 930 -3.69 6.52 -30.13
CA LEU A 930 -3.52 6.68 -31.57
C LEU A 930 -4.06 5.49 -32.34
N ALA A 931 -4.42 5.75 -33.59
CA ALA A 931 -4.94 4.73 -34.48
C ALA A 931 -3.82 3.79 -34.91
N ARG A 932 -4.19 2.58 -35.31
CA ARG A 932 -3.26 1.56 -35.75
C ARG A 932 -2.24 2.08 -36.77
N GLU A 933 -2.73 2.69 -37.83
CA GLU A 933 -1.88 3.20 -38.90
C GLU A 933 -1.07 4.46 -38.57
N MET A 934 -1.20 4.96 -37.34
CA MET A 934 -0.44 6.14 -36.94
C MET A 934 0.86 5.75 -36.24
N ASP A 935 1.99 6.14 -36.82
CA ASP A 935 3.30 5.82 -36.27
C ASP A 935 3.69 6.76 -35.13
N SER A 936 3.23 8.00 -35.22
CA SER A 936 3.54 9.01 -34.21
C SER A 936 2.46 10.08 -34.25
N CYS A 937 2.52 11.02 -33.32
CA CYS A 937 1.55 12.11 -33.25
C CYS A 937 1.91 13.08 -32.13
N PRO A 938 1.83 14.39 -32.42
CA PRO A 938 2.15 15.40 -31.40
C PRO A 938 1.12 15.38 -30.28
N VAL A 939 1.49 15.89 -29.12
CA VAL A 939 0.59 15.90 -27.98
C VAL A 939 -0.12 17.24 -27.79
N VAL A 940 0.14 18.18 -28.71
CA VAL A 940 -0.46 19.52 -28.66
C VAL A 940 -0.43 20.13 -30.05
N GLY A 941 -1.45 20.92 -30.38
CA GLY A 941 -1.50 21.54 -31.70
C GLY A 941 -1.88 23.01 -31.63
N ASN A 950 -17.76 28.57 -40.17
CA ASN A 950 -16.56 27.83 -39.85
C ASN A 950 -16.66 27.24 -38.45
N LEU A 951 -15.54 26.77 -37.92
CA LEU A 951 -15.49 26.18 -36.59
C LEU A 951 -15.19 27.24 -35.55
N SER A 952 -15.71 27.06 -34.34
CA SER A 952 -15.45 28.01 -33.27
C SER A 952 -13.95 28.06 -33.08
N GLN A 953 -13.47 29.15 -32.52
CA GLN A 953 -12.05 29.33 -32.31
C GLN A 953 -11.48 28.61 -31.09
N ALA A 954 -10.45 27.79 -31.31
CA ALA A 954 -9.82 27.07 -30.22
C ALA A 954 -8.73 27.91 -29.56
N PRO A 955 -8.68 27.90 -28.22
CA PRO A 955 -7.68 28.68 -27.47
C PRO A 955 -6.30 28.07 -27.57
N ALA A 956 -5.28 28.86 -27.24
CA ALA A 956 -3.90 28.39 -27.26
C ALA A 956 -3.66 27.64 -25.95
N LEU A 957 -3.01 26.49 -26.04
CA LEU A 957 -2.75 25.69 -24.85
C LEU A 957 -1.28 25.62 -24.48
N PRO A 958 -1.01 25.36 -23.20
CA PRO A 958 0.36 25.25 -22.69
C PRO A 958 1.01 23.98 -23.19
N GLN A 959 2.30 23.84 -22.88
CA GLN A 959 3.06 22.66 -23.26
C GLN A 959 2.80 21.65 -22.14
N PRO A 960 2.22 20.49 -22.47
CA PRO A 960 1.93 19.47 -21.45
C PRO A 960 3.16 18.66 -21.09
N GLU A 961 3.12 18.06 -19.91
CA GLU A 961 4.20 17.21 -19.47
C GLU A 961 3.81 15.82 -19.94
N VAL A 962 4.64 15.22 -20.78
CA VAL A 962 4.36 13.89 -21.28
C VAL A 962 4.75 12.82 -20.27
N ILE A 963 3.78 12.02 -19.87
CA ILE A 963 4.00 10.93 -18.92
C ILE A 963 4.64 9.78 -19.69
N GLN A 964 5.81 9.32 -19.23
CA GLN A 964 6.49 8.23 -19.91
C GLN A 964 6.45 6.95 -19.08
N ASN A 965 6.15 7.10 -17.80
CA ASN A 965 6.09 5.96 -16.89
C ASN A 965 5.03 6.24 -15.83
N MET A 966 3.99 5.43 -15.82
CA MET A 966 2.89 5.62 -14.87
C MET A 966 3.33 5.57 -13.41
N THR A 967 4.27 4.70 -13.11
CA THR A 967 4.77 4.58 -11.74
C THR A 967 5.43 5.88 -11.33
N GLU A 968 6.37 6.36 -12.15
CA GLU A 968 7.06 7.62 -11.87
C GLU A 968 6.05 8.74 -11.68
N PHE A 969 5.06 8.78 -12.57
CA PHE A 969 4.01 9.80 -12.51
C PHE A 969 3.32 9.84 -11.15
N LYS A 970 2.80 8.71 -10.70
CA LYS A 970 2.10 8.66 -9.41
C LYS A 970 3.02 9.02 -8.25
N ARG A 971 4.22 8.47 -8.27
CA ARG A 971 5.19 8.73 -7.22
C ARG A 971 5.51 10.22 -7.05
N GLY A 972 5.61 10.93 -8.17
CA GLY A 972 5.93 12.35 -8.12
C GLY A 972 4.78 13.27 -7.73
N LEU A 973 3.64 12.68 -7.37
CA LEU A 973 2.49 13.49 -6.99
C LEU A 973 1.90 13.06 -5.65
N PRO A 974 1.24 13.99 -4.96
CA PRO A 974 0.64 13.65 -3.66
C PRO A 974 -0.68 12.90 -3.90
N LEU A 975 -1.22 12.31 -2.84
CA LEU A 975 -2.48 11.58 -2.95
C LEU A 975 -3.55 12.24 -2.11
N PHE A 976 -4.76 12.31 -2.66
CA PHE A 976 -5.90 12.90 -1.96
C PHE A 976 -6.22 12.08 -0.72
N PRO A 977 -6.89 12.67 0.27
CA PRO A 977 -7.24 11.89 1.45
C PRO A 977 -8.53 11.14 1.07
N LEU A 978 -9.01 10.28 1.95
CA LEU A 978 -10.24 9.55 1.69
C LEU A 978 -11.41 10.35 2.25
N VAL A 979 -12.58 10.24 1.61
CA VAL A 979 -13.77 10.95 2.07
C VAL A 979 -14.20 10.45 3.44
N LYS A 980 -14.70 11.35 4.28
CA LYS A 980 -15.16 10.96 5.61
C LYS A 980 -16.57 10.39 5.55
N PRO A 981 -16.83 9.31 6.30
CA PRO A 981 -18.13 8.65 6.33
C PRO A 981 -19.22 9.47 7.03
N HIS A 982 -20.40 9.50 6.42
CA HIS A 982 -21.55 10.21 6.99
C HIS A 982 -22.05 9.35 8.16
N ILE A 983 -21.68 9.74 9.37
CA ILE A 983 -22.06 8.98 10.57
C ILE A 983 -23.49 8.45 10.58
N ASN A 984 -23.62 7.14 10.77
CA ASN A 984 -24.92 6.45 10.82
C ASN A 984 -25.03 5.61 12.09
N PHE A 985 -25.31 6.29 13.21
CA PHE A 985 -25.45 5.64 14.51
C PHE A 985 -26.55 4.59 14.57
N MET A 986 -26.21 3.42 15.14
CA MET A 986 -27.13 2.31 15.31
C MET A 986 -26.42 1.17 16.03
N ALA A 987 -27.20 0.19 16.49
CA ALA A 987 -26.65 -0.96 17.21
C ALA A 987 -25.65 -1.75 16.36
N ASN B 15 63.23 22.58 27.73
CA ASN B 15 62.21 23.43 28.39
C ASN B 15 61.97 22.92 29.81
N PRO B 16 62.03 23.82 30.80
CA PRO B 16 61.82 23.43 32.20
C PRO B 16 60.37 23.07 32.49
N ALA B 17 59.49 23.42 31.56
CA ALA B 17 58.06 23.11 31.71
C ALA B 17 57.80 21.66 31.36
N ILE B 18 58.76 21.03 30.69
CA ILE B 18 58.63 19.64 30.27
C ILE B 18 59.57 18.74 31.05
N LYS B 19 59.02 17.79 31.80
CA LYS B 19 59.85 16.87 32.56
C LYS B 19 60.58 15.89 31.66
N ARG B 20 59.88 15.36 30.65
CA ARG B 20 60.51 14.42 29.74
C ARG B 20 59.67 14.24 28.48
N ILE B 21 60.36 13.91 27.39
CA ILE B 21 59.71 13.66 26.12
C ILE B 21 60.00 12.20 25.83
N GLY B 22 58.93 11.39 25.82
CA GLY B 22 59.08 9.98 25.58
C GLY B 22 59.75 9.63 24.26
N ASN B 23 60.05 8.35 24.11
CA ASN B 23 60.67 7.87 22.88
C ASN B 23 59.59 7.68 21.82
N HIS B 24 59.97 7.12 20.68
CA HIS B 24 59.05 6.86 19.59
C HIS B 24 57.74 6.22 20.08
N ILE B 25 56.60 6.79 19.70
CA ILE B 25 55.33 6.23 20.12
C ILE B 25 55.01 5.14 19.12
N THR B 26 54.99 3.89 19.57
CA THR B 26 54.73 2.78 18.65
C THR B 26 53.33 2.85 18.04
N LYS B 27 53.28 2.89 16.72
CA LYS B 27 52.01 2.95 15.98
C LYS B 27 51.96 1.93 14.83
N SER B 28 50.82 1.88 14.16
CA SER B 28 50.67 0.98 13.04
C SER B 28 51.34 1.58 11.82
N PRO B 29 52.01 0.76 10.99
CA PRO B 29 52.67 1.28 9.79
C PRO B 29 51.66 1.89 8.83
N GLU B 30 50.38 1.60 9.05
CA GLU B 30 49.30 2.13 8.22
C GLU B 30 48.85 3.49 8.74
N ASP B 31 49.25 3.84 9.96
CA ASP B 31 48.86 5.11 10.58
C ASP B 31 49.76 6.26 10.14
N LYS B 32 49.21 7.14 9.32
CA LYS B 32 49.95 8.29 8.80
C LYS B 32 50.00 9.47 9.79
N ARG B 33 49.28 9.35 10.91
CA ARG B 33 49.30 10.42 11.91
C ARG B 33 50.64 10.35 12.64
N GLU B 34 51.13 11.49 13.11
CA GLU B 34 52.41 11.50 13.84
C GLU B 34 52.13 11.73 15.31
N TYR B 35 52.91 11.08 16.17
CA TYR B 35 52.70 11.18 17.60
C TYR B 35 53.93 11.59 18.40
N ARG B 36 53.64 12.21 19.54
CA ARG B 36 54.67 12.62 20.46
C ARG B 36 54.12 12.56 21.87
N GLY B 37 54.75 11.76 22.71
CA GLY B 37 54.32 11.66 24.09
C GLY B 37 55.27 12.46 24.95
N LEU B 38 54.78 12.98 26.07
CA LEU B 38 55.64 13.74 26.97
C LEU B 38 54.97 13.89 28.33
N GLU B 39 55.74 14.37 29.29
CA GLU B 39 55.21 14.59 30.62
C GLU B 39 55.65 15.99 31.03
N LEU B 40 54.68 16.80 31.43
CA LEU B 40 54.96 18.17 31.85
C LEU B 40 55.57 18.18 33.25
N ALA B 41 56.25 19.27 33.59
CA ALA B 41 56.87 19.41 34.90
C ALA B 41 55.88 19.19 36.04
N ASN B 42 54.63 19.63 35.85
CA ASN B 42 53.62 19.45 36.88
C ASN B 42 53.11 18.01 36.92
N GLY B 43 53.67 17.15 36.08
CA GLY B 43 53.26 15.76 36.10
C GLY B 43 52.11 15.33 35.21
N ILE B 44 51.65 16.20 34.32
CA ILE B 44 50.55 15.83 33.42
C ILE B 44 51.10 15.01 32.26
N LYS B 45 50.55 13.81 32.07
CA LYS B 45 50.98 12.95 30.98
C LYS B 45 50.26 13.46 29.73
N VAL B 46 51.00 13.61 28.64
CA VAL B 46 50.41 14.14 27.41
C VAL B 46 50.75 13.33 26.16
N LEU B 47 49.80 13.29 25.23
CA LEU B 47 50.02 12.61 23.96
C LEU B 47 49.50 13.57 22.90
N LEU B 48 50.39 13.99 22.01
CA LEU B 48 50.04 14.91 20.95
C LEU B 48 49.92 14.15 19.65
N ILE B 49 48.94 14.52 18.85
CA ILE B 49 48.70 13.83 17.59
C ILE B 49 48.56 14.89 16.47
N SER B 50 49.43 14.85 15.45
CA SER B 50 49.31 15.81 14.35
C SER B 50 48.78 15.09 13.11
N ASP B 51 47.73 15.64 12.54
CA ASP B 51 47.10 15.09 11.35
C ASP B 51 46.78 16.30 10.48
N PRO B 52 47.67 16.64 9.53
CA PRO B 52 47.50 17.77 8.62
C PRO B 52 46.25 17.69 7.74
N THR B 53 45.60 16.53 7.69
CA THR B 53 44.42 16.38 6.87
C THR B 53 43.11 16.44 7.64
N THR B 54 43.18 16.41 8.98
CA THR B 54 41.95 16.41 9.77
C THR B 54 41.11 17.67 9.60
N ASP B 55 39.80 17.50 9.47
CA ASP B 55 38.89 18.63 9.32
C ASP B 55 38.56 19.17 10.71
N LYS B 56 38.43 18.27 11.67
CA LYS B 56 38.15 18.69 13.03
C LYS B 56 39.30 18.34 13.95
N SER B 57 39.65 19.28 14.82
CA SER B 57 40.71 19.03 15.78
C SER B 57 40.04 18.63 17.09
N SER B 58 40.79 18.02 17.99
CA SER B 58 40.20 17.54 19.22
C SER B 58 41.16 17.50 20.39
N ALA B 59 40.59 17.50 21.59
CA ALA B 59 41.39 17.41 22.80
C ALA B 59 40.54 16.78 23.89
N ALA B 60 41.22 16.15 24.83
CA ALA B 60 40.55 15.52 25.96
C ALA B 60 41.49 15.53 27.17
N LEU B 61 40.90 15.60 28.36
CA LEU B 61 41.67 15.57 29.60
C LEU B 61 40.95 14.61 30.54
N ASP B 62 41.71 13.69 31.10
CA ASP B 62 41.15 12.71 32.01
C ASP B 62 41.78 12.89 33.39
N VAL B 63 40.94 13.14 34.38
CA VAL B 63 41.41 13.32 35.75
C VAL B 63 41.19 11.96 36.39
N HIS B 64 42.21 11.42 37.04
CA HIS B 64 42.08 10.10 37.64
C HIS B 64 41.38 10.08 38.99
N ILE B 65 40.22 10.72 39.06
CA ILE B 65 39.41 10.75 40.28
C ILE B 65 37.98 10.60 39.79
N GLY B 66 37.16 9.87 40.56
CA GLY B 66 35.78 9.68 40.17
C GLY B 66 34.87 9.59 41.37
N SER B 67 33.63 9.16 41.15
CA SER B 67 32.64 9.06 42.22
C SER B 67 33.06 8.26 43.44
N LEU B 68 34.01 7.33 43.27
CA LEU B 68 34.49 6.54 44.40
C LEU B 68 35.16 7.44 45.45
N SER B 69 35.55 8.64 45.04
CA SER B 69 36.18 9.58 45.96
C SER B 69 35.19 10.63 46.45
N ASP B 70 33.90 10.41 46.20
CA ASP B 70 32.90 11.36 46.68
C ASP B 70 32.90 11.40 48.21
N PRO B 71 32.63 12.58 48.79
CA PRO B 71 32.59 12.63 50.25
C PRO B 71 31.40 11.79 50.68
N PRO B 72 31.56 11.00 51.76
CA PRO B 72 30.50 10.14 52.28
C PRO B 72 29.17 10.85 52.51
N ASN B 73 29.23 12.14 52.81
CA ASN B 73 28.01 12.91 53.07
C ASN B 73 27.45 13.65 51.87
N ILE B 74 28.07 13.53 50.70
CA ILE B 74 27.58 14.20 49.51
C ILE B 74 27.75 13.31 48.27
N ALA B 75 26.92 12.29 48.19
CA ALA B 75 26.98 11.36 47.07
C ALA B 75 26.72 12.10 45.76
N GLY B 76 27.57 11.84 44.76
CA GLY B 76 27.41 12.47 43.46
C GLY B 76 28.19 13.77 43.27
N LEU B 77 29.01 14.15 44.24
CA LEU B 77 29.75 15.40 44.13
C LEU B 77 30.71 15.46 42.93
N SER B 78 31.42 14.38 42.66
CA SER B 78 32.35 14.39 41.54
C SER B 78 31.59 14.54 40.21
N HIS B 79 30.43 13.88 40.11
CA HIS B 79 29.64 13.98 38.89
C HIS B 79 29.07 15.39 38.78
N PHE B 80 28.69 15.98 39.91
CA PHE B 80 28.14 17.33 39.90
C PHE B 80 29.22 18.31 39.53
N CYS B 81 30.45 18.04 39.98
CA CYS B 81 31.56 18.90 39.66
C CYS B 81 31.77 18.87 38.14
N GLN B 82 31.66 17.68 37.55
CA GLN B 82 31.81 17.51 36.11
C GLN B 82 30.83 18.40 35.34
N HIS B 83 29.56 18.37 35.74
CA HIS B 83 28.55 19.21 35.10
C HIS B 83 28.88 20.70 35.25
N MET B 84 29.21 21.09 36.47
CA MET B 84 29.51 22.49 36.77
C MET B 84 30.69 23.11 36.02
N LEU B 85 31.70 22.33 35.66
CA LEU B 85 32.84 22.90 34.96
C LEU B 85 32.52 23.53 33.60
N PHE B 86 31.40 23.15 33.01
CA PHE B 86 31.01 23.70 31.72
C PHE B 86 30.31 25.05 31.89
N LEU B 87 29.94 25.37 33.13
CA LEU B 87 29.19 26.58 33.42
C LEU B 87 29.92 27.89 33.70
N GLY B 88 31.18 27.99 33.28
CA GLY B 88 31.91 29.22 33.48
C GLY B 88 33.20 29.21 34.31
N THR B 89 34.17 29.99 33.88
CA THR B 89 35.44 30.11 34.60
C THR B 89 35.76 31.59 34.78
N LYS B 90 36.72 31.90 35.64
CA LYS B 90 37.10 33.29 35.88
C LYS B 90 37.54 33.96 34.59
N LYS B 91 38.26 33.21 33.76
CA LYS B 91 38.77 33.73 32.50
C LYS B 91 37.67 33.87 31.46
N TYR B 92 36.69 32.98 31.50
CA TYR B 92 35.56 33.00 30.57
C TYR B 92 34.31 32.75 31.40
N PRO B 93 33.82 33.81 32.09
CA PRO B 93 32.63 33.78 32.95
C PRO B 93 31.26 33.43 32.36
N LYS B 94 31.03 33.70 31.08
CA LYS B 94 29.74 33.40 30.45
C LYS B 94 29.42 31.91 30.67
N GLU B 95 28.28 31.59 31.27
CA GLU B 95 27.93 30.20 31.54
C GLU B 95 27.91 29.28 30.31
N ASN B 96 27.75 29.85 29.11
CA ASN B 96 27.75 29.02 27.93
C ASN B 96 28.83 29.46 26.94
N GLU B 97 29.83 30.17 27.42
CA GLU B 97 30.93 30.61 26.54
C GLU B 97 31.54 29.42 25.82
N TYR B 98 31.82 28.37 26.60
CA TYR B 98 32.43 27.16 26.07
C TYR B 98 31.57 26.51 24.99
N SER B 99 30.35 26.12 25.35
CA SER B 99 29.45 25.48 24.40
C SER B 99 29.15 26.37 23.19
N GLN B 100 28.92 27.66 23.44
CA GLN B 100 28.64 28.57 22.34
C GLN B 100 29.81 28.68 21.38
N PHE B 101 31.02 28.71 21.91
CA PHE B 101 32.19 28.82 21.06
C PHE B 101 32.32 27.59 20.16
N LEU B 102 32.12 26.41 20.74
CA LEU B 102 32.22 25.17 19.98
C LEU B 102 31.16 25.12 18.89
N SER B 103 29.93 25.43 19.25
CA SER B 103 28.82 25.42 18.30
C SER B 103 29.07 26.31 17.09
N GLU B 104 29.57 27.52 17.34
CA GLU B 104 29.86 28.47 16.26
C GLU B 104 31.09 28.09 15.46
N HIS B 105 31.80 27.07 15.91
CA HIS B 105 32.98 26.63 15.17
C HIS B 105 32.96 25.16 14.83
N ALA B 106 31.75 24.66 14.55
CA ALA B 106 31.53 23.27 14.14
C ALA B 106 32.05 22.24 15.13
N GLY B 107 32.02 22.58 16.41
CA GLY B 107 32.51 21.67 17.43
C GLY B 107 31.42 21.02 18.26
N SER B 108 31.85 20.22 19.22
CA SER B 108 30.92 19.53 20.10
C SER B 108 31.70 19.09 21.32
N SER B 109 30.99 18.73 22.38
CA SER B 109 31.67 18.32 23.59
C SER B 109 30.78 17.48 24.48
N ASN B 110 31.42 16.73 25.37
CA ASN B 110 30.70 15.94 26.35
C ASN B 110 31.71 15.51 27.40
N ALA B 111 31.24 14.78 28.40
CA ALA B 111 32.10 14.32 29.46
C ALA B 111 31.38 13.22 30.24
N PHE B 112 32.15 12.40 30.92
CA PHE B 112 31.56 11.35 31.73
C PHE B 112 32.31 11.18 33.03
N THR B 113 31.61 10.62 34.01
CA THR B 113 32.20 10.34 35.30
C THR B 113 32.05 8.87 35.64
N SER B 114 33.15 8.21 35.98
CA SER B 114 33.13 6.81 36.38
C SER B 114 33.64 6.79 37.82
N GLY B 115 33.92 5.60 38.35
CA GLY B 115 34.39 5.52 39.72
C GLY B 115 35.75 6.15 39.98
N GLU B 116 36.68 6.01 39.04
CA GLU B 116 38.02 6.56 39.21
C GLU B 116 38.41 7.59 38.17
N HIS B 117 37.48 7.96 37.30
CA HIS B 117 37.79 8.92 36.26
C HIS B 117 36.70 9.93 35.95
N THR B 118 37.12 11.08 35.43
CA THR B 118 36.24 12.13 35.00
C THR B 118 36.93 12.54 33.71
N ASN B 119 36.29 12.26 32.58
CA ASN B 119 36.86 12.51 31.26
C ASN B 119 36.12 13.61 30.53
N TYR B 120 36.86 14.64 30.10
CA TYR B 120 36.28 15.79 29.40
C TYR B 120 36.86 15.86 28.00
N TYR B 121 36.02 16.10 27.00
CA TYR B 121 36.50 16.14 25.64
C TYR B 121 35.66 16.97 24.69
N PHE B 122 36.29 17.37 23.58
CA PHE B 122 35.60 18.14 22.57
C PHE B 122 36.30 18.02 21.23
N ASP B 123 35.62 18.44 20.17
CA ASP B 123 36.22 18.53 18.85
C ASP B 123 35.80 19.90 18.34
N VAL B 124 36.45 20.37 17.28
CA VAL B 124 36.11 21.69 16.75
C VAL B 124 36.82 21.86 15.41
N SER B 125 36.38 22.84 14.63
CA SER B 125 37.01 23.12 13.34
C SER B 125 38.51 23.21 13.61
N HIS B 126 39.31 22.57 12.77
CA HIS B 126 40.76 22.54 12.96
C HIS B 126 41.44 23.90 13.09
N GLU B 127 40.86 24.94 12.51
CA GLU B 127 41.47 26.26 12.61
C GLU B 127 41.15 27.01 13.91
N HIS B 128 40.34 26.41 14.78
CA HIS B 128 39.99 27.06 16.04
C HIS B 128 40.31 26.20 17.26
N LEU B 129 41.35 25.38 17.13
CA LEU B 129 41.78 24.48 18.19
C LEU B 129 42.23 25.26 19.44
N GLU B 130 43.11 26.23 19.24
CA GLU B 130 43.63 27.00 20.36
C GLU B 130 42.51 27.72 21.13
N GLY B 131 41.61 28.38 20.42
CA GLY B 131 40.54 29.07 21.10
C GLY B 131 39.72 28.11 21.94
N ALA B 132 39.46 26.92 21.40
CA ALA B 132 38.70 25.91 22.13
C ALA B 132 39.49 25.36 23.31
N LEU B 133 40.76 25.07 23.08
CA LEU B 133 41.61 24.50 24.13
C LEU B 133 41.79 25.47 25.28
N ASP B 134 41.98 26.75 24.95
CA ASP B 134 42.16 27.79 25.97
C ASP B 134 40.95 27.80 26.91
N ARG B 135 39.75 27.83 26.34
CA ARG B 135 38.54 27.85 27.16
C ARG B 135 38.41 26.55 27.94
N PHE B 136 38.78 25.44 27.30
CA PHE B 136 38.72 24.12 27.92
C PHE B 136 39.68 24.01 29.11
N ALA B 137 40.91 24.49 28.93
CA ALA B 137 41.90 24.43 30.00
C ALA B 137 41.46 25.10 31.30
N GLN B 138 40.70 26.19 31.18
CA GLN B 138 40.24 26.92 32.36
C GLN B 138 39.42 26.07 33.31
N PHE B 139 38.75 25.05 32.78
CA PHE B 139 37.95 24.14 33.60
C PHE B 139 38.78 23.58 34.76
N PHE B 140 40.06 23.34 34.49
CA PHE B 140 40.96 22.74 35.47
C PHE B 140 41.89 23.76 36.12
N LEU B 141 41.58 25.03 35.94
CA LEU B 141 42.38 26.11 36.48
C LEU B 141 41.60 27.10 37.35
N CYS B 142 40.47 27.58 36.83
CA CYS B 142 39.69 28.56 37.57
C CYS B 142 38.18 28.45 37.38
N PRO B 143 37.59 27.28 37.71
CA PRO B 143 36.14 27.16 37.55
C PRO B 143 35.44 28.17 38.47
N LEU B 144 34.26 28.61 38.05
CA LEU B 144 33.50 29.58 38.82
C LEU B 144 32.57 28.96 39.86
N PHE B 145 31.93 27.86 39.50
CA PHE B 145 30.99 27.20 40.40
C PHE B 145 29.97 28.25 40.87
N ASP B 146 29.50 29.07 39.93
CA ASP B 146 28.53 30.12 40.22
C ASP B 146 27.35 29.59 41.01
N GLU B 147 26.97 30.35 42.04
CA GLU B 147 25.86 29.96 42.91
C GLU B 147 24.57 29.75 42.14
N SER B 148 24.26 30.65 41.22
CA SER B 148 23.05 30.56 40.42
C SER B 148 23.07 29.33 39.50
N CYS B 149 24.20 29.09 38.85
CA CYS B 149 24.33 27.94 37.97
C CYS B 149 24.18 26.67 38.79
N LYS B 150 24.72 26.66 40.00
CA LYS B 150 24.64 25.49 40.87
C LYS B 150 23.19 25.12 41.21
N ASP B 151 22.41 26.12 41.64
CA ASP B 151 21.01 25.87 41.99
C ASP B 151 20.23 25.32 40.80
N ARG B 152 20.57 25.77 39.61
CA ARG B 152 19.88 25.30 38.41
C ARG B 152 20.39 23.94 37.93
N GLU B 153 21.70 23.82 37.72
CA GLU B 153 22.28 22.57 37.20
C GLU B 153 21.99 21.35 38.07
N VAL B 154 21.69 21.58 39.34
CA VAL B 154 21.38 20.46 40.22
C VAL B 154 20.15 19.71 39.70
N ASN B 155 19.27 20.42 38.99
CA ASN B 155 18.06 19.79 38.45
C ASN B 155 18.40 18.86 37.28
N ALA B 156 19.42 19.22 36.50
CA ALA B 156 19.81 18.39 35.36
C ALA B 156 20.29 17.04 35.88
N VAL B 157 21.11 17.06 36.93
CA VAL B 157 21.63 15.83 37.53
C VAL B 157 20.47 14.99 38.07
N ASP B 158 19.51 15.66 38.70
CA ASP B 158 18.37 14.94 39.26
C ASP B 158 17.57 14.27 38.15
N SER B 159 17.45 14.96 37.02
CA SER B 159 16.72 14.47 35.87
C SER B 159 17.45 13.28 35.22
N GLU B 160 18.78 13.33 35.26
CA GLU B 160 19.60 12.25 34.71
C GLU B 160 19.37 10.97 35.52
N HIS B 161 19.35 11.10 36.85
CA HIS B 161 19.12 9.96 37.71
C HIS B 161 17.69 9.46 37.57
N GLU B 162 16.78 10.41 37.48
CA GLU B 162 15.36 10.10 37.35
C GLU B 162 15.12 9.15 36.19
N LYS B 163 15.74 9.42 35.05
CA LYS B 163 15.56 8.58 33.88
C LYS B 163 16.12 7.17 34.09
N ASN B 164 17.13 7.04 34.95
CA ASN B 164 17.74 5.74 35.22
C ASN B 164 17.02 4.91 36.27
N VAL B 165 16.21 5.57 37.10
CA VAL B 165 15.51 4.88 38.17
C VAL B 165 14.80 3.60 37.78
N MET B 166 14.04 3.64 36.69
CA MET B 166 13.29 2.47 36.25
C MET B 166 14.07 1.63 35.24
N ASN B 167 15.34 1.94 35.06
CA ASN B 167 16.18 1.19 34.13
C ASN B 167 16.76 -0.04 34.82
N ASP B 168 16.44 -1.22 34.30
CA ASP B 168 16.92 -2.47 34.88
C ASP B 168 18.43 -2.59 35.04
N ALA B 169 19.17 -2.09 34.05
CA ALA B 169 20.63 -2.16 34.10
C ALA B 169 21.16 -1.31 35.26
N TRP B 170 20.68 -0.07 35.37
CA TRP B 170 21.16 0.79 36.45
C TRP B 170 20.77 0.25 37.83
N ARG B 171 19.59 -0.34 37.94
CA ARG B 171 19.12 -0.88 39.22
C ARG B 171 20.04 -2.02 39.65
N LEU B 172 20.45 -2.86 38.71
CA LEU B 172 21.34 -3.98 39.01
C LEU B 172 22.75 -3.49 39.31
N PHE B 173 23.18 -2.47 38.58
CA PHE B 173 24.51 -1.91 38.79
C PHE B 173 24.65 -1.44 40.24
N GLN B 174 23.65 -0.69 40.72
CA GLN B 174 23.71 -0.17 42.09
C GLN B 174 23.41 -1.27 43.12
N LEU B 175 22.59 -2.25 42.75
CA LEU B 175 22.24 -3.33 43.66
C LEU B 175 23.49 -4.14 44.04
N GLU B 176 24.34 -4.43 43.05
CA GLU B 176 25.56 -5.18 43.33
C GLU B 176 26.40 -4.41 44.33
N LYS B 177 26.41 -3.09 44.18
CA LYS B 177 27.18 -2.24 45.09
C LYS B 177 26.63 -2.25 46.52
N ALA B 178 25.30 -2.25 46.65
CA ALA B 178 24.64 -2.22 47.96
C ALA B 178 24.69 -3.58 48.61
N THR B 179 25.16 -4.55 47.86
CA THR B 179 25.19 -5.90 48.33
C THR B 179 26.58 -6.35 48.80
N GLY B 180 27.56 -5.46 48.72
CA GLY B 180 28.89 -5.79 49.17
C GLY B 180 29.13 -5.09 50.51
N ASN B 181 30.39 -4.96 50.91
CA ASN B 181 30.73 -4.30 52.16
C ASN B 181 30.28 -2.84 52.11
N PRO B 182 29.33 -2.46 52.98
CA PRO B 182 28.81 -1.09 53.04
C PRO B 182 29.89 -0.06 53.40
N LYS B 183 30.97 -0.53 54.02
CA LYS B 183 32.07 0.35 54.42
C LYS B 183 32.98 0.66 53.22
N HIS B 184 32.91 -0.18 52.19
CA HIS B 184 33.75 -0.01 51.01
C HIS B 184 33.17 1.08 50.09
N PRO B 185 34.03 1.98 49.59
CA PRO B 185 33.62 3.07 48.70
C PRO B 185 32.80 2.56 47.50
N PHE B 186 32.97 1.29 47.16
CA PHE B 186 32.26 0.65 46.07
C PHE B 186 30.74 0.72 46.25
N SER B 187 30.31 0.87 47.50
CA SER B 187 28.87 0.93 47.78
C SER B 187 28.27 2.29 47.51
N LYS B 188 29.12 3.27 47.21
CA LYS B 188 28.64 4.63 46.94
C LYS B 188 27.73 4.79 45.74
N PHE B 189 26.82 5.75 45.86
CA PHE B 189 25.87 6.10 44.81
C PHE B 189 26.57 7.25 44.07
N GLY B 190 26.99 6.99 42.84
CA GLY B 190 27.72 7.99 42.10
C GLY B 190 26.97 9.04 41.30
N THR B 191 25.74 8.75 40.91
CA THR B 191 25.00 9.71 40.12
C THR B 191 24.62 10.96 40.90
N GLY B 192 24.08 10.76 42.09
CA GLY B 192 23.65 11.90 42.89
C GLY B 192 22.31 12.37 42.35
N ASN B 193 21.63 13.24 43.09
CA ASN B 193 20.35 13.79 42.68
C ASN B 193 20.06 15.04 43.50
N LYS B 194 18.88 15.62 43.33
CA LYS B 194 18.55 16.85 44.06
C LYS B 194 18.65 16.64 45.56
N TYR B 195 18.20 15.49 46.03
CA TYR B 195 18.25 15.15 47.44
C TYR B 195 19.69 15.15 47.99
N THR B 196 20.60 14.45 47.31
CA THR B 196 21.99 14.37 47.77
C THR B 196 22.83 15.61 47.48
N LEU B 197 22.45 16.36 46.46
CA LEU B 197 23.23 17.53 46.06
C LEU B 197 22.67 18.87 46.52
N GLU B 198 21.43 18.88 47.00
CA GLU B 198 20.82 20.14 47.43
C GLU B 198 20.09 20.03 48.76
N THR B 199 18.97 19.33 48.73
CA THR B 199 18.13 19.15 49.91
C THR B 199 18.93 18.78 51.15
N ARG B 200 19.37 17.52 51.21
CA ARG B 200 20.14 17.01 52.32
C ARG B 200 21.25 17.97 52.75
N PRO B 201 22.08 18.42 51.78
CA PRO B 201 23.16 19.35 52.13
C PRO B 201 22.67 20.58 52.88
N ASN B 202 21.52 21.11 52.49
CA ASN B 202 20.97 22.28 53.17
C ASN B 202 20.55 21.91 54.59
N GLN B 203 19.95 20.74 54.75
CA GLN B 203 19.52 20.26 56.06
C GLN B 203 20.72 20.02 56.97
N GLU B 204 21.93 20.16 56.44
CA GLU B 204 23.12 19.93 57.24
C GLU B 204 24.05 21.14 57.16
N GLY B 205 23.49 22.28 56.78
CA GLY B 205 24.24 23.52 56.71
C GLY B 205 25.45 23.54 55.78
N ILE B 206 25.45 22.66 54.78
CA ILE B 206 26.56 22.57 53.84
C ILE B 206 26.44 23.53 52.67
N ASP B 207 27.50 24.31 52.45
CA ASP B 207 27.57 25.26 51.34
C ASP B 207 28.13 24.47 50.15
N VAL B 208 27.25 23.87 49.36
CA VAL B 208 27.67 23.05 48.21
C VAL B 208 28.70 23.74 47.32
N ARG B 209 28.57 25.04 47.10
CA ARG B 209 29.54 25.73 46.26
C ARG B 209 30.94 25.51 46.83
N GLN B 210 31.12 25.80 48.11
CA GLN B 210 32.40 25.62 48.78
C GLN B 210 32.87 24.17 48.69
N GLU B 211 31.93 23.23 48.79
CA GLU B 211 32.30 21.81 48.72
C GLU B 211 32.85 21.48 47.32
N LEU B 212 32.28 22.09 46.29
CA LEU B 212 32.76 21.89 44.93
C LEU B 212 34.14 22.52 44.81
N LEU B 213 34.31 23.72 45.35
CA LEU B 213 35.59 24.39 45.26
C LEU B 213 36.67 23.58 45.98
N LYS B 214 36.35 22.96 47.10
CA LYS B 214 37.38 22.19 47.78
C LYS B 214 37.63 20.83 47.15
N PHE B 215 36.59 20.21 46.61
CA PHE B 215 36.77 18.92 45.96
C PHE B 215 37.68 19.12 44.74
N HIS B 216 37.40 20.18 43.98
CA HIS B 216 38.17 20.51 42.77
C HIS B 216 39.60 20.86 43.14
N SER B 217 39.74 21.66 44.19
CA SER B 217 41.04 22.08 44.66
C SER B 217 41.84 20.91 45.21
N ALA B 218 41.15 19.95 45.82
CA ALA B 218 41.78 18.79 46.40
C ALA B 218 42.18 17.70 45.41
N TYR B 219 41.31 17.39 44.45
CA TYR B 219 41.60 16.32 43.50
C TYR B 219 42.02 16.69 42.09
N TYR B 220 41.63 17.87 41.62
CA TYR B 220 42.03 18.26 40.29
C TYR B 220 43.47 18.74 40.33
N SER B 221 44.36 17.80 40.61
CA SER B 221 45.79 18.06 40.67
C SER B 221 46.44 17.56 39.39
N SER B 222 47.35 18.35 38.85
CA SER B 222 48.06 18.00 37.63
C SER B 222 48.68 16.60 37.67
N ASN B 223 49.07 16.13 38.85
CA ASN B 223 49.71 14.81 38.94
C ASN B 223 48.76 13.66 38.62
N LEU B 224 47.46 13.94 38.63
CA LEU B 224 46.46 12.93 38.33
C LEU B 224 45.77 13.21 37.01
N MET B 225 46.39 14.02 36.15
CA MET B 225 45.79 14.37 34.86
C MET B 225 46.56 13.86 33.64
N ALA B 226 45.80 13.52 32.60
CA ALA B 226 46.36 13.05 31.34
C ALA B 226 45.59 13.78 30.22
N VAL B 227 46.34 14.27 29.24
CA VAL B 227 45.78 15.02 28.14
C VAL B 227 46.19 14.48 26.77
N CYS B 228 45.28 14.58 25.82
CA CYS B 228 45.57 14.16 24.45
C CYS B 228 45.01 15.22 23.51
N VAL B 229 45.89 15.74 22.64
CA VAL B 229 45.48 16.75 21.69
C VAL B 229 45.76 16.31 20.27
N LEU B 230 44.81 16.59 19.38
CA LEU B 230 44.93 16.23 17.97
C LEU B 230 44.58 17.44 17.12
N GLY B 231 45.48 17.83 16.23
CA GLY B 231 45.22 18.98 15.37
C GLY B 231 46.07 18.92 14.13
N ARG B 232 45.90 19.88 13.23
CA ARG B 232 46.71 19.89 12.02
C ARG B 232 48.13 20.41 12.29
N GLU B 233 48.29 21.12 13.41
CA GLU B 233 49.61 21.67 13.75
C GLU B 233 50.69 20.61 13.88
N SER B 234 51.95 21.04 13.71
CA SER B 234 53.10 20.14 13.83
C SER B 234 53.22 19.71 15.29
N LEU B 235 53.98 18.65 15.53
CA LEU B 235 54.18 18.17 16.89
C LEU B 235 54.85 19.25 17.76
N ASP B 236 55.76 20.00 17.16
CA ASP B 236 56.43 21.09 17.89
C ASP B 236 55.43 22.16 18.29
N ASP B 237 54.59 22.58 17.36
CA ASP B 237 53.58 23.59 17.67
C ASP B 237 52.56 23.07 18.69
N LEU B 238 52.15 21.81 18.58
CA LEU B 238 51.21 21.26 19.56
C LEU B 238 51.87 21.20 20.94
N THR B 239 53.17 20.94 20.96
CA THR B 239 53.89 20.87 22.23
C THR B 239 53.85 22.22 22.94
N ASN B 240 54.24 23.29 22.24
CA ASN B 240 54.25 24.62 22.84
C ASN B 240 52.85 25.03 23.27
N LEU B 241 51.84 24.60 22.52
CA LEU B 241 50.47 24.93 22.83
C LEU B 241 50.03 24.33 24.17
N VAL B 242 50.25 23.02 24.35
CA VAL B 242 49.85 22.35 25.58
C VAL B 242 50.69 22.86 26.75
N VAL B 243 51.97 23.09 26.51
CA VAL B 243 52.83 23.62 27.56
C VAL B 243 52.27 24.97 28.00
N LYS B 244 52.02 25.85 27.03
CA LYS B 244 51.49 27.16 27.34
C LYS B 244 50.19 27.15 28.14
N LEU B 245 49.26 26.29 27.76
CA LEU B 245 47.96 26.23 28.44
C LEU B 245 47.82 25.35 29.66
N PHE B 246 48.62 24.29 29.75
CA PHE B 246 48.49 23.39 30.88
C PHE B 246 49.60 23.41 31.92
N SER B 247 50.68 24.14 31.65
CA SER B 247 51.78 24.23 32.61
C SER B 247 51.35 24.84 33.93
N GLU B 248 50.35 25.72 33.89
CA GLU B 248 49.90 26.40 35.08
C GLU B 248 49.06 25.56 36.03
N VAL B 249 48.63 24.38 35.59
CA VAL B 249 47.84 23.53 36.47
C VAL B 249 48.75 23.18 37.65
N GLU B 250 48.26 23.38 38.86
CA GLU B 250 49.05 23.12 40.04
C GLU B 250 49.11 21.66 40.48
N ASN B 251 50.29 21.25 40.93
CA ASN B 251 50.50 19.88 41.39
C ASN B 251 50.42 19.79 42.93
N LYS B 252 49.33 19.21 43.43
CA LYS B 252 49.17 19.05 44.87
C LYS B 252 49.74 17.70 45.32
N ASN B 253 50.39 17.00 44.41
CA ASN B 253 50.97 15.69 44.71
C ASN B 253 49.99 14.78 45.42
N VAL B 254 48.77 14.71 44.89
CA VAL B 254 47.73 13.89 45.47
C VAL B 254 47.97 12.41 45.21
N PRO B 255 47.89 11.59 46.27
CA PRO B 255 48.10 10.15 46.09
C PRO B 255 46.93 9.49 45.35
N LEU B 256 47.24 8.67 44.37
CA LEU B 256 46.21 7.99 43.59
C LEU B 256 45.42 7.03 44.48
N PRO B 257 44.09 7.19 44.52
CA PRO B 257 43.24 6.31 45.34
C PRO B 257 43.39 4.84 44.98
N GLU B 258 43.37 3.99 46.01
CA GLU B 258 43.51 2.55 45.81
C GLU B 258 42.56 1.79 46.71
N PHE B 259 42.11 0.63 46.23
CA PHE B 259 41.17 -0.18 46.98
C PHE B 259 41.61 -1.64 46.94
N PRO B 260 42.69 -1.97 47.66
CA PRO B 260 43.24 -3.32 47.73
C PRO B 260 42.30 -4.36 48.35
N GLU B 261 41.47 -3.93 49.28
CA GLU B 261 40.53 -4.86 49.90
C GLU B 261 39.29 -4.99 49.02
N HIS B 262 39.01 -6.20 48.56
CA HIS B 262 37.86 -6.44 47.70
C HIS B 262 36.53 -6.14 48.37
N PRO B 263 35.61 -5.48 47.66
CA PRO B 263 34.28 -5.14 48.20
C PRO B 263 33.52 -6.37 48.67
N PHE B 264 33.85 -7.52 48.07
CA PHE B 264 33.17 -8.75 48.46
C PHE B 264 34.07 -9.60 49.33
N GLN B 265 33.71 -9.70 50.60
CA GLN B 265 34.48 -10.50 51.53
C GLN B 265 33.80 -11.85 51.75
N GLU B 266 34.33 -12.63 52.67
CA GLU B 266 33.81 -13.96 52.98
C GLU B 266 32.29 -13.96 53.20
N GLU B 267 31.78 -13.04 54.01
CA GLU B 267 30.34 -12.99 54.28
C GLU B 267 29.52 -12.64 53.05
N HIS B 268 30.19 -12.17 52.00
CA HIS B 268 29.49 -11.78 50.78
C HIS B 268 29.57 -12.86 49.71
N LEU B 269 30.14 -14.02 50.06
CA LEU B 269 30.25 -15.11 49.10
C LEU B 269 29.27 -16.23 49.41
N LYS B 270 29.00 -17.05 48.40
CA LYS B 270 28.05 -18.15 48.53
C LYS B 270 26.66 -17.59 48.82
N GLN B 271 26.40 -16.39 48.28
CA GLN B 271 25.11 -15.73 48.46
C GLN B 271 24.27 -15.77 47.19
N LEU B 272 22.96 -15.82 47.37
CA LEU B 272 22.01 -15.86 46.26
C LEU B 272 21.06 -14.67 46.38
N TYR B 273 20.81 -13.98 45.27
CA TYR B 273 19.89 -12.85 45.29
C TYR B 273 18.78 -13.07 44.28
N LYS B 274 17.55 -12.80 44.70
CA LYS B 274 16.38 -12.95 43.84
C LYS B 274 15.85 -11.55 43.64
N ILE B 275 15.93 -11.08 42.40
CA ILE B 275 15.56 -9.71 42.07
C ILE B 275 14.34 -9.58 41.16
N VAL B 276 13.52 -8.57 41.42
CA VAL B 276 12.33 -8.30 40.63
C VAL B 276 12.66 -7.21 39.61
N PRO B 277 12.63 -7.54 38.32
CA PRO B 277 12.95 -6.56 37.27
C PRO B 277 11.76 -5.67 36.90
N ILE B 278 12.04 -4.62 36.16
CA ILE B 278 11.00 -3.72 35.68
C ILE B 278 10.45 -4.35 34.40
N LYS B 279 11.34 -4.64 33.46
CA LYS B 279 10.91 -5.28 32.21
C LYS B 279 10.69 -6.74 32.54
N ASP B 280 10.02 -7.46 31.62
CA ASP B 280 9.81 -8.88 31.84
C ASP B 280 11.04 -9.60 31.32
N ILE B 281 12.11 -9.61 32.12
CA ILE B 281 13.34 -10.27 31.72
C ILE B 281 13.66 -11.42 32.66
N ARG B 282 14.41 -12.37 32.15
CA ARG B 282 14.78 -13.57 32.89
C ARG B 282 16.30 -13.76 32.74
N ASN B 283 17.04 -13.40 33.77
CA ASN B 283 18.50 -13.52 33.74
C ASN B 283 19.17 -14.12 34.96
N LEU B 284 20.34 -14.70 34.73
CA LEU B 284 21.15 -15.31 35.77
C LEU B 284 22.55 -14.69 35.74
N TYR B 285 22.97 -14.14 36.88
CA TYR B 285 24.28 -13.51 36.99
C TYR B 285 25.17 -14.26 37.96
N VAL B 286 26.32 -14.71 37.47
CA VAL B 286 27.28 -15.42 38.31
C VAL B 286 28.53 -14.57 38.40
N THR B 287 29.01 -14.32 39.62
CA THR B 287 30.18 -13.49 39.81
C THR B 287 31.20 -14.08 40.78
N PHE B 288 32.47 -13.84 40.45
CA PHE B 288 33.57 -14.32 41.29
C PHE B 288 34.50 -13.13 41.56
N PRO B 289 34.83 -12.89 42.83
CA PRO B 289 35.74 -11.78 43.13
C PRO B 289 37.15 -12.19 42.72
N ILE B 290 37.87 -11.30 42.05
CA ILE B 290 39.23 -11.61 41.64
C ILE B 290 40.13 -10.42 41.87
N PRO B 291 41.45 -10.66 41.85
CA PRO B 291 42.41 -9.57 42.05
C PRO B 291 42.39 -8.63 40.85
N ASP B 292 43.15 -7.56 40.94
CA ASP B 292 43.23 -6.60 39.86
C ASP B 292 44.21 -7.16 38.84
N LEU B 293 43.73 -7.45 37.63
CA LEU B 293 44.56 -8.02 36.58
C LEU B 293 45.12 -6.98 35.59
N GLN B 294 44.75 -5.73 35.80
CA GLN B 294 45.20 -4.66 34.91
C GLN B 294 46.72 -4.66 34.65
N LYS B 295 47.51 -4.87 35.69
CA LYS B 295 48.96 -4.89 35.58
C LYS B 295 49.48 -5.96 34.60
N TYR B 296 48.69 -7.01 34.38
CA TYR B 296 49.10 -8.10 33.49
C TYR B 296 48.62 -7.90 32.04
N TYR B 297 48.50 -6.64 31.62
CA TYR B 297 48.03 -6.37 30.27
C TYR B 297 48.86 -6.99 29.15
N LYS B 298 50.10 -7.34 29.41
CA LYS B 298 50.93 -7.94 28.37
C LYS B 298 50.60 -9.41 28.10
N SER B 299 49.77 -10.00 28.97
CA SER B 299 49.37 -11.39 28.78
C SER B 299 47.85 -11.57 28.86
N ASN B 300 47.19 -10.68 29.62
CA ASN B 300 45.73 -10.70 29.80
C ASN B 300 45.14 -12.07 30.15
N PRO B 301 45.50 -12.62 31.33
CA PRO B 301 44.98 -13.93 31.74
C PRO B 301 43.45 -13.96 31.89
N GLY B 302 42.88 -12.84 32.29
CA GLY B 302 41.43 -12.77 32.46
C GLY B 302 40.71 -12.91 31.13
N HIS B 303 41.27 -12.30 30.08
CA HIS B 303 40.65 -12.39 28.76
C HIS B 303 40.82 -13.78 28.16
N TYR B 304 41.91 -14.46 28.51
CA TYR B 304 42.15 -15.81 28.04
C TYR B 304 40.99 -16.67 28.51
N LEU B 305 40.65 -16.54 29.80
CA LEU B 305 39.56 -17.34 30.35
C LEU B 305 38.19 -16.86 29.84
N GLY B 306 38.05 -15.56 29.58
CA GLY B 306 36.79 -15.07 29.06
C GLY B 306 36.60 -15.63 27.64
N HIS B 307 37.67 -15.60 26.86
CA HIS B 307 37.63 -16.12 25.49
C HIS B 307 37.10 -17.56 25.49
N LEU B 308 37.63 -18.38 26.38
CA LEU B 308 37.23 -19.78 26.48
C LEU B 308 35.84 -19.99 27.09
N ILE B 309 35.60 -19.45 28.27
CA ILE B 309 34.29 -19.61 28.91
C ILE B 309 33.15 -18.95 28.13
N GLY B 310 33.42 -17.80 27.51
CA GLY B 310 32.39 -17.11 26.74
C GLY B 310 32.32 -17.48 25.27
N HIS B 311 33.07 -18.51 24.88
CA HIS B 311 33.09 -18.95 23.50
C HIS B 311 31.71 -19.45 23.08
N GLU B 312 31.38 -19.31 21.81
CA GLU B 312 30.07 -19.73 21.34
C GLU B 312 30.15 -20.75 20.21
N GLY B 313 31.35 -21.31 20.00
CA GLY B 313 31.52 -22.29 18.95
C GLY B 313 31.19 -23.68 19.42
N PRO B 314 31.36 -24.69 18.56
CA PRO B 314 31.07 -26.09 18.91
C PRO B 314 31.85 -26.52 20.15
N GLY B 315 31.19 -27.24 21.06
CA GLY B 315 31.84 -27.71 22.27
C GLY B 315 31.83 -26.73 23.42
N SER B 316 31.36 -25.51 23.17
CA SER B 316 31.34 -24.48 24.19
C SER B 316 30.26 -24.65 25.25
N LEU B 317 30.39 -23.87 26.31
CA LEU B 317 29.44 -23.86 27.40
C LEU B 317 28.07 -23.42 26.88
N LEU B 318 28.04 -22.33 26.11
CA LEU B 318 26.77 -21.83 25.56
C LEU B 318 26.06 -22.87 24.70
N SER B 319 26.82 -23.59 23.88
CA SER B 319 26.22 -24.61 23.02
C SER B 319 25.38 -25.60 23.79
N GLU B 320 25.94 -26.18 24.86
CA GLU B 320 25.21 -27.13 25.66
C GLU B 320 24.01 -26.52 26.36
N LEU B 321 24.16 -25.31 26.90
CA LEU B 321 23.06 -24.65 27.59
C LEU B 321 21.93 -24.33 26.62
N LYS B 322 22.28 -24.02 25.37
CA LYS B 322 21.28 -23.73 24.36
C LYS B 322 20.60 -25.02 23.91
N SER B 323 21.40 -26.03 23.62
CA SER B 323 20.88 -27.33 23.17
C SER B 323 19.94 -27.92 24.22
N LYS B 324 20.22 -27.63 25.49
CA LYS B 324 19.39 -28.12 26.58
C LYS B 324 18.20 -27.20 26.76
N GLY B 325 18.10 -26.20 25.88
CA GLY B 325 16.99 -25.26 25.94
C GLY B 325 16.88 -24.43 27.21
N TRP B 326 18.00 -24.20 27.89
CA TRP B 326 18.00 -23.41 29.13
C TRP B 326 18.48 -21.97 28.99
N VAL B 327 19.35 -21.73 28.01
CA VAL B 327 19.93 -20.40 27.81
C VAL B 327 19.94 -20.01 26.33
N ASN B 328 19.88 -18.71 26.05
CA ASN B 328 19.94 -18.22 24.67
C ASN B 328 21.23 -17.48 24.39
N THR B 329 21.70 -16.70 25.36
CA THR B 329 22.94 -15.95 25.17
C THR B 329 23.79 -16.02 26.42
N LEU B 330 25.10 -15.84 26.25
CA LEU B 330 26.01 -15.89 27.38
C LEU B 330 27.18 -14.95 27.21
N VAL B 331 27.60 -14.33 28.30
CA VAL B 331 28.76 -13.46 28.26
C VAL B 331 29.64 -13.88 29.42
N GLY B 332 30.92 -14.06 29.14
CA GLY B 332 31.84 -14.46 30.18
C GLY B 332 33.11 -13.64 30.08
N GLY B 333 33.82 -13.51 31.19
CA GLY B 333 35.06 -12.76 31.19
C GLY B 333 35.27 -11.91 32.43
N GLN B 334 36.30 -11.09 32.38
CA GLN B 334 36.61 -10.22 33.49
C GLN B 334 35.80 -8.94 33.40
N LYS B 335 35.49 -8.38 34.57
CA LYS B 335 34.71 -7.16 34.67
C LYS B 335 35.50 -6.18 35.54
N GLU B 336 35.62 -4.96 35.06
CA GLU B 336 36.36 -3.93 35.77
C GLU B 336 35.78 -3.61 37.15
N GLY B 337 36.68 -3.33 38.09
CA GLY B 337 36.28 -2.98 39.45
C GLY B 337 36.87 -1.61 39.69
N ALA B 338 38.11 -1.58 40.14
CA ALA B 338 38.81 -0.33 40.39
C ALA B 338 40.22 -0.73 40.78
N ARG B 339 41.14 0.24 40.82
CA ARG B 339 42.52 -0.03 41.20
C ARG B 339 42.52 -0.89 42.47
N GLY B 340 42.86 -2.17 42.35
CA GLY B 340 42.90 -3.02 43.52
C GLY B 340 41.96 -4.23 43.51
N PHE B 341 40.90 -4.18 42.71
CA PHE B 341 39.96 -5.30 42.65
C PHE B 341 39.21 -5.40 41.32
N MET B 342 38.82 -6.63 40.97
CA MET B 342 38.08 -6.90 39.74
C MET B 342 37.10 -8.05 39.99
N PHE B 343 36.32 -8.42 38.97
CA PHE B 343 35.38 -9.54 39.11
C PHE B 343 35.47 -10.39 37.86
N PHE B 344 34.98 -11.62 37.96
CA PHE B 344 34.93 -12.47 36.78
C PHE B 344 33.47 -12.88 36.71
N ILE B 345 32.86 -12.68 35.55
CA ILE B 345 31.44 -12.98 35.40
C ILE B 345 31.10 -14.02 34.34
N ILE B 346 29.89 -14.53 34.48
CA ILE B 346 29.34 -15.50 33.54
C ILE B 346 27.85 -15.23 33.66
N ASN B 347 27.34 -14.40 32.76
CA ASN B 347 25.92 -14.07 32.78
C ASN B 347 25.21 -14.65 31.58
N VAL B 348 23.98 -15.08 31.78
CA VAL B 348 23.18 -15.66 30.71
C VAL B 348 21.71 -15.28 30.88
N ASP B 349 20.97 -15.28 29.78
CA ASP B 349 19.54 -14.98 29.85
C ASP B 349 18.94 -16.35 30.13
N LEU B 350 17.68 -16.39 30.56
CA LEU B 350 17.06 -17.67 30.87
C LEU B 350 15.75 -17.89 30.16
N THR B 351 15.56 -19.11 29.66
CA THR B 351 14.31 -19.46 29.00
C THR B 351 13.40 -19.83 30.17
N GLU B 352 12.18 -20.24 29.87
CA GLU B 352 11.25 -20.62 30.93
C GLU B 352 11.79 -21.84 31.68
N GLU B 353 12.24 -22.85 30.93
CA GLU B 353 12.79 -24.05 31.54
C GLU B 353 14.09 -23.72 32.25
N GLY B 354 14.88 -22.85 31.63
CA GLY B 354 16.15 -22.45 32.21
C GLY B 354 16.00 -21.91 33.62
N LEU B 355 14.96 -21.12 33.83
CA LEU B 355 14.69 -20.51 35.12
C LEU B 355 14.53 -21.56 36.23
N LEU B 356 14.02 -22.73 35.86
CA LEU B 356 13.82 -23.80 36.83
C LEU B 356 15.02 -24.73 36.94
N HIS B 357 16.09 -24.43 36.21
CA HIS B 357 17.29 -25.28 36.24
C HIS B 357 18.56 -24.49 36.48
N VAL B 358 18.45 -23.42 37.28
CA VAL B 358 19.59 -22.59 37.57
C VAL B 358 20.71 -23.39 38.22
N GLU B 359 20.34 -24.34 39.09
CA GLU B 359 21.33 -25.16 39.76
C GLU B 359 22.13 -25.99 38.76
N ASP B 360 21.43 -26.56 37.78
CA ASP B 360 22.08 -27.37 36.76
C ASP B 360 22.92 -26.52 35.82
N ILE B 361 22.41 -25.34 35.48
CA ILE B 361 23.13 -24.42 34.61
C ILE B 361 24.45 -24.07 35.25
N ILE B 362 24.43 -23.78 36.54
CA ILE B 362 25.65 -23.43 37.23
C ILE B 362 26.58 -24.64 37.33
N LEU B 363 26.00 -25.83 37.45
CA LEU B 363 26.79 -27.06 37.52
C LEU B 363 27.54 -27.20 36.20
N HIS B 364 26.87 -26.90 35.09
CA HIS B 364 27.52 -26.99 33.78
C HIS B 364 28.67 -25.98 33.68
N MET B 365 28.48 -24.80 34.26
CA MET B 365 29.50 -23.76 34.25
C MET B 365 30.77 -24.28 34.92
N PHE B 366 30.61 -24.90 36.09
CA PHE B 366 31.75 -25.44 36.80
C PHE B 366 32.35 -26.67 36.14
N GLN B 367 31.54 -27.41 35.38
CA GLN B 367 32.05 -28.59 34.67
C GLN B 367 32.96 -28.10 33.55
N TYR B 368 32.57 -27.01 32.91
CA TYR B 368 33.37 -26.44 31.82
C TYR B 368 34.67 -25.92 32.43
N ILE B 369 34.55 -25.19 33.52
CA ILE B 369 35.72 -24.64 34.20
C ILE B 369 36.69 -25.78 34.57
N GLN B 370 36.13 -26.88 35.06
CA GLN B 370 36.96 -28.04 35.44
C GLN B 370 37.67 -28.59 34.22
N LYS B 371 37.01 -28.55 33.07
CA LYS B 371 37.63 -29.03 31.85
C LYS B 371 38.85 -28.18 31.53
N LEU B 372 38.75 -26.87 31.79
CA LEU B 372 39.87 -25.98 31.51
C LEU B 372 41.05 -26.32 32.43
N ARG B 373 40.74 -26.67 33.67
CA ARG B 373 41.82 -27.03 34.60
C ARG B 373 42.43 -28.37 34.19
N ALA B 374 41.58 -29.30 33.77
CA ALA B 374 42.04 -30.63 33.35
C ALA B 374 42.91 -30.54 32.10
N GLU B 375 42.64 -29.55 31.26
CA GLU B 375 43.39 -29.42 30.03
C GLU B 375 44.64 -28.55 30.18
N GLY B 376 44.58 -27.58 31.10
CA GLY B 376 45.71 -26.69 31.33
C GLY B 376 45.80 -25.59 30.29
N PRO B 377 46.60 -24.53 30.55
CA PRO B 377 46.77 -23.41 29.63
C PRO B 377 47.18 -23.86 28.23
N GLN B 378 46.56 -23.30 27.22
CA GLN B 378 46.85 -23.66 25.83
C GLN B 378 47.56 -22.51 25.13
N GLU B 379 48.85 -22.70 24.82
CA GLU B 379 49.59 -21.65 24.16
C GLU B 379 49.04 -21.33 22.76
N TRP B 380 48.57 -22.35 22.04
CA TRP B 380 48.04 -22.12 20.71
C TRP B 380 46.83 -21.18 20.76
N VAL B 381 46.02 -21.29 21.81
CA VAL B 381 44.87 -20.42 21.97
C VAL B 381 45.38 -18.99 22.15
N PHE B 382 46.34 -18.82 23.06
CA PHE B 382 46.95 -17.52 23.30
C PHE B 382 47.54 -16.97 22.00
N GLN B 383 48.24 -17.83 21.28
CA GLN B 383 48.87 -17.48 20.02
C GLN B 383 47.84 -16.96 19.00
N GLU B 384 46.71 -17.64 18.91
CA GLU B 384 45.65 -17.24 17.99
C GLU B 384 45.14 -15.83 18.34
N CYS B 385 44.83 -15.58 19.61
CA CYS B 385 44.33 -14.27 20.01
C CYS B 385 45.40 -13.21 19.75
N LYS B 386 46.66 -13.56 20.00
CA LYS B 386 47.77 -12.66 19.76
C LYS B 386 47.82 -12.25 18.30
N ASP B 387 47.79 -13.24 17.40
CA ASP B 387 47.84 -12.94 15.96
C ASP B 387 46.65 -12.08 15.53
N LEU B 388 45.45 -12.43 16.00
CA LEU B 388 44.25 -11.66 15.65
C LEU B 388 44.40 -10.21 16.11
N ASN B 389 44.83 -10.02 17.36
CA ASN B 389 45.03 -8.69 17.91
C ASN B 389 46.06 -7.89 17.12
N ALA B 390 47.13 -8.56 16.69
CA ALA B 390 48.16 -7.88 15.91
C ALA B 390 47.60 -7.43 14.57
N VAL B 391 46.83 -8.30 13.93
CA VAL B 391 46.23 -7.97 12.64
C VAL B 391 45.26 -6.80 12.85
N ALA B 392 44.44 -6.89 13.90
CA ALA B 392 43.46 -5.84 14.18
C ALA B 392 44.14 -4.49 14.37
N PHE B 393 45.21 -4.48 15.16
CA PHE B 393 45.91 -3.23 15.41
C PHE B 393 46.52 -2.65 14.14
N ARG B 394 47.20 -3.50 13.39
CA ARG B 394 47.82 -3.06 12.16
C ARG B 394 46.81 -2.43 11.18
N PHE B 395 45.68 -3.09 10.99
CA PHE B 395 44.69 -2.57 10.05
C PHE B 395 43.52 -1.86 10.71
N LYS B 396 43.74 -1.36 11.93
CA LYS B 396 42.69 -0.65 12.66
C LYS B 396 42.17 0.56 11.87
N ASP B 397 40.85 0.74 11.84
CA ASP B 397 40.27 1.89 11.14
C ASP B 397 40.68 3.20 11.80
N LYS B 398 40.86 4.25 11.00
CA LYS B 398 41.22 5.55 11.54
C LYS B 398 40.02 6.06 12.36
N GLU B 399 40.28 6.41 13.61
CA GLU B 399 39.23 6.87 14.50
C GLU B 399 38.86 8.34 14.35
N ARG B 400 37.63 8.67 14.73
CA ARG B 400 37.20 10.06 14.70
C ARG B 400 37.96 10.71 15.86
N PRO B 401 38.47 11.93 15.64
CA PRO B 401 39.24 12.69 16.65
C PRO B 401 38.70 12.73 18.07
N ARG B 402 37.44 13.12 18.24
CA ARG B 402 36.86 13.25 19.57
C ARG B 402 36.94 11.99 20.44
N GLY B 403 36.49 10.86 19.89
CA GLY B 403 36.54 9.62 20.64
C GLY B 403 37.96 9.14 20.85
N TYR B 404 38.82 9.41 19.87
CA TYR B 404 40.21 8.98 19.98
C TYR B 404 40.93 9.69 21.14
N THR B 405 40.84 11.02 21.20
CA THR B 405 41.52 11.75 22.28
C THR B 405 41.00 11.38 23.65
N SER B 406 39.69 11.18 23.75
CA SER B 406 39.07 10.80 25.01
C SER B 406 39.61 9.46 25.52
N LYS B 407 39.69 8.49 24.61
CA LYS B 407 40.18 7.15 24.96
C LYS B 407 41.64 7.20 25.39
N ILE B 408 42.46 7.89 24.63
CA ILE B 408 43.89 8.01 24.95
C ILE B 408 44.16 8.71 26.29
N ALA B 409 43.44 9.80 26.55
CA ALA B 409 43.61 10.53 27.81
C ALA B 409 43.36 9.56 28.97
N GLY B 410 42.36 8.70 28.81
CA GLY B 410 42.07 7.72 29.85
C GLY B 410 43.17 6.68 29.99
N ILE B 411 43.60 6.07 28.89
CA ILE B 411 44.62 5.03 28.98
C ILE B 411 46.03 5.54 29.25
N LEU B 412 46.26 6.84 29.14
CA LEU B 412 47.58 7.40 29.44
C LEU B 412 47.91 7.17 30.92
N HIS B 413 46.88 6.95 31.73
CA HIS B 413 47.06 6.70 33.15
C HIS B 413 47.49 5.27 33.47
N TYR B 414 47.38 4.35 32.50
CA TYR B 414 47.73 2.96 32.77
C TYR B 414 48.94 2.40 32.03
N TYR B 415 49.33 3.04 30.93
CA TYR B 415 50.44 2.54 30.14
C TYR B 415 51.53 3.56 29.87
N PRO B 416 52.75 3.08 29.61
CA PRO B 416 53.90 3.94 29.32
C PRO B 416 53.58 4.73 28.05
N LEU B 417 54.08 5.96 27.97
CA LEU B 417 53.83 6.80 26.80
C LEU B 417 54.02 6.06 25.49
N GLU B 418 55.15 5.37 25.37
CA GLU B 418 55.50 4.66 24.15
C GLU B 418 54.54 3.53 23.79
N GLU B 419 53.81 3.01 24.77
CA GLU B 419 52.89 1.90 24.56
C GLU B 419 51.41 2.27 24.57
N VAL B 420 51.08 3.54 24.80
CA VAL B 420 49.68 3.95 24.88
C VAL B 420 48.79 3.49 23.72
N LEU B 421 49.37 3.34 22.53
CA LEU B 421 48.60 2.92 21.36
C LEU B 421 48.49 1.41 21.24
N THR B 422 49.59 0.71 21.51
CA THR B 422 49.64 -0.74 21.39
C THR B 422 49.27 -1.53 22.63
N ALA B 423 49.46 -0.93 23.81
CA ALA B 423 49.21 -1.60 25.08
C ALA B 423 47.98 -2.50 25.11
N GLU B 424 46.87 -2.01 24.58
CA GLU B 424 45.64 -2.78 24.60
C GLU B 424 45.44 -3.75 23.45
N TYR B 425 46.39 -3.81 22.54
CA TYR B 425 46.25 -4.68 21.40
C TYR B 425 47.27 -5.79 21.34
N LEU B 426 48.54 -5.42 21.46
CA LEU B 426 49.63 -6.36 21.33
C LEU B 426 50.02 -7.22 22.55
N LEU B 427 49.74 -8.51 22.45
CA LEU B 427 50.07 -9.46 23.52
C LEU B 427 51.54 -9.84 23.36
N GLU B 428 52.25 -10.04 24.47
CA GLU B 428 53.66 -10.39 24.36
C GLU B 428 54.07 -11.59 25.21
N GLU B 429 53.36 -11.81 26.31
CA GLU B 429 53.70 -12.88 27.23
C GLU B 429 52.67 -13.97 27.41
N PHE B 430 53.10 -15.22 27.33
CA PHE B 430 52.20 -16.35 27.57
C PHE B 430 52.41 -16.64 29.06
N ARG B 431 51.33 -16.59 29.83
CA ARG B 431 51.43 -16.77 31.28
C ARG B 431 50.57 -17.88 31.84
N PRO B 432 51.02 -19.14 31.69
CA PRO B 432 50.21 -20.23 32.24
C PRO B 432 50.05 -20.10 33.75
N ASP B 433 51.03 -19.48 34.41
CA ASP B 433 50.94 -19.30 35.86
C ASP B 433 49.80 -18.34 36.26
N LEU B 434 49.60 -17.29 35.47
CA LEU B 434 48.53 -16.33 35.76
C LEU B 434 47.17 -16.94 35.44
N ILE B 435 47.08 -17.60 34.30
CA ILE B 435 45.83 -18.23 33.89
C ILE B 435 45.34 -19.20 34.96
N GLU B 436 46.25 -20.01 35.49
CA GLU B 436 45.87 -20.96 36.53
C GLU B 436 45.50 -20.25 37.81
N MET B 437 46.17 -19.13 38.08
CA MET B 437 45.90 -18.34 39.28
C MET B 437 44.45 -17.82 39.25
N VAL B 438 44.03 -17.28 38.10
CA VAL B 438 42.66 -16.78 38.01
C VAL B 438 41.66 -17.93 38.04
N LEU B 439 41.99 -19.01 37.36
CA LEU B 439 41.13 -20.20 37.32
C LEU B 439 40.87 -20.72 38.74
N ASP B 440 41.86 -20.58 39.60
CA ASP B 440 41.73 -21.06 40.97
C ASP B 440 40.72 -20.26 41.77
N LYS B 441 40.34 -19.09 41.26
CA LYS B 441 39.37 -18.24 41.96
C LYS B 441 37.96 -18.59 41.52
N LEU B 442 37.83 -19.27 40.38
CA LEU B 442 36.52 -19.62 39.87
C LEU B 442 36.01 -20.91 40.48
N ARG B 443 35.76 -20.87 41.78
CA ARG B 443 35.28 -22.03 42.53
C ARG B 443 33.99 -21.72 43.26
N PRO B 444 33.16 -22.76 43.51
CA PRO B 444 31.87 -22.63 44.20
C PRO B 444 31.90 -21.87 45.54
N GLU B 445 32.92 -22.11 46.35
CA GLU B 445 32.98 -21.42 47.65
C GLU B 445 33.29 -19.94 47.53
N ASN B 446 33.48 -19.46 46.30
CA ASN B 446 33.78 -18.05 46.07
C ASN B 446 32.78 -17.43 45.10
N VAL B 447 31.64 -18.08 44.91
CA VAL B 447 30.64 -17.59 43.96
C VAL B 447 29.51 -16.73 44.51
N ARG B 448 28.98 -15.87 43.65
CA ARG B 448 27.84 -15.00 43.99
C ARG B 448 26.85 -15.25 42.85
N VAL B 449 25.61 -15.54 43.21
CA VAL B 449 24.57 -15.83 42.23
C VAL B 449 23.37 -14.91 42.38
N ALA B 450 22.94 -14.32 41.27
CA ALA B 450 21.79 -13.42 41.27
C ALA B 450 20.86 -13.83 40.14
N ILE B 451 19.59 -13.96 40.48
CA ILE B 451 18.59 -14.34 39.49
C ILE B 451 17.59 -13.20 39.35
N VAL B 452 17.33 -12.80 38.12
CA VAL B 452 16.36 -11.73 37.88
C VAL B 452 15.14 -12.32 37.19
N SER B 453 13.98 -12.13 37.81
CA SER B 453 12.73 -12.66 37.27
C SER B 453 11.48 -12.05 37.92
N LYS B 454 10.41 -11.94 37.14
CA LYS B 454 9.16 -11.40 37.65
C LYS B 454 8.54 -12.42 38.60
N SER B 455 8.92 -13.68 38.46
CA SER B 455 8.38 -14.73 39.31
C SER B 455 8.66 -14.49 40.79
N PHE B 456 9.56 -13.56 41.09
CA PHE B 456 9.93 -13.26 42.48
C PHE B 456 9.07 -12.15 43.07
N GLU B 457 8.16 -11.62 42.25
CA GLU B 457 7.27 -10.54 42.63
C GLU B 457 6.39 -10.92 43.82
N GLY B 458 6.57 -10.20 44.94
CA GLY B 458 5.79 -10.46 46.14
C GLY B 458 6.50 -11.36 47.14
N LYS B 459 7.64 -11.91 46.72
CA LYS B 459 8.40 -12.81 47.56
C LYS B 459 9.70 -12.24 48.06
N THR B 460 9.85 -10.93 47.92
CA THR B 460 11.06 -10.26 48.34
C THR B 460 10.82 -9.57 49.68
N ASP B 461 11.89 -9.40 50.46
CA ASP B 461 11.77 -8.74 51.75
C ASP B 461 12.73 -7.57 51.91
N ARG B 462 13.46 -7.23 50.84
CA ARG B 462 14.39 -6.11 50.90
C ARG B 462 14.19 -5.18 49.72
N THR B 463 14.53 -3.91 49.92
CA THR B 463 14.39 -2.92 48.86
C THR B 463 15.64 -2.06 48.88
N GLU B 464 16.29 -1.92 47.73
CA GLU B 464 17.50 -1.12 47.62
C GLU B 464 17.11 0.36 47.74
N GLU B 465 17.85 1.09 48.56
CA GLU B 465 17.58 2.51 48.82
C GLU B 465 17.49 3.50 47.67
N TRP B 466 18.54 3.56 46.85
CA TRP B 466 18.57 4.50 45.76
C TRP B 466 17.65 4.27 44.56
N TYR B 467 17.31 3.03 44.25
CA TYR B 467 16.44 2.78 43.11
C TYR B 467 15.12 2.14 43.48
N GLY B 468 15.07 1.56 44.69
CA GLY B 468 13.85 0.92 45.14
C GLY B 468 13.75 -0.51 44.64
N THR B 469 14.86 -1.07 44.19
CA THR B 469 14.88 -2.43 43.68
C THR B 469 14.45 -3.43 44.75
N GLN B 470 13.43 -4.23 44.43
CA GLN B 470 12.94 -5.24 45.36
C GLN B 470 13.65 -6.56 45.15
N TYR B 471 14.24 -7.08 46.23
CA TYR B 471 14.96 -8.33 46.14
C TYR B 471 15.00 -9.10 47.45
N LYS B 472 15.49 -10.33 47.37
CA LYS B 472 15.63 -11.20 48.52
C LYS B 472 17.03 -11.79 48.50
N GLN B 473 17.65 -11.88 49.67
CA GLN B 473 18.98 -12.46 49.77
C GLN B 473 18.97 -13.74 50.60
N GLU B 474 19.62 -14.78 50.07
CA GLU B 474 19.69 -16.06 50.75
C GLU B 474 21.09 -16.65 50.64
N ALA B 475 21.46 -17.50 51.59
CA ALA B 475 22.76 -18.14 51.56
C ALA B 475 22.58 -19.41 50.75
N ILE B 476 23.57 -19.74 49.91
CA ILE B 476 23.46 -20.96 49.12
C ILE B 476 23.78 -22.14 50.05
N PRO B 477 22.86 -23.11 50.15
CA PRO B 477 23.09 -24.27 51.02
C PRO B 477 24.37 -25.01 50.69
N ASP B 478 25.13 -25.38 51.73
CA ASP B 478 26.40 -26.07 51.56
C ASP B 478 26.28 -27.32 50.68
N GLU B 479 25.10 -27.92 50.66
CA GLU B 479 24.92 -29.12 49.86
C GLU B 479 24.97 -28.78 48.38
N VAL B 480 24.34 -27.66 48.01
CA VAL B 480 24.33 -27.22 46.63
C VAL B 480 25.76 -26.87 46.24
N ILE B 481 26.47 -26.21 47.13
CA ILE B 481 27.85 -25.83 46.87
C ILE B 481 28.77 -27.04 46.76
N LYS B 482 28.63 -27.99 47.68
CA LYS B 482 29.45 -29.20 47.67
C LYS B 482 29.25 -29.90 46.33
N LYS B 483 28.00 -29.93 45.88
CA LYS B 483 27.68 -30.57 44.63
C LYS B 483 28.38 -29.87 43.44
N TRP B 484 28.45 -28.53 43.46
CA TRP B 484 29.13 -27.83 42.37
C TRP B 484 30.62 -28.12 42.50
N GLN B 485 31.12 -28.22 43.73
CA GLN B 485 32.53 -28.49 43.96
C GLN B 485 32.93 -29.85 43.42
N ASN B 486 31.99 -30.78 43.38
CA ASN B 486 32.26 -32.13 42.89
C ASN B 486 31.95 -32.25 41.40
N ALA B 487 32.09 -31.15 40.67
CA ALA B 487 31.82 -31.16 39.24
C ALA B 487 32.94 -31.89 38.48
N ASP B 488 32.56 -32.80 37.61
CA ASP B 488 33.53 -33.54 36.82
C ASP B 488 33.37 -33.24 35.34
N LEU B 489 34.26 -33.79 34.53
CA LEU B 489 34.25 -33.56 33.10
C LEU B 489 32.99 -34.08 32.40
N ASN B 490 32.39 -33.18 31.63
CA ASN B 490 31.19 -33.49 30.86
C ASN B 490 31.66 -33.64 29.41
N GLY B 491 31.39 -34.81 28.83
CA GLY B 491 31.80 -35.08 27.46
C GLY B 491 31.35 -34.08 26.40
N LYS B 492 30.35 -33.28 26.73
CA LYS B 492 29.84 -32.29 25.79
C LYS B 492 30.76 -31.09 25.63
N PHE B 493 31.56 -30.83 26.66
CA PHE B 493 32.46 -29.68 26.65
C PHE B 493 33.83 -29.97 26.06
N LYS B 494 34.12 -29.33 24.94
CA LYS B 494 35.40 -29.50 24.28
C LYS B 494 35.99 -28.12 24.00
N LEU B 495 37.32 -28.02 24.05
CA LEU B 495 37.96 -26.75 23.76
C LEU B 495 37.69 -26.47 22.28
N PRO B 496 37.74 -25.19 21.89
CA PRO B 496 37.51 -24.80 20.50
C PRO B 496 38.61 -25.39 19.62
N THR B 497 38.40 -25.40 18.31
CA THR B 497 39.44 -25.90 17.43
C THR B 497 39.99 -24.72 16.65
N LYS B 498 41.07 -24.95 15.89
CA LYS B 498 41.70 -23.89 15.11
C LYS B 498 40.64 -23.04 14.41
N ASN B 499 40.77 -21.71 14.50
CA ASN B 499 39.82 -20.80 13.86
C ASN B 499 40.20 -20.66 12.38
N GLU B 500 39.47 -21.37 11.52
CA GLU B 500 39.73 -21.36 10.08
C GLU B 500 39.35 -20.06 9.36
N PHE B 501 38.68 -19.16 10.08
CA PHE B 501 38.29 -17.88 9.48
C PHE B 501 39.38 -16.81 9.61
N ILE B 502 40.45 -17.13 10.34
CA ILE B 502 41.54 -16.17 10.51
C ILE B 502 42.05 -15.78 9.13
N PRO B 503 42.01 -14.48 8.82
CA PRO B 503 42.48 -13.99 7.52
C PRO B 503 43.99 -14.06 7.37
N THR B 504 44.44 -14.29 6.14
CA THR B 504 45.87 -14.36 5.87
C THR B 504 46.24 -13.53 4.64
N ASN B 505 45.25 -13.26 3.78
CA ASN B 505 45.50 -12.46 2.59
C ASN B 505 45.08 -11.01 2.79
N PHE B 506 46.07 -10.13 2.94
CA PHE B 506 45.82 -8.72 3.16
C PHE B 506 46.24 -7.86 1.98
N GLU B 507 46.39 -8.49 0.83
CA GLU B 507 46.79 -7.79 -0.38
C GLU B 507 45.80 -6.68 -0.72
N ILE B 508 46.32 -5.50 -1.06
CA ILE B 508 45.49 -4.37 -1.44
C ILE B 508 45.50 -4.31 -2.96
N LEU B 509 44.33 -4.51 -3.58
CA LEU B 509 44.23 -4.49 -5.04
C LEU B 509 44.62 -3.16 -5.66
N PRO B 510 45.29 -3.21 -6.82
CA PRO B 510 45.71 -1.96 -7.49
C PRO B 510 44.44 -1.19 -7.84
N LEU B 511 44.53 0.13 -7.84
CA LEU B 511 43.36 0.93 -8.16
C LEU B 511 43.09 0.82 -9.66
N GLU B 512 41.98 0.15 -10.00
CA GLU B 512 41.60 -0.03 -11.40
C GLU B 512 41.58 1.32 -12.10
N LYS B 513 41.80 1.34 -13.42
CA LYS B 513 41.83 2.60 -14.14
C LYS B 513 40.43 3.19 -14.44
N GLU B 514 39.39 2.40 -14.19
CA GLU B 514 38.01 2.85 -14.42
C GLU B 514 37.37 3.27 -13.10
N ALA B 515 38.14 3.17 -12.02
CA ALA B 515 37.66 3.53 -10.68
C ALA B 515 37.02 4.92 -10.70
N THR B 516 35.96 5.08 -9.91
CA THR B 516 35.24 6.35 -9.83
C THR B 516 35.26 6.92 -8.41
N PRO B 517 35.04 8.24 -8.26
CA PRO B 517 35.02 8.94 -6.98
C PRO B 517 33.85 8.51 -6.09
N TYR B 518 32.74 8.15 -6.73
CA TYR B 518 31.54 7.71 -6.02
C TYR B 518 31.10 6.34 -6.51
N PRO B 519 30.11 5.72 -5.84
CA PRO B 519 29.65 4.40 -6.29
C PRO B 519 29.12 4.50 -7.70
N ALA B 520 29.34 3.46 -8.49
CA ALA B 520 28.86 3.43 -9.86
C ALA B 520 27.86 2.31 -10.01
N LEU B 521 26.81 2.55 -10.80
CA LEU B 521 25.81 1.51 -11.02
C LEU B 521 26.39 0.59 -12.09
N ILE B 522 26.86 -0.58 -11.69
CA ILE B 522 27.47 -1.50 -12.65
C ILE B 522 26.56 -2.65 -13.05
N LYS B 523 25.36 -2.67 -12.50
CA LYS B 523 24.38 -3.69 -12.84
C LYS B 523 22.99 -3.17 -12.51
N ASP B 524 22.11 -3.19 -13.51
CA ASP B 524 20.74 -2.69 -13.37
C ASP B 524 19.74 -3.61 -14.06
N THR B 525 19.42 -4.72 -13.42
CA THR B 525 18.48 -5.70 -13.95
C THR B 525 17.22 -5.78 -13.10
N ALA B 526 16.18 -6.43 -13.62
CA ALA B 526 14.93 -6.52 -12.87
C ALA B 526 15.17 -7.19 -11.51
N MET B 527 16.14 -8.09 -11.50
CA MET B 527 16.47 -8.82 -10.29
C MET B 527 17.36 -8.01 -9.32
N SER B 528 18.37 -7.35 -9.86
CA SER B 528 19.28 -6.60 -9.02
C SER B 528 19.82 -5.29 -9.56
N LYS B 529 20.11 -4.39 -8.64
CA LYS B 529 20.68 -3.08 -8.97
C LYS B 529 21.96 -3.06 -8.09
N LEU B 530 23.12 -3.11 -8.74
CA LEU B 530 24.39 -3.15 -8.03
C LEU B 530 25.20 -1.87 -8.09
N TRP B 531 25.44 -1.30 -6.91
CA TRP B 531 26.24 -0.09 -6.82
C TRP B 531 27.63 -0.55 -6.40
N PHE B 532 28.67 0.00 -7.01
CA PHE B 532 30.03 -0.42 -6.69
C PHE B 532 31.08 0.68 -6.65
N LYS B 533 32.02 0.51 -5.73
CA LYS B 533 33.13 1.45 -5.63
C LYS B 533 34.33 0.77 -4.99
N GLN B 534 35.44 0.77 -5.70
CA GLN B 534 36.67 0.21 -5.16
C GLN B 534 37.25 1.32 -4.28
N ASP B 535 37.60 0.98 -3.04
CA ASP B 535 38.16 1.95 -2.11
C ASP B 535 39.35 2.68 -2.70
N ASP B 536 39.31 4.01 -2.65
CA ASP B 536 40.39 4.82 -3.20
C ASP B 536 41.04 5.75 -2.17
N LYS B 537 40.92 5.43 -0.89
CA LYS B 537 41.53 6.31 0.10
C LYS B 537 41.90 5.71 1.46
N PHE B 538 41.32 4.59 1.85
CA PHE B 538 41.65 4.02 3.16
C PHE B 538 42.72 2.95 3.02
N PHE B 539 42.65 2.22 1.90
CA PHE B 539 43.64 1.18 1.60
C PHE B 539 43.91 0.15 2.67
N LEU B 540 42.82 -0.38 3.23
CA LEU B 540 42.97 -1.42 4.25
C LEU B 540 42.30 -2.67 3.60
N PRO B 541 42.74 -3.88 4.00
CA PRO B 541 42.19 -5.14 3.45
C PRO B 541 40.80 -5.48 3.98
N LYS B 542 39.85 -4.58 3.72
CA LYS B 542 38.47 -4.75 4.21
C LYS B 542 37.46 -4.37 3.14
N ALA B 543 36.22 -4.79 3.34
CA ALA B 543 35.14 -4.48 2.42
C ALA B 543 33.77 -4.50 3.11
N CYS B 544 32.83 -3.70 2.58
CA CYS B 544 31.47 -3.64 3.07
C CYS B 544 30.53 -4.10 1.96
N LEU B 545 29.77 -5.16 2.25
CA LEU B 545 28.82 -5.72 1.29
C LEU B 545 27.43 -5.54 1.88
N ASN B 546 26.68 -4.57 1.34
CA ASN B 546 25.34 -4.26 1.81
C ASN B 546 24.29 -4.70 0.78
N PHE B 547 23.26 -5.39 1.27
CA PHE B 547 22.19 -5.89 0.41
C PHE B 547 20.78 -5.56 0.94
N GLU B 548 19.95 -5.00 0.07
CA GLU B 548 18.55 -4.70 0.40
C GLU B 548 17.70 -5.71 -0.37
N PHE B 549 17.00 -6.59 0.33
CA PHE B 549 16.14 -7.55 -0.34
C PHE B 549 14.71 -7.03 -0.26
N PHE B 550 14.17 -6.61 -1.41
CA PHE B 550 12.80 -6.09 -1.44
C PHE B 550 11.72 -7.14 -1.64
N SER B 551 10.74 -7.12 -0.75
CA SER B 551 9.61 -8.04 -0.82
C SER B 551 8.42 -7.47 -0.05
N PRO B 552 7.24 -7.44 -0.68
CA PRO B 552 6.00 -6.92 -0.08
C PRO B 552 5.47 -7.79 1.05
N PHE B 553 5.92 -9.04 1.11
CA PHE B 553 5.45 -9.95 2.14
C PHE B 553 6.13 -9.86 3.50
N ALA B 554 7.04 -8.91 3.66
CA ALA B 554 7.72 -8.75 4.94
C ALA B 554 6.92 -7.81 5.84
N TYR B 555 6.04 -7.02 5.23
CA TYR B 555 5.27 -6.04 6.00
C TYR B 555 3.80 -5.91 5.56
N VAL B 556 3.33 -6.83 4.74
CA VAL B 556 1.94 -6.77 4.26
C VAL B 556 0.94 -6.63 5.40
N ASP B 557 1.15 -7.36 6.50
CA ASP B 557 0.29 -7.26 7.67
C ASP B 557 1.10 -7.60 8.91
N PRO B 558 0.54 -7.38 10.11
CA PRO B 558 1.24 -7.67 11.37
C PRO B 558 1.82 -9.08 11.44
N LEU B 559 1.03 -10.07 11.02
CA LEU B 559 1.46 -11.46 11.07
C LEU B 559 2.74 -11.70 10.26
N HIS B 560 2.75 -11.22 9.02
CA HIS B 560 3.91 -11.39 8.16
C HIS B 560 5.14 -10.65 8.68
N CYS B 561 4.92 -9.52 9.35
CA CYS B 561 6.02 -8.77 9.94
C CYS B 561 6.62 -9.65 11.03
N ASN B 562 5.76 -10.21 11.88
CA ASN B 562 6.21 -11.08 12.96
C ASN B 562 6.98 -12.27 12.39
N MET B 563 6.50 -12.83 11.29
CA MET B 563 7.16 -13.98 10.69
C MET B 563 8.50 -13.60 10.05
N ALA B 564 8.54 -12.44 9.42
CA ALA B 564 9.78 -11.97 8.79
C ALA B 564 10.84 -11.83 9.90
N TYR B 565 10.41 -11.33 11.05
CA TYR B 565 11.31 -11.16 12.18
C TYR B 565 11.78 -12.50 12.72
N LEU B 566 10.82 -13.38 13.05
CA LEU B 566 11.17 -14.69 13.59
C LEU B 566 12.06 -15.51 12.66
N TYR B 567 11.78 -15.45 11.37
CA TYR B 567 12.56 -16.16 10.37
C TYR B 567 14.05 -15.80 10.46
N LEU B 568 14.34 -14.50 10.38
CA LEU B 568 15.72 -14.02 10.44
C LEU B 568 16.35 -14.25 11.81
N GLU B 569 15.55 -14.14 12.86
CA GLU B 569 16.03 -14.35 14.22
C GLU B 569 16.41 -15.84 14.36
N LEU B 570 15.57 -16.73 13.82
CA LEU B 570 15.83 -18.17 13.88
C LEU B 570 17.04 -18.53 13.03
N LEU B 571 17.21 -17.80 11.93
CA LEU B 571 18.32 -18.04 11.03
C LEU B 571 19.66 -17.68 11.68
N LYS B 572 19.71 -16.52 12.31
CA LYS B 572 20.93 -16.07 12.98
C LYS B 572 21.27 -17.01 14.13
N ASP B 573 20.25 -17.51 14.81
CA ASP B 573 20.47 -18.42 15.92
C ASP B 573 21.08 -19.74 15.45
N SER B 574 20.66 -20.23 14.28
CA SER B 574 21.21 -21.50 13.79
C SER B 574 22.61 -21.33 13.21
N LEU B 575 22.93 -20.13 12.73
CA LEU B 575 24.23 -19.83 12.14
C LEU B 575 25.25 -19.33 13.17
N ASN B 576 24.77 -18.99 14.36
CA ASN B 576 25.62 -18.43 15.41
C ASN B 576 26.92 -19.20 15.71
N GLU B 577 26.79 -20.48 15.98
CA GLU B 577 27.93 -21.32 16.30
C GLU B 577 29.01 -21.22 15.23
N TYR B 578 28.60 -21.25 13.97
CA TYR B 578 29.52 -21.17 12.85
C TYR B 578 30.05 -19.75 12.65
N ALA B 579 29.18 -18.76 12.83
CA ALA B 579 29.57 -17.37 12.62
C ALA B 579 30.43 -16.75 13.72
N TYR B 580 30.44 -17.33 14.91
CA TYR B 580 31.23 -16.79 16.00
C TYR B 580 32.72 -16.75 15.66
N ALA B 581 33.22 -17.81 15.03
CA ALA B 581 34.63 -17.89 14.64
C ALA B 581 34.96 -16.75 13.68
N ALA B 582 34.03 -16.47 12.78
CA ALA B 582 34.22 -15.41 11.80
C ALA B 582 34.24 -14.05 12.50
N GLU B 583 33.37 -13.87 13.49
CA GLU B 583 33.30 -12.62 14.23
C GLU B 583 34.64 -12.37 14.94
N LEU B 584 35.17 -13.39 15.61
CA LEU B 584 36.44 -13.25 16.30
C LEU B 584 37.54 -12.91 15.27
N ALA B 585 37.40 -13.41 14.05
CA ALA B 585 38.40 -13.16 13.02
C ALA B 585 38.14 -11.86 12.30
N GLY B 586 37.36 -10.97 12.93
CA GLY B 586 37.08 -9.67 12.32
C GLY B 586 36.20 -9.70 11.09
N LEU B 587 35.26 -10.64 11.06
CA LEU B 587 34.33 -10.77 9.93
C LEU B 587 32.93 -10.92 10.50
N SER B 588 32.13 -9.88 10.42
CA SER B 588 30.77 -9.96 10.96
C SER B 588 29.69 -9.65 9.94
N TYR B 589 28.44 -9.87 10.34
CA TYR B 589 27.32 -9.59 9.46
C TYR B 589 26.13 -9.13 10.29
N ASP B 590 25.20 -8.46 9.62
CA ASP B 590 23.98 -7.98 10.26
C ASP B 590 22.83 -8.39 9.35
N LEU B 591 21.80 -9.01 9.93
CA LEU B 591 20.65 -9.48 9.16
C LEU B 591 19.37 -9.15 9.93
N GLN B 592 18.57 -8.27 9.34
CA GLN B 592 17.33 -7.83 9.97
C GLN B 592 16.20 -7.70 8.95
N ASN B 593 14.97 -7.82 9.43
CA ASN B 593 13.81 -7.66 8.56
C ASN B 593 13.51 -6.16 8.58
N THR B 594 12.95 -5.65 7.49
CA THR B 594 12.63 -4.22 7.40
C THR B 594 11.19 -4.08 6.92
N ILE B 595 10.72 -2.84 6.82
CA ILE B 595 9.37 -2.59 6.35
C ILE B 595 9.27 -2.85 4.85
N TYR B 596 10.41 -3.03 4.20
CA TYR B 596 10.41 -3.28 2.76
C TYR B 596 10.94 -4.65 2.40
N GLY B 597 11.34 -5.41 3.42
CA GLY B 597 11.87 -6.74 3.15
C GLY B 597 12.94 -7.15 4.14
N MET B 598 14.17 -7.28 3.68
CA MET B 598 15.28 -7.68 4.52
C MET B 598 16.53 -6.85 4.22
N TYR B 599 17.42 -6.81 5.21
CA TYR B 599 18.67 -6.09 5.09
C TYR B 599 19.80 -7.00 5.57
N LEU B 600 20.84 -7.12 4.75
CA LEU B 600 21.98 -7.95 5.08
C LEU B 600 23.25 -7.14 4.85
N SER B 601 24.14 -7.14 5.84
CA SER B 601 25.38 -6.42 5.71
C SER B 601 26.53 -7.27 6.22
N VAL B 602 27.56 -7.42 5.38
CA VAL B 602 28.75 -8.17 5.73
C VAL B 602 29.91 -7.18 5.73
N LYS B 603 30.72 -7.20 6.79
CA LYS B 603 31.84 -6.27 6.93
C LYS B 603 33.09 -6.93 7.54
N GLY B 604 34.24 -6.29 7.38
CA GLY B 604 35.47 -6.82 7.94
C GLY B 604 36.50 -7.11 6.86
N TYR B 605 37.49 -7.94 7.18
CA TYR B 605 38.52 -8.31 6.22
C TYR B 605 37.85 -8.97 5.03
N ASN B 606 38.23 -8.54 3.82
CA ASN B 606 37.64 -9.09 2.60
C ASN B 606 38.01 -10.54 2.32
N ASP B 607 39.20 -10.96 2.78
CA ASP B 607 39.71 -12.31 2.56
C ASP B 607 38.65 -13.42 2.49
N LYS B 608 37.99 -13.70 3.61
CA LYS B 608 37.00 -14.78 3.64
C LYS B 608 35.52 -14.37 3.61
N GLN B 609 35.23 -13.11 3.27
CA GLN B 609 33.84 -12.67 3.22
C GLN B 609 32.96 -13.51 2.30
N PRO B 610 33.42 -13.77 1.07
CA PRO B 610 32.63 -14.56 0.12
C PRO B 610 32.13 -15.87 0.75
N ILE B 611 32.95 -16.45 1.62
CA ILE B 611 32.60 -17.71 2.27
C ILE B 611 31.46 -17.53 3.26
N LEU B 612 31.57 -16.53 4.12
CA LEU B 612 30.52 -16.28 5.10
C LEU B 612 29.21 -15.92 4.38
N LEU B 613 29.33 -15.03 3.39
CA LEU B 613 28.17 -14.59 2.64
C LEU B 613 27.45 -15.75 1.97
N LYS B 614 28.19 -16.59 1.24
CA LYS B 614 27.56 -17.72 0.56
C LYS B 614 26.83 -18.56 1.60
N LYS B 615 27.46 -18.79 2.75
CA LYS B 615 26.86 -19.59 3.81
C LYS B 615 25.53 -19.01 4.28
N ILE B 616 25.48 -17.70 4.44
CA ILE B 616 24.26 -17.04 4.89
C ILE B 616 23.11 -17.20 3.90
N ILE B 617 23.36 -16.83 2.64
CA ILE B 617 22.33 -16.92 1.60
C ILE B 617 21.86 -18.36 1.43
N GLU B 618 22.82 -19.27 1.37
CA GLU B 618 22.53 -20.69 1.24
C GLU B 618 21.61 -21.10 2.38
N LYS B 619 21.98 -20.73 3.61
CA LYS B 619 21.19 -21.07 4.78
C LYS B 619 19.79 -20.47 4.68
N MET B 620 19.70 -19.22 4.22
CA MET B 620 18.42 -18.54 4.05
C MET B 620 17.46 -19.27 3.11
N ALA B 621 17.98 -19.72 1.99
CA ALA B 621 17.18 -20.38 0.97
C ALA B 621 16.89 -21.86 1.18
N THR B 622 17.40 -22.43 2.27
CA THR B 622 17.20 -23.85 2.53
C THR B 622 16.95 -24.10 4.00
N PHE B 623 16.70 -23.03 4.73
CA PHE B 623 16.48 -23.09 6.17
C PHE B 623 15.43 -24.09 6.65
N GLU B 624 15.78 -24.82 7.71
CA GLU B 624 14.87 -25.78 8.34
C GLU B 624 14.75 -25.35 9.78
N ILE B 625 13.54 -25.01 10.18
CA ILE B 625 13.27 -24.54 11.53
C ILE B 625 13.24 -25.63 12.58
N ASP B 626 13.97 -25.42 13.66
CA ASP B 626 13.99 -26.36 14.77
C ASP B 626 12.84 -25.89 15.67
N GLU B 627 11.82 -26.73 15.81
CA GLU B 627 10.65 -26.38 16.60
C GLU B 627 10.95 -25.88 18.00
N LYS B 628 11.93 -26.49 18.67
CA LYS B 628 12.28 -26.08 20.01
C LYS B 628 12.82 -24.64 20.04
N ARG B 629 13.64 -24.31 19.06
CA ARG B 629 14.22 -22.97 18.95
C ARG B 629 13.11 -21.97 18.63
N PHE B 630 12.23 -22.39 17.72
CA PHE B 630 11.10 -21.56 17.29
C PHE B 630 10.24 -21.13 18.47
N GLU B 631 9.95 -22.07 19.36
CA GLU B 631 9.11 -21.80 20.52
C GLU B 631 9.78 -20.83 21.49
N ILE B 632 11.05 -21.09 21.78
CA ILE B 632 11.82 -20.25 22.70
C ILE B 632 11.94 -18.82 22.17
N ILE B 633 12.37 -18.68 20.91
CA ILE B 633 12.54 -17.37 20.31
C ILE B 633 11.22 -16.61 20.21
N LYS B 634 10.14 -17.34 19.96
CA LYS B 634 8.82 -16.72 19.86
C LYS B 634 8.42 -16.14 21.22
N GLU B 635 8.71 -16.87 22.29
CA GLU B 635 8.39 -16.41 23.64
C GLU B 635 9.20 -15.15 24.01
N ALA B 636 10.46 -15.10 23.60
CA ALA B 636 11.30 -13.94 23.89
C ALA B 636 10.81 -12.73 23.12
N TYR B 637 10.39 -12.97 21.87
CA TYR B 637 9.89 -11.90 21.01
C TYR B 637 8.62 -11.28 21.60
N MET B 638 7.74 -12.12 22.12
CA MET B 638 6.50 -11.63 22.73
C MET B 638 6.88 -10.73 23.92
N ARG B 639 7.84 -11.21 24.69
CA ARG B 639 8.30 -10.48 25.86
C ARG B 639 8.88 -9.14 25.44
N SER B 640 9.69 -9.16 24.39
CA SER B 640 10.33 -7.97 23.87
C SER B 640 9.31 -6.92 23.42
N LEU B 641 8.24 -7.37 22.76
CA LEU B 641 7.19 -6.46 22.31
C LEU B 641 6.52 -5.80 23.51
N ASN B 642 6.28 -6.59 24.55
CA ASN B 642 5.66 -6.08 25.76
C ASN B 642 6.55 -5.09 26.50
N ASN B 643 7.82 -5.44 26.62
CA ASN B 643 8.78 -4.61 27.33
C ASN B 643 8.94 -3.20 26.82
N PHE B 644 8.40 -2.91 25.65
CA PHE B 644 8.50 -1.57 25.11
C PHE B 644 7.72 -0.62 26.03
N ARG B 645 6.85 -1.20 26.86
CA ARG B 645 6.06 -0.40 27.78
C ARG B 645 6.95 0.20 28.88
N ALA B 646 8.13 -0.38 29.06
CA ALA B 646 9.06 0.09 30.08
C ALA B 646 10.09 1.07 29.52
N GLU B 647 9.98 1.41 28.24
CA GLU B 647 10.92 2.37 27.65
C GLU B 647 10.58 3.78 28.12
N GLN B 648 11.56 4.67 28.04
CA GLN B 648 11.40 6.05 28.46
C GLN B 648 10.34 6.82 27.66
N PRO B 649 9.70 7.80 28.29
CA PRO B 649 8.66 8.67 27.72
C PRO B 649 9.04 9.31 26.38
N HIS B 650 10.26 9.83 26.29
CA HIS B 650 10.69 10.45 25.04
C HIS B 650 10.79 9.40 23.93
N GLN B 651 11.12 8.15 24.27
CA GLN B 651 11.20 7.11 23.25
C GLN B 651 9.77 6.78 22.80
N HIS B 652 8.81 6.86 23.73
CA HIS B 652 7.43 6.59 23.37
C HIS B 652 6.94 7.69 22.42
N ALA B 653 7.31 8.93 22.72
CA ALA B 653 6.91 10.07 21.89
C ALA B 653 7.38 9.89 20.45
N MET B 654 8.65 9.51 20.28
CA MET B 654 9.20 9.30 18.94
C MET B 654 8.47 8.14 18.25
N TYR B 655 8.15 7.10 19.02
CA TYR B 655 7.43 5.95 18.51
C TYR B 655 6.06 6.38 17.96
N TYR B 656 5.25 7.04 18.78
CA TYR B 656 3.91 7.50 18.33
C TYR B 656 3.96 8.42 17.11
N LEU B 657 4.88 9.37 17.12
CA LEU B 657 5.01 10.28 15.99
C LEU B 657 5.30 9.52 14.69
N ARG B 658 6.10 8.46 14.81
CA ARG B 658 6.46 7.63 13.67
C ARG B 658 5.21 6.93 13.15
N LEU B 659 4.42 6.35 14.05
CA LEU B 659 3.20 5.67 13.66
C LEU B 659 2.20 6.66 13.08
N LEU B 660 2.27 7.90 13.54
CA LEU B 660 1.38 8.95 13.11
C LEU B 660 1.64 9.52 11.73
N MET B 661 2.91 9.75 11.40
CA MET B 661 3.30 10.35 10.13
C MET B 661 3.54 9.42 8.95
N THR B 662 3.69 8.13 9.21
CA THR B 662 3.98 7.19 8.13
C THR B 662 2.73 6.52 7.59
N GLU B 663 2.64 6.46 6.27
CA GLU B 663 1.49 5.85 5.58
C GLU B 663 1.12 4.50 6.19
N VAL B 664 2.04 3.55 6.19
CA VAL B 664 1.79 2.22 6.74
C VAL B 664 2.73 1.92 7.90
N ALA B 665 2.18 1.47 9.02
CA ALA B 665 2.98 1.14 10.19
C ALA B 665 2.15 0.35 11.20
N TRP B 666 2.64 -0.84 11.55
CA TRP B 666 1.95 -1.67 12.51
C TRP B 666 2.45 -1.36 13.91
N THR B 667 1.52 -1.24 14.86
CA THR B 667 1.88 -0.92 16.22
C THR B 667 2.36 -2.19 16.92
N LYS B 668 3.01 -2.02 18.07
CA LYS B 668 3.51 -3.16 18.81
C LYS B 668 2.37 -3.98 19.38
N ASP B 669 1.23 -3.33 19.61
CA ASP B 669 0.07 -4.04 20.12
C ASP B 669 -0.49 -4.95 19.02
N GLU B 670 -0.54 -4.45 17.79
CA GLU B 670 -1.06 -5.23 16.68
C GLU B 670 -0.13 -6.42 16.42
N LEU B 671 1.18 -6.16 16.53
CA LEU B 671 2.18 -7.18 16.32
C LEU B 671 2.10 -8.28 17.38
N LYS B 672 1.97 -7.93 18.66
CA LYS B 672 1.91 -9.01 19.63
C LYS B 672 0.59 -9.75 19.61
N GLU B 673 -0.45 -9.09 19.13
CA GLU B 673 -1.73 -9.76 19.08
C GLU B 673 -1.71 -10.77 17.90
N ALA B 674 -0.95 -10.48 16.85
CA ALA B 674 -0.88 -11.38 15.70
C ALA B 674 0.15 -12.48 15.98
N LEU B 675 0.99 -12.28 16.99
CA LEU B 675 2.02 -13.24 17.33
C LEU B 675 1.47 -14.58 17.78
N ASP B 676 0.26 -14.58 18.34
CA ASP B 676 -0.34 -15.84 18.78
C ASP B 676 -0.81 -16.65 17.58
N ASP B 677 -0.81 -16.03 16.41
CA ASP B 677 -1.23 -16.71 15.18
C ASP B 677 -0.06 -17.34 14.45
N VAL B 678 1.15 -17.05 14.89
CA VAL B 678 2.34 -17.61 14.25
C VAL B 678 2.61 -19.05 14.65
N THR B 679 2.33 -19.99 13.76
CA THR B 679 2.57 -21.40 14.04
C THR B 679 3.74 -21.87 13.19
N LEU B 680 4.38 -22.95 13.61
CA LEU B 680 5.52 -23.50 12.88
C LEU B 680 5.16 -23.71 11.40
N PRO B 681 4.02 -24.37 11.12
CA PRO B 681 3.64 -24.60 9.72
C PRO B 681 3.48 -23.31 8.93
N ARG B 682 2.88 -22.30 9.56
CA ARG B 682 2.70 -21.01 8.90
C ARG B 682 4.04 -20.36 8.60
N LEU B 683 4.98 -20.45 9.54
CA LEU B 683 6.30 -19.86 9.32
C LEU B 683 6.99 -20.61 8.20
N LYS B 684 6.86 -21.94 8.21
CA LYS B 684 7.49 -22.77 7.19
C LYS B 684 6.98 -22.43 5.79
N ALA B 685 5.68 -22.13 5.68
CA ALA B 685 5.11 -21.80 4.39
C ALA B 685 5.48 -20.38 3.99
N PHE B 686 5.55 -19.49 4.99
CA PHE B 686 5.91 -18.10 4.75
C PHE B 686 7.27 -17.91 4.08
N ILE B 687 8.28 -18.63 4.57
CA ILE B 687 9.63 -18.47 4.04
C ILE B 687 9.77 -18.60 2.53
N PRO B 688 9.29 -19.71 1.95
CA PRO B 688 9.38 -19.90 0.49
C PRO B 688 8.69 -18.77 -0.26
N GLN B 689 7.55 -18.35 0.26
CA GLN B 689 6.78 -17.26 -0.34
C GLN B 689 7.57 -15.96 -0.32
N LEU B 690 8.23 -15.69 0.81
CA LEU B 690 9.01 -14.46 0.96
C LEU B 690 10.13 -14.41 -0.09
N LEU B 691 10.82 -15.52 -0.27
CA LEU B 691 11.93 -15.59 -1.22
C LEU B 691 11.55 -15.87 -2.67
N SER B 692 10.28 -16.21 -2.92
CA SER B 692 9.85 -16.53 -4.29
C SER B 692 10.00 -15.37 -5.25
N ARG B 693 9.80 -14.16 -4.76
CA ARG B 693 9.89 -12.96 -5.59
C ARG B 693 10.69 -11.89 -4.88
N LEU B 694 11.75 -11.41 -5.51
CA LEU B 694 12.56 -10.38 -4.88
C LEU B 694 13.29 -9.46 -5.84
N HIS B 695 13.72 -8.33 -5.30
CA HIS B 695 14.53 -7.38 -6.02
C HIS B 695 15.66 -7.06 -5.06
N ILE B 696 16.88 -7.02 -5.57
CA ILE B 696 18.02 -6.75 -4.70
C ILE B 696 18.80 -5.53 -5.15
N GLU B 697 19.03 -4.62 -4.20
CA GLU B 697 19.81 -3.43 -4.46
C GLU B 697 20.94 -3.52 -3.45
N ALA B 698 22.17 -3.53 -3.96
CA ALA B 698 23.32 -3.68 -3.11
C ALA B 698 24.39 -2.64 -3.35
N LEU B 699 25.28 -2.53 -2.37
CA LEU B 699 26.40 -1.62 -2.46
C LEU B 699 27.61 -2.43 -1.99
N LEU B 700 28.58 -2.59 -2.89
CA LEU B 700 29.80 -3.34 -2.62
C LEU B 700 30.88 -2.28 -2.65
N HIS B 701 31.48 -2.06 -1.49
CA HIS B 701 32.48 -1.01 -1.32
C HIS B 701 33.68 -1.48 -0.48
N GLY B 702 34.88 -1.31 -1.02
CA GLY B 702 36.06 -1.68 -0.28
C GLY B 702 37.21 -2.19 -1.12
N ASN B 703 37.96 -3.14 -0.57
CA ASN B 703 39.11 -3.72 -1.25
C ASN B 703 38.66 -4.86 -2.17
N ILE B 704 37.97 -4.51 -3.25
CA ILE B 704 37.51 -5.50 -4.21
C ILE B 704 37.39 -4.89 -5.60
N THR B 705 37.59 -5.72 -6.61
CA THR B 705 37.51 -5.30 -8.00
C THR B 705 36.07 -5.33 -8.49
N LYS B 706 35.83 -4.73 -9.64
CA LYS B 706 34.51 -4.71 -10.22
C LYS B 706 34.04 -6.13 -10.53
N GLN B 707 34.96 -6.93 -11.09
CA GLN B 707 34.65 -8.32 -11.44
C GLN B 707 34.34 -9.14 -10.19
N ALA B 708 35.03 -8.84 -9.08
CA ALA B 708 34.78 -9.57 -7.85
C ALA B 708 33.40 -9.17 -7.33
N ALA B 709 33.05 -7.90 -7.48
CA ALA B 709 31.75 -7.38 -7.02
C ALA B 709 30.62 -8.02 -7.82
N LEU B 710 30.75 -8.01 -9.15
CA LEU B 710 29.73 -8.61 -10.00
C LEU B 710 29.58 -10.08 -9.65
N GLY B 711 30.71 -10.76 -9.44
CA GLY B 711 30.68 -12.17 -9.10
C GLY B 711 29.98 -12.42 -7.78
N ILE B 712 30.20 -11.54 -6.82
CA ILE B 712 29.58 -11.67 -5.50
C ILE B 712 28.07 -11.46 -5.63
N MET B 713 27.68 -10.43 -6.36
CA MET B 713 26.26 -10.15 -6.56
C MET B 713 25.59 -11.32 -7.27
N GLN B 714 26.22 -11.84 -8.33
CA GLN B 714 25.62 -12.94 -9.07
C GLN B 714 25.57 -14.23 -8.25
N MET B 715 26.54 -14.42 -7.36
CA MET B 715 26.54 -15.61 -6.52
C MET B 715 25.34 -15.58 -5.57
N VAL B 716 25.01 -14.41 -5.02
CA VAL B 716 23.87 -14.29 -4.12
C VAL B 716 22.57 -14.62 -4.88
N GLU B 717 22.43 -14.07 -6.08
CA GLU B 717 21.23 -14.31 -6.88
C GLU B 717 21.10 -15.79 -7.26
N ASP B 718 22.17 -16.35 -7.81
CA ASP B 718 22.18 -17.75 -8.22
C ASP B 718 21.85 -18.71 -7.08
N THR B 719 22.30 -18.37 -5.87
CA THR B 719 22.01 -19.22 -4.72
C THR B 719 20.52 -19.18 -4.41
N LEU B 720 19.92 -18.01 -4.55
CA LEU B 720 18.48 -17.87 -4.28
C LEU B 720 17.70 -18.53 -5.41
N ILE B 721 18.13 -18.31 -6.66
CA ILE B 721 17.47 -18.90 -7.81
C ILE B 721 17.48 -20.43 -7.74
N GLU B 722 18.64 -20.99 -7.42
CA GLU B 722 18.79 -22.43 -7.33
C GLU B 722 18.00 -23.10 -6.20
N HIS B 723 18.04 -22.52 -5.01
CA HIS B 723 17.36 -23.13 -3.87
C HIS B 723 15.98 -22.58 -3.55
N ALA B 724 15.70 -21.36 -3.98
CA ALA B 724 14.40 -20.75 -3.69
C ALA B 724 13.59 -20.42 -4.94
N HIS B 725 14.16 -20.71 -6.10
CA HIS B 725 13.48 -20.43 -7.38
C HIS B 725 13.01 -18.99 -7.43
N THR B 726 13.84 -18.09 -6.88
CA THR B 726 13.52 -16.68 -6.84
C THR B 726 13.37 -16.07 -8.23
N LYS B 727 12.29 -15.30 -8.40
CA LYS B 727 12.03 -14.63 -9.66
C LYS B 727 12.05 -13.13 -9.37
N PRO B 728 12.26 -12.30 -10.39
CA PRO B 728 12.31 -10.85 -10.23
C PRO B 728 10.94 -10.23 -9.90
N LEU B 729 10.95 -9.16 -9.11
CA LEU B 729 9.74 -8.44 -8.74
C LEU B 729 9.42 -7.45 -9.86
N LEU B 730 8.16 -7.03 -9.95
CA LEU B 730 7.77 -6.04 -10.94
C LEU B 730 8.21 -4.68 -10.43
N PRO B 731 8.68 -3.80 -11.32
CA PRO B 731 9.14 -2.47 -10.91
C PRO B 731 8.08 -1.67 -10.16
N SER B 732 6.83 -1.80 -10.58
CA SER B 732 5.72 -1.10 -9.94
C SER B 732 5.48 -1.62 -8.53
N GLN B 733 6.08 -2.76 -8.20
CA GLN B 733 5.94 -3.36 -6.87
C GLN B 733 6.93 -2.76 -5.87
N LEU B 734 7.93 -2.05 -6.36
CA LEU B 734 8.91 -1.43 -5.47
C LEU B 734 8.29 -0.14 -4.92
N VAL B 735 7.31 -0.31 -4.05
CA VAL B 735 6.62 0.83 -3.47
C VAL B 735 7.22 1.27 -2.16
N ARG B 736 7.42 2.57 -2.05
CA ARG B 736 7.98 3.18 -0.85
C ARG B 736 6.80 3.89 -0.14
N TYR B 737 6.85 3.99 1.18
CA TYR B 737 5.77 4.63 1.92
C TYR B 737 5.91 6.14 1.97
N ARG B 738 4.78 6.83 2.01
CA ARG B 738 4.76 8.29 2.04
C ARG B 738 4.50 8.82 3.44
N GLU B 739 4.78 10.10 3.66
CA GLU B 739 4.52 10.71 4.95
C GLU B 739 3.22 11.51 4.84
N VAL B 740 2.43 11.48 5.91
CA VAL B 740 1.17 12.21 5.97
C VAL B 740 1.43 13.70 5.74
N GLN B 741 0.56 14.34 4.97
CA GLN B 741 0.72 15.76 4.68
C GLN B 741 -0.19 16.63 5.55
N LEU B 742 0.43 17.32 6.52
CA LEU B 742 -0.31 18.19 7.43
C LEU B 742 -0.82 19.43 6.70
N PRO B 743 -2.01 19.90 7.08
CA PRO B 743 -2.61 21.09 6.46
C PRO B 743 -2.06 22.39 7.00
N ASP B 744 -2.02 23.41 6.15
CA ASP B 744 -1.54 24.73 6.54
C ASP B 744 -2.26 25.23 7.78
N ARG B 745 -1.50 25.80 8.71
CA ARG B 745 -2.02 26.33 9.96
C ARG B 745 -2.65 25.27 10.86
N GLY B 746 -2.46 24.01 10.53
CA GLY B 746 -3.04 22.96 11.36
C GLY B 746 -2.16 22.55 12.53
N TRP B 747 -2.81 22.15 13.63
CA TRP B 747 -2.09 21.70 14.81
C TRP B 747 -2.84 20.53 15.44
N PHE B 748 -2.20 19.36 15.44
CA PHE B 748 -2.79 18.16 16.01
C PHE B 748 -1.99 17.72 17.22
N VAL B 749 -2.68 17.12 18.18
CA VAL B 749 -2.05 16.63 19.38
C VAL B 749 -2.49 15.19 19.66
N TYR B 750 -1.52 14.34 19.96
CA TYR B 750 -1.81 12.95 20.28
C TYR B 750 -1.28 12.74 21.68
N GLN B 751 -2.13 12.24 22.58
CA GLN B 751 -1.72 12.05 23.96
C GLN B 751 -1.82 10.60 24.41
N GLN B 752 -0.84 10.20 25.22
CA GLN B 752 -0.77 8.86 25.76
C GLN B 752 -0.06 8.89 27.11
N ARG B 753 -0.13 7.78 27.83
CA ARG B 753 0.50 7.71 29.14
C ARG B 753 1.57 6.62 29.23
N ASN B 754 2.68 6.92 29.91
CA ASN B 754 3.73 5.96 30.12
C ASN B 754 3.43 5.34 31.48
N GLU B 755 3.18 4.04 31.49
CA GLU B 755 2.80 3.31 32.71
C GLU B 755 3.93 2.90 33.63
N VAL B 756 5.18 3.16 33.24
CA VAL B 756 6.32 2.75 34.05
C VAL B 756 7.09 3.91 34.66
N HIS B 757 7.48 4.86 33.81
CA HIS B 757 8.25 6.02 34.24
C HIS B 757 7.37 7.15 34.74
N ASN B 758 7.78 7.78 35.84
CA ASN B 758 7.03 8.87 36.41
C ASN B 758 7.51 10.23 35.93
N ASN B 759 7.68 10.35 34.62
CA ASN B 759 8.11 11.59 34.00
C ASN B 759 7.31 11.73 32.73
N CYS B 760 7.23 12.95 32.20
CA CYS B 760 6.51 13.20 30.97
C CYS B 760 7.49 13.29 29.81
N GLY B 761 6.98 13.15 28.60
CA GLY B 761 7.81 13.24 27.43
C GLY B 761 7.02 13.96 26.35
N ILE B 762 7.73 14.66 25.47
CA ILE B 762 7.06 15.37 24.41
C ILE B 762 7.93 15.50 23.17
N GLU B 763 7.29 15.45 22.02
CA GLU B 763 7.98 15.66 20.76
C GLU B 763 7.11 16.60 19.94
N ILE B 764 7.68 17.71 19.51
CA ILE B 764 6.96 18.66 18.69
C ILE B 764 7.58 18.59 17.31
N TYR B 765 6.75 18.39 16.31
CA TYR B 765 7.21 18.30 14.93
C TYR B 765 6.58 19.39 14.08
N TYR B 766 7.42 20.28 13.54
CA TYR B 766 6.96 21.36 12.67
C TYR B 766 7.35 20.95 11.25
N GLN B 767 6.44 20.27 10.58
CA GLN B 767 6.68 19.80 9.23
C GLN B 767 6.91 20.96 8.27
N THR B 768 7.92 20.86 7.41
CA THR B 768 8.17 21.92 6.46
C THR B 768 7.71 21.53 5.05
N ASP B 769 8.54 20.84 4.29
CA ASP B 769 8.17 20.45 2.94
C ASP B 769 9.08 19.30 2.51
N MET B 770 8.96 18.89 1.26
CA MET B 770 9.77 17.80 0.72
C MET B 770 11.25 18.19 0.75
N GLN B 771 12.11 17.19 0.85
CA GLN B 771 13.54 17.44 0.85
C GLN B 771 13.99 17.91 -0.53
N SER B 772 14.94 18.83 -0.54
CA SER B 772 15.51 19.39 -1.76
C SER B 772 16.67 20.28 -1.34
N THR B 773 17.60 20.56 -2.25
CA THR B 773 18.75 21.39 -1.94
C THR B 773 18.33 22.65 -1.18
N SER B 774 17.28 23.30 -1.68
CA SER B 774 16.75 24.51 -1.09
C SER B 774 16.20 24.33 0.33
N GLU B 775 15.17 23.51 0.47
CA GLU B 775 14.54 23.27 1.76
C GLU B 775 15.47 22.64 2.78
N ASN B 776 16.36 21.76 2.32
CA ASN B 776 17.30 21.09 3.21
C ASN B 776 18.18 22.08 3.96
N MET B 777 18.79 23.01 3.24
CA MET B 777 19.68 23.97 3.85
C MET B 777 18.96 25.06 4.64
N PHE B 778 17.72 25.37 4.28
CA PHE B 778 16.97 26.36 5.03
C PHE B 778 16.79 25.78 6.44
N LEU B 779 16.32 24.54 6.49
CA LEU B 779 16.10 23.85 7.75
C LEU B 779 17.40 23.58 8.51
N GLU B 780 18.44 23.14 7.81
CA GLU B 780 19.71 22.85 8.46
C GLU B 780 20.39 24.09 9.04
N LEU B 781 20.36 25.19 8.29
CA LEU B 781 21.00 26.42 8.78
C LEU B 781 20.25 26.90 10.02
N PHE B 782 18.92 26.81 9.98
CA PHE B 782 18.12 27.24 11.11
C PHE B 782 18.38 26.38 12.34
N CYS B 783 18.54 25.07 12.14
CA CYS B 783 18.80 24.17 13.26
C CYS B 783 20.18 24.47 13.85
N GLN B 784 21.16 24.73 12.97
CA GLN B 784 22.51 25.04 13.40
C GLN B 784 22.48 26.30 14.29
N ILE B 785 21.69 27.29 13.89
CA ILE B 785 21.58 28.53 14.65
C ILE B 785 20.89 28.39 16.00
N ILE B 786 19.86 27.54 16.08
CA ILE B 786 19.14 27.37 17.34
C ILE B 786 19.65 26.22 18.21
N SER B 787 20.54 25.41 17.67
CA SER B 787 21.07 24.26 18.40
C SER B 787 21.59 24.52 19.83
N GLU B 788 22.66 25.28 19.97
CA GLU B 788 23.19 25.54 21.30
C GLU B 788 22.23 26.40 22.11
N PRO B 789 21.63 27.44 21.49
CA PRO B 789 20.71 28.27 22.27
C PRO B 789 19.56 27.44 22.85
N CYS B 790 19.11 26.43 22.10
CA CYS B 790 18.01 25.59 22.57
C CYS B 790 18.40 24.85 23.85
N PHE B 791 19.57 24.24 23.82
CA PHE B 791 20.09 23.52 24.98
C PHE B 791 20.28 24.52 26.14
N ASN B 792 20.91 25.66 25.86
CA ASN B 792 21.16 26.67 26.89
C ASN B 792 19.88 27.23 27.52
N THR B 793 18.87 27.45 26.69
CA THR B 793 17.61 28.00 27.18
C THR B 793 16.70 27.00 27.88
N LEU B 794 16.43 25.87 27.23
CA LEU B 794 15.51 24.89 27.81
C LEU B 794 16.15 24.00 28.88
N ARG B 795 17.46 23.83 28.86
CA ARG B 795 18.05 23.03 29.90
C ARG B 795 18.85 23.88 30.90
N THR B 796 19.94 24.49 30.45
CA THR B 796 20.77 25.27 31.35
C THR B 796 20.03 26.36 32.14
N LYS B 797 19.19 27.14 31.47
CA LYS B 797 18.45 28.19 32.15
C LYS B 797 17.14 27.69 32.75
N GLU B 798 16.23 27.20 31.92
CA GLU B 798 14.94 26.73 32.40
C GLU B 798 14.94 25.36 33.05
N GLN B 799 16.00 24.59 32.85
CA GLN B 799 16.13 23.28 33.47
C GLN B 799 14.88 22.41 33.36
N LEU B 800 14.32 22.29 32.15
CA LEU B 800 13.13 21.48 31.95
C LEU B 800 13.47 20.01 32.15
N GLY B 801 14.69 19.63 31.81
CA GLY B 801 15.08 18.25 32.00
C GLY B 801 16.48 17.95 31.51
N TYR B 802 16.92 16.72 31.72
CA TYR B 802 18.23 16.27 31.29
C TYR B 802 18.21 16.14 29.77
N ILE B 803 17.14 15.53 29.25
CA ILE B 803 16.99 15.33 27.82
C ILE B 803 16.25 16.49 27.16
N VAL B 804 17.01 17.29 26.41
CA VAL B 804 16.49 18.45 25.69
C VAL B 804 17.15 18.34 24.33
N PHE B 805 16.33 18.15 23.29
CA PHE B 805 16.85 17.97 21.95
C PHE B 805 16.10 18.77 20.89
N SER B 806 16.84 19.25 19.90
CA SER B 806 16.25 19.97 18.80
C SER B 806 17.10 19.61 17.58
N GLY B 807 16.46 19.54 16.42
CA GLY B 807 17.19 19.19 15.20
C GLY B 807 16.24 18.82 14.07
N PRO B 808 16.77 18.54 12.88
CA PRO B 808 15.91 18.16 11.76
C PRO B 808 15.34 16.75 11.88
N ARG B 809 14.18 16.53 11.29
CA ARG B 809 13.56 15.22 11.27
C ARG B 809 13.35 14.91 9.79
N ARG B 810 13.93 13.80 9.33
CA ARG B 810 13.83 13.37 7.94
C ARG B 810 13.15 12.02 7.89
N ALA B 811 12.19 11.88 6.99
CA ALA B 811 11.48 10.62 6.84
C ALA B 811 10.67 10.61 5.55
N ASN B 812 10.74 9.48 4.84
CA ASN B 812 10.00 9.29 3.61
C ASN B 812 10.12 10.45 2.62
N GLY B 813 11.31 11.02 2.54
CA GLY B 813 11.55 12.13 1.62
C GLY B 813 11.09 13.48 2.11
N ILE B 814 10.41 13.50 3.26
CA ILE B 814 9.91 14.74 3.83
C ILE B 814 10.78 15.14 5.03
N GLN B 815 10.62 16.37 5.50
CA GLN B 815 11.45 16.84 6.62
C GLN B 815 10.78 17.96 7.41
N GLY B 816 11.45 18.32 8.51
CA GLY B 816 10.96 19.37 9.37
C GLY B 816 11.79 19.52 10.64
N LEU B 817 11.36 20.45 11.50
CA LEU B 817 12.04 20.73 12.75
C LEU B 817 11.35 19.97 13.89
N ARG B 818 12.14 19.28 14.70
CA ARG B 818 11.59 18.55 15.82
C ARG B 818 12.24 18.98 17.12
N PHE B 819 11.46 18.90 18.19
CA PHE B 819 11.90 19.23 19.54
C PHE B 819 11.50 18.04 20.41
N ILE B 820 12.44 17.50 21.17
CA ILE B 820 12.15 16.39 22.05
C ILE B 820 12.62 16.72 23.47
N ILE B 821 11.73 16.55 24.43
CA ILE B 821 12.03 16.83 25.83
C ILE B 821 11.40 15.81 26.76
N GLN B 822 12.14 15.45 27.80
CA GLN B 822 11.66 14.53 28.82
C GLN B 822 11.73 15.36 30.09
N SER B 823 10.63 15.41 30.84
CA SER B 823 10.60 16.25 32.02
C SER B 823 9.56 15.90 33.06
N GLU B 824 9.72 16.49 34.25
CA GLU B 824 8.77 16.29 35.34
C GLU B 824 7.57 17.18 35.03
N LYS B 825 7.82 18.28 34.33
CA LYS B 825 6.77 19.24 33.95
C LYS B 825 5.84 18.61 32.90
N PRO B 826 4.55 18.96 32.96
CA PRO B 826 3.56 18.43 32.01
C PRO B 826 3.79 18.88 30.57
N PRO B 827 3.38 18.07 29.59
CA PRO B 827 3.54 18.37 28.17
C PRO B 827 3.02 19.74 27.73
N HIS B 828 1.84 20.13 28.20
CA HIS B 828 1.30 21.42 27.77
C HIS B 828 2.18 22.58 28.22
N TYR B 829 2.84 22.43 29.36
CA TYR B 829 3.74 23.47 29.84
C TYR B 829 5.01 23.46 28.98
N LEU B 830 5.55 22.26 28.77
CA LEU B 830 6.75 22.07 27.96
C LEU B 830 6.54 22.73 26.60
N GLU B 831 5.36 22.56 26.04
CA GLU B 831 5.05 23.15 24.75
C GLU B 831 5.09 24.69 24.76
N SER B 832 4.58 25.29 25.83
CA SER B 832 4.58 26.76 25.90
C SER B 832 6.00 27.28 25.93
N ARG B 833 6.89 26.58 26.62
CA ARG B 833 8.28 27.02 26.71
C ARG B 833 9.00 26.92 25.36
N VAL B 834 8.74 25.85 24.62
CA VAL B 834 9.37 25.69 23.32
C VAL B 834 8.86 26.80 22.40
N GLU B 835 7.58 27.10 22.53
CA GLU B 835 6.96 28.13 21.72
C GLU B 835 7.57 29.50 22.09
N ALA B 836 7.86 29.69 23.38
CA ALA B 836 8.46 30.93 23.84
C ALA B 836 9.89 30.99 23.31
N PHE B 837 10.55 29.83 23.29
CA PHE B 837 11.91 29.75 22.78
C PHE B 837 11.99 30.16 21.31
N LEU B 838 11.04 29.68 20.51
CA LEU B 838 11.06 30.02 19.08
C LEU B 838 11.02 31.52 18.86
N ILE B 839 10.22 32.22 19.65
CA ILE B 839 10.13 33.66 19.52
C ILE B 839 11.46 34.30 19.91
N THR B 840 12.13 33.75 20.92
CA THR B 840 13.44 34.24 21.35
C THR B 840 14.43 34.11 20.19
N MET B 841 14.36 32.98 19.48
CA MET B 841 15.26 32.74 18.35
C MET B 841 14.98 33.70 17.19
N GLU B 842 13.71 34.03 16.99
CA GLU B 842 13.32 34.95 15.92
C GLU B 842 14.02 36.29 16.18
N LYS B 843 13.92 36.76 17.42
CA LYS B 843 14.53 38.03 17.80
C LYS B 843 16.05 37.92 17.71
N SER B 844 16.58 36.78 18.13
CA SER B 844 18.01 36.56 18.13
C SER B 844 18.59 36.66 16.73
N ILE B 845 17.89 36.07 15.75
CA ILE B 845 18.39 36.10 14.38
C ILE B 845 18.35 37.53 13.85
N GLU B 846 17.36 38.29 14.28
CA GLU B 846 17.24 39.68 13.84
C GLU B 846 18.34 40.55 14.44
N ASP B 847 18.64 40.34 15.72
CA ASP B 847 19.68 41.11 16.41
C ASP B 847 21.08 40.64 16.05
N MET B 848 21.15 39.50 15.38
CA MET B 848 22.41 38.88 14.95
C MET B 848 23.16 39.65 13.86
N THR B 849 24.47 39.84 14.07
CA THR B 849 25.26 40.55 13.07
C THR B 849 25.41 39.66 11.85
N GLU B 850 25.79 40.27 10.73
CA GLU B 850 25.97 39.56 9.47
C GLU B 850 27.12 38.57 9.56
N GLU B 851 28.17 38.94 10.27
CA GLU B 851 29.33 38.07 10.42
C GLU B 851 28.95 36.90 11.33
N ALA B 852 28.12 37.16 12.34
CA ALA B 852 27.69 36.11 13.24
C ALA B 852 26.88 35.09 12.42
N PHE B 853 26.07 35.60 11.50
CA PHE B 853 25.26 34.75 10.62
C PHE B 853 26.17 33.92 9.72
N GLN B 854 27.18 34.59 9.17
CA GLN B 854 28.13 33.95 8.27
C GLN B 854 28.96 32.91 9.02
N LYS B 855 29.09 33.10 10.32
CA LYS B 855 29.86 32.19 11.16
C LYS B 855 29.10 30.86 11.26
N HIS B 856 27.78 30.93 11.39
CA HIS B 856 26.95 29.73 11.48
C HIS B 856 26.95 28.99 10.15
N ILE B 857 27.00 29.74 9.06
CA ILE B 857 27.02 29.12 7.74
C ILE B 857 28.30 28.30 7.59
N GLN B 858 29.40 28.86 8.05
CA GLN B 858 30.71 28.22 8.00
C GLN B 858 30.75 26.98 8.89
N ALA B 859 30.18 27.09 10.08
CA ALA B 859 30.13 25.98 11.03
C ALA B 859 29.38 24.80 10.40
N LEU B 860 28.18 25.07 9.89
CA LEU B 860 27.39 24.01 9.26
C LEU B 860 28.16 23.46 8.07
N ALA B 861 28.82 24.34 7.33
CA ALA B 861 29.60 23.93 6.17
C ALA B 861 30.67 22.91 6.55
N ILE B 862 31.46 23.22 7.58
CA ILE B 862 32.52 22.32 8.04
C ILE B 862 31.91 21.00 8.53
N ARG B 863 30.78 21.12 9.21
CA ARG B 863 30.07 19.98 9.75
C ARG B 863 29.67 19.00 8.62
N ARG B 864 29.12 19.56 7.54
CA ARG B 864 28.68 18.74 6.41
C ARG B 864 29.82 18.21 5.55
N LEU B 865 30.93 18.95 5.49
CA LEU B 865 32.07 18.52 4.67
C LEU B 865 33.10 17.64 5.38
N ASP B 866 32.94 17.43 6.68
CA ASP B 866 33.89 16.59 7.45
C ASP B 866 33.92 15.24 6.75
N LYS B 867 35.09 14.81 6.29
CA LYS B 867 35.15 13.53 5.58
C LYS B 867 35.31 12.32 6.47
N PRO B 868 34.66 11.21 6.11
CA PRO B 868 34.75 9.97 6.90
C PRO B 868 36.22 9.55 7.03
N LYS B 869 36.55 8.97 8.17
CA LYS B 869 37.91 8.55 8.44
C LYS B 869 38.13 7.07 8.10
N LYS B 870 37.03 6.32 7.95
CA LYS B 870 37.12 4.90 7.67
C LYS B 870 36.09 4.43 6.65
N LEU B 871 36.37 3.26 6.06
CA LEU B 871 35.51 2.67 5.05
C LEU B 871 34.02 2.62 5.41
N SER B 872 33.70 2.02 6.55
CA SER B 872 32.30 1.89 6.96
C SER B 872 31.60 3.24 7.02
N ALA B 873 32.30 4.29 7.44
CA ALA B 873 31.71 5.62 7.53
C ALA B 873 31.39 6.19 6.15
N GLU B 874 32.29 5.99 5.19
CA GLU B 874 32.06 6.49 3.84
C GLU B 874 30.96 5.65 3.20
N CYS B 875 30.99 4.35 3.48
CA CYS B 875 30.01 3.43 2.95
C CYS B 875 28.60 3.79 3.46
N ALA B 876 28.50 4.15 4.75
CA ALA B 876 27.21 4.51 5.33
C ALA B 876 26.63 5.73 4.62
N LYS B 877 27.47 6.71 4.30
CA LYS B 877 27.00 7.88 3.58
C LYS B 877 26.39 7.46 2.24
N TYR B 878 27.10 6.61 1.48
CA TYR B 878 26.59 6.14 0.19
C TYR B 878 25.31 5.34 0.37
N TRP B 879 25.32 4.43 1.33
CA TRP B 879 24.17 3.59 1.61
C TRP B 879 22.93 4.44 1.92
N GLY B 880 23.16 5.57 2.58
CA GLY B 880 22.06 6.47 2.90
C GLY B 880 21.40 7.01 1.64
N GLU B 881 22.22 7.31 0.63
CA GLU B 881 21.71 7.84 -0.63
C GLU B 881 20.94 6.79 -1.41
N ILE B 882 21.35 5.52 -1.27
CA ILE B 882 20.70 4.43 -1.98
C ILE B 882 19.41 4.03 -1.29
N ILE B 883 19.46 3.87 0.02
CA ILE B 883 18.29 3.49 0.83
C ILE B 883 17.15 4.49 0.66
N SER B 884 17.47 5.79 0.64
CA SER B 884 16.46 6.84 0.49
C SER B 884 16.06 7.00 -0.98
N GLN B 885 16.79 6.31 -1.86
CA GLN B 885 16.55 6.37 -3.28
C GLN B 885 16.68 7.77 -3.85
N GLN B 886 17.63 8.52 -3.31
CA GLN B 886 17.89 9.87 -3.77
C GLN B 886 19.17 9.88 -4.58
N TYR B 887 20.04 8.93 -4.28
CA TYR B 887 21.32 8.76 -4.98
C TYR B 887 22.07 10.04 -5.30
N ASN B 888 22.13 10.97 -4.36
CA ASN B 888 22.83 12.23 -4.55
C ASN B 888 24.21 12.13 -3.89
N PHE B 889 25.11 11.37 -4.51
CA PHE B 889 26.46 11.17 -3.98
C PHE B 889 27.33 12.42 -3.83
N ASP B 890 27.02 13.49 -4.57
CA ASP B 890 27.80 14.72 -4.47
C ASP B 890 27.00 15.75 -3.67
N ARG B 891 26.05 15.27 -2.88
CA ARG B 891 25.20 16.13 -2.07
C ARG B 891 25.92 17.16 -1.21
N ASP B 892 26.95 16.73 -0.48
CA ASP B 892 27.66 17.64 0.40
C ASP B 892 28.19 18.90 -0.30
N ASN B 893 28.84 18.74 -1.45
CA ASN B 893 29.38 19.90 -2.17
C ASN B 893 28.26 20.77 -2.71
N THR B 894 27.27 20.14 -3.31
CA THR B 894 26.13 20.84 -3.87
C THR B 894 25.38 21.64 -2.80
N GLU B 895 25.00 20.99 -1.70
CA GLU B 895 24.28 21.67 -0.64
C GLU B 895 25.08 22.77 0.04
N VAL B 896 26.38 22.54 0.26
CA VAL B 896 27.22 23.55 0.89
C VAL B 896 27.33 24.78 -0.02
N ALA B 897 27.56 24.55 -1.32
CA ALA B 897 27.66 25.65 -2.28
C ALA B 897 26.41 26.53 -2.20
N TYR B 898 25.25 25.89 -2.14
CA TYR B 898 23.99 26.63 -2.06
C TYR B 898 23.87 27.31 -0.70
N LEU B 899 24.28 26.60 0.35
CA LEU B 899 24.22 27.11 1.70
C LEU B 899 24.94 28.44 1.82
N LYS B 900 26.08 28.56 1.15
CA LYS B 900 26.88 29.78 1.23
C LYS B 900 26.25 31.00 0.58
N THR B 901 25.14 30.83 -0.14
CA THR B 901 24.48 31.96 -0.78
C THR B 901 23.33 32.50 0.06
N LEU B 902 22.97 31.81 1.14
CA LEU B 902 21.85 32.25 1.97
C LEU B 902 22.11 33.51 2.78
N THR B 903 21.06 34.29 2.98
CA THR B 903 21.16 35.53 3.74
C THR B 903 20.30 35.44 4.97
N LYS B 904 20.51 36.37 5.89
CA LYS B 904 19.73 36.39 7.10
C LYS B 904 18.25 36.55 6.76
N GLU B 905 17.96 37.36 5.75
CA GLU B 905 16.58 37.58 5.32
C GLU B 905 15.93 36.28 4.87
N ASP B 906 16.72 35.37 4.30
CA ASP B 906 16.19 34.09 3.84
C ASP B 906 15.73 33.23 5.01
N ILE B 907 16.50 33.23 6.08
CA ILE B 907 16.13 32.44 7.26
C ILE B 907 14.93 33.07 7.96
N ILE B 908 14.87 34.39 7.98
CA ILE B 908 13.74 35.08 8.60
C ILE B 908 12.47 34.76 7.82
N LYS B 909 12.59 34.80 6.50
CA LYS B 909 11.46 34.50 5.61
C LYS B 909 11.00 33.08 5.90
N PHE B 910 11.94 32.15 5.86
CA PHE B 910 11.68 30.73 6.11
C PHE B 910 10.92 30.55 7.43
N TYR B 911 11.42 31.17 8.49
CA TYR B 911 10.80 31.06 9.80
C TYR B 911 9.38 31.64 9.86
N LYS B 912 9.19 32.78 9.21
CA LYS B 912 7.89 33.44 9.21
C LYS B 912 6.85 32.74 8.37
N GLU B 913 7.30 32.07 7.32
CA GLU B 913 6.39 31.36 6.45
C GLU B 913 6.06 29.95 6.92
N MET B 914 7.02 29.29 7.58
CA MET B 914 6.83 27.90 8.03
C MET B 914 6.82 27.63 9.52
N LEU B 915 7.56 28.41 10.29
CA LEU B 915 7.69 28.15 11.71
C LEU B 915 6.93 29.00 12.73
N ALA B 916 6.90 30.31 12.53
CA ALA B 916 6.21 31.22 13.46
C ALA B 916 4.81 30.74 13.84
N VAL B 917 4.35 31.14 15.03
CA VAL B 917 3.02 30.76 15.52
C VAL B 917 1.91 31.21 14.55
N ASP B 918 2.18 32.27 13.81
CA ASP B 918 1.21 32.81 12.87
C ASP B 918 1.62 32.55 11.42
N ALA B 919 2.56 31.63 11.21
CA ALA B 919 3.01 31.30 9.87
C ALA B 919 1.86 30.75 9.03
N PRO B 920 1.74 31.20 7.77
CA PRO B 920 0.68 30.74 6.86
C PRO B 920 0.78 29.26 6.51
N ARG B 921 1.95 28.68 6.71
CA ARG B 921 2.15 27.27 6.39
C ARG B 921 2.74 26.46 7.52
N ARG B 922 2.28 26.74 8.73
CA ARG B 922 2.77 25.99 9.87
C ARG B 922 2.07 24.65 9.87
N HIS B 923 2.84 23.58 10.00
CA HIS B 923 2.30 22.23 10.03
C HIS B 923 2.83 21.62 11.31
N LYS B 924 2.02 21.68 12.36
CA LYS B 924 2.45 21.19 13.65
C LYS B 924 1.69 19.99 14.19
N VAL B 925 2.44 19.07 14.77
CA VAL B 925 1.90 17.88 15.39
C VAL B 925 2.70 17.65 16.65
N SER B 926 2.01 17.47 17.77
CA SER B 926 2.65 17.25 19.06
C SER B 926 2.25 15.92 19.65
N VAL B 927 3.22 15.24 20.26
CA VAL B 927 2.98 13.96 20.91
C VAL B 927 3.23 14.18 22.41
N HIS B 928 2.19 13.98 23.19
CA HIS B 928 2.24 14.15 24.64
C HIS B 928 2.25 12.83 25.38
N VAL B 929 3.34 12.56 26.09
CA VAL B 929 3.42 11.33 26.85
C VAL B 929 3.35 11.73 28.33
N LEU B 930 2.28 11.31 28.99
CA LEU B 930 2.07 11.64 30.40
C LEU B 930 2.81 10.71 31.35
N ALA B 931 3.18 11.26 32.50
CA ALA B 931 3.88 10.49 33.52
C ALA B 931 2.94 9.47 34.12
N ARG B 932 3.53 8.39 34.63
CA ARG B 932 2.80 7.30 35.26
C ARG B 932 1.72 7.74 36.25
N GLU B 933 2.07 8.63 37.17
CA GLU B 933 1.09 9.05 38.17
C GLU B 933 0.16 10.17 37.70
N MET B 934 0.21 10.54 36.43
CA MET B 934 -0.67 11.58 35.95
C MET B 934 -1.95 10.97 35.42
N ASP B 935 -3.03 11.18 36.15
CA ASP B 935 -4.32 10.66 35.76
C ASP B 935 -4.61 11.18 34.36
N SER B 936 -4.71 12.50 34.23
CA SER B 936 -4.97 13.13 32.94
C SER B 936 -4.13 14.40 32.81
N CYS B 937 -4.36 15.15 31.74
CA CYS B 937 -3.63 16.39 31.50
C CYS B 937 -4.17 17.05 30.24
N PRO B 938 -4.33 18.39 30.27
CA PRO B 938 -4.83 19.14 29.12
C PRO B 938 -3.81 19.21 27.98
N VAL B 939 -4.31 19.36 26.76
CA VAL B 939 -3.44 19.45 25.60
C VAL B 939 -2.91 20.86 25.38
N VAL B 940 -3.51 21.84 26.04
CA VAL B 940 -3.05 23.24 25.95
C VAL B 940 -3.35 23.95 27.25
N GLY B 941 -2.51 24.92 27.61
CA GLY B 941 -2.74 25.67 28.84
C GLY B 941 -2.46 27.15 28.65
N GLU B 942 -2.95 27.97 29.56
CA GLU B 942 -2.74 29.41 29.49
C GLU B 942 -1.74 29.85 30.56
N ILE B 949 7.51 36.28 34.23
CA ILE B 949 7.96 35.92 35.56
C ILE B 949 9.40 35.40 35.54
N ASN B 950 10.33 36.26 35.13
CA ASN B 950 11.75 35.90 35.04
C ASN B 950 12.00 34.95 33.87
N LEU B 951 10.94 34.61 33.15
CA LEU B 951 10.99 33.72 32.01
C LEU B 951 10.48 34.39 30.74
N SER B 952 10.94 33.92 29.59
CA SER B 952 10.52 34.43 28.30
C SER B 952 9.01 34.21 28.21
N GLN B 953 8.31 35.09 27.51
CA GLN B 953 6.86 34.96 27.40
C GLN B 953 6.40 34.09 26.24
N ALA B 954 5.54 33.11 26.55
CA ALA B 954 5.01 32.20 25.54
C ALA B 954 3.78 32.82 24.85
N PRO B 955 3.71 32.70 23.52
CA PRO B 955 2.57 33.26 22.78
C PRO B 955 1.30 32.45 23.00
N ALA B 956 0.16 33.03 22.68
CA ALA B 956 -1.12 32.36 22.83
C ALA B 956 -1.20 31.30 21.73
N LEU B 957 -1.57 30.08 22.11
CA LEU B 957 -1.68 29.02 21.12
C LEU B 957 -3.11 28.70 20.74
N PRO B 958 -3.32 28.25 19.50
CA PRO B 958 -4.65 27.89 18.99
C PRO B 958 -5.16 26.66 19.71
N GLN B 959 -6.42 26.30 19.47
CA GLN B 959 -6.99 25.12 20.09
C GLN B 959 -6.61 23.98 19.15
N PRO B 960 -5.89 22.97 19.66
CA PRO B 960 -5.46 21.83 18.87
C PRO B 960 -6.53 20.78 18.66
N GLU B 961 -6.41 20.04 17.57
CA GLU B 961 -7.34 18.98 17.28
C GLU B 961 -6.72 17.71 17.86
N VAL B 962 -7.38 17.14 18.86
CA VAL B 962 -6.86 15.95 19.51
C VAL B 962 -7.11 14.71 18.66
N ILE B 963 -6.03 13.98 18.40
CA ILE B 963 -6.13 12.75 17.61
C ILE B 963 -6.60 11.59 18.48
N GLN B 964 -7.72 10.98 18.11
CA GLN B 964 -8.25 9.86 18.86
C GLN B 964 -7.91 8.55 18.24
N ASN B 965 -7.89 8.53 16.92
CA ASN B 965 -7.62 7.29 16.22
C ASN B 965 -6.61 7.57 15.11
N MET B 966 -5.46 6.92 15.21
CA MET B 966 -4.41 7.12 14.23
C MET B 966 -4.84 6.83 12.79
N THR B 967 -5.63 5.78 12.60
CA THR B 967 -6.10 5.42 11.27
C THR B 967 -6.97 6.53 10.67
N GLU B 968 -7.95 7.00 11.44
CA GLU B 968 -8.84 8.06 10.96
C GLU B 968 -8.04 9.31 10.66
N PHE B 969 -7.04 9.57 11.50
CA PHE B 969 -6.18 10.74 11.31
C PHE B 969 -5.53 10.70 9.92
N LYS B 970 -4.87 9.59 9.60
CA LYS B 970 -4.19 9.46 8.31
C LYS B 970 -5.14 9.46 7.11
N ARG B 971 -6.30 8.84 7.26
CA ARG B 971 -7.27 8.77 6.18
C ARG B 971 -7.85 10.13 5.80
N GLY B 972 -8.02 11.00 6.79
CA GLY B 972 -8.58 12.31 6.52
C GLY B 972 -7.54 13.31 6.05
N LEU B 973 -6.34 12.82 5.75
CA LEU B 973 -5.28 13.70 5.31
C LEU B 973 -4.63 13.18 4.04
N PRO B 974 -4.14 14.08 3.20
CA PRO B 974 -3.50 13.68 1.94
C PRO B 974 -2.08 13.16 2.25
N LEU B 975 -1.43 12.56 1.26
CA LEU B 975 -0.09 12.04 1.47
C LEU B 975 0.87 12.76 0.54
N PHE B 976 2.07 13.04 1.03
CA PHE B 976 3.09 13.71 0.24
C PHE B 976 3.55 12.79 -0.87
N PRO B 977 4.13 13.36 -1.95
CA PRO B 977 4.63 12.50 -3.02
C PRO B 977 5.98 12.00 -2.52
N LEU B 978 6.67 11.19 -3.32
CA LEU B 978 7.97 10.68 -2.95
C LEU B 978 9.04 11.50 -3.69
N VAL B 979 10.20 11.67 -3.06
CA VAL B 979 11.27 12.44 -3.69
C VAL B 979 11.75 11.73 -4.95
N LYS B 980 12.05 12.54 -5.97
CA LYS B 980 12.53 12.01 -7.24
C LYS B 980 13.99 11.72 -7.20
N PRO B 981 14.35 10.62 -7.85
CA PRO B 981 15.75 10.24 -7.90
C PRO B 981 16.68 11.12 -8.57
N HIS B 982 17.82 11.37 -7.87
CA HIS B 982 18.88 12.12 -8.49
C HIS B 982 19.24 10.78 -9.29
N ILE B 983 20.08 10.85 -10.30
CA ILE B 983 20.44 9.78 -11.21
C ILE B 983 21.58 8.85 -11.02
N ASN B 984 22.12 8.44 -12.17
CA ASN B 984 23.28 7.57 -12.22
C ASN B 984 23.38 6.48 -13.24
N PHE C 1 -26.60 -22.60 -21.75
CA PHE C 1 -27.89 -21.92 -21.45
C PHE C 1 -28.74 -21.72 -22.71
N VAL C 2 -29.95 -21.21 -22.50
CA VAL C 2 -30.89 -21.00 -23.60
C VAL C 2 -30.77 -19.66 -24.27
N ASN C 3 -30.81 -19.69 -25.60
CA ASN C 3 -30.69 -18.48 -26.35
C ASN C 3 -31.90 -17.60 -26.11
N GLN C 4 -31.64 -16.32 -25.85
CA GLN C 4 -32.73 -15.46 -25.46
C GLN C 4 -32.77 -14.06 -26.02
N VAL C 12 -29.40 -11.20 -33.57
CA VAL C 12 -29.40 -10.09 -34.52
C VAL C 12 -28.80 -8.81 -33.94
N GLU C 13 -27.72 -8.33 -34.55
CA GLU C 13 -27.09 -7.13 -34.05
C GLU C 13 -27.79 -5.94 -34.65
N ALA C 14 -28.16 -5.02 -33.79
CA ALA C 14 -29.03 -3.94 -34.19
C ALA C 14 -28.28 -2.67 -33.96
N LEU C 15 -28.47 -1.69 -34.83
CA LEU C 15 -27.72 -0.44 -34.76
C LEU C 15 -28.48 0.70 -34.10
N TYR C 16 -27.77 1.39 -33.21
CA TYR C 16 -28.34 2.50 -32.45
C TYR C 16 -27.98 3.87 -32.95
N LEU C 17 -28.74 4.84 -32.45
CA LEU C 17 -28.50 6.20 -32.83
C LEU C 17 -27.33 6.72 -31.98
N VAL C 18 -27.33 6.41 -30.69
CA VAL C 18 -26.25 6.88 -29.84
C VAL C 18 -25.83 5.86 -28.80
N CYS C 19 -24.64 6.06 -28.25
CA CYS C 19 -24.14 5.22 -27.17
C CYS C 19 -24.38 6.22 -26.03
N GLY C 20 -25.06 5.83 -24.94
CA GLY C 20 -25.35 6.80 -23.89
C GLY C 20 -24.47 6.51 -22.70
N GLU C 21 -24.10 5.26 -22.49
CA GLU C 21 -23.02 5.36 -21.54
C GLU C 21 -21.72 4.63 -21.84
N ARG C 22 -20.76 5.45 -21.44
CA ARG C 22 -19.38 5.16 -21.62
C ARG C 22 -18.92 4.74 -20.27
N GLY C 23 -18.32 3.65 -20.57
CA GLY C 23 -18.26 2.63 -19.69
C GLY C 23 -16.98 2.04 -19.35
N PHE C 24 -16.77 1.53 -18.13
CA PHE C 24 -15.58 0.77 -18.20
C PHE C 24 -15.56 -0.71 -17.85
N PHE C 25 -15.46 -1.11 -19.10
CA PHE C 25 -15.42 -2.32 -19.82
C PHE C 25 -15.14 -3.82 -19.76
N PHE D 1 29.68 -14.86 24.50
CA PHE D 1 30.83 -14.06 23.99
C PHE D 1 31.65 -13.49 25.15
N VAL D 2 32.77 -12.85 24.84
CA VAL D 2 33.60 -12.35 25.92
C VAL D 2 33.40 -10.89 26.28
N ASN D 3 33.38 -10.65 27.59
CA ASN D 3 33.16 -9.34 28.16
C ASN D 3 34.28 -8.37 27.79
N GLN D 4 33.91 -7.31 27.10
CA GLN D 4 34.89 -6.32 26.69
C GLN D 4 34.55 -4.88 27.07
N HIS D 10 27.98 -6.13 33.64
CA HIS D 10 29.09 -6.28 32.69
C HIS D 10 29.97 -5.07 32.46
N LEU D 11 29.39 -3.91 32.37
CA LEU D 11 30.20 -2.74 32.37
C LEU D 11 29.84 -1.86 33.56
N VAL D 12 30.88 -1.29 34.12
CA VAL D 12 30.62 -0.05 34.83
C VAL D 12 29.81 1.01 34.00
N GLU D 13 28.74 1.46 34.63
CA GLU D 13 27.90 2.47 34.05
C GLU D 13 28.39 3.83 34.45
N ALA D 14 28.55 4.65 33.44
CA ALA D 14 29.01 6.01 33.67
C ALA D 14 27.97 7.09 33.38
N LEU D 15 28.14 8.20 34.09
CA LEU D 15 27.24 9.34 33.95
C LEU D 15 27.83 10.36 32.98
N TYR D 16 27.04 10.72 31.98
CA TYR D 16 27.47 11.69 30.97
C TYR D 16 26.89 13.09 31.20
N LEU D 17 27.47 14.06 30.50
CA LEU D 17 27.02 15.44 30.62
C LEU D 17 25.72 15.69 29.88
N VAL D 18 25.67 15.28 28.61
CA VAL D 18 24.49 15.45 27.79
C VAL D 18 24.24 14.15 27.05
N CYS D 19 23.04 13.96 26.54
CA CYS D 19 22.73 12.72 25.83
C CYS D 19 23.32 12.69 24.41
N GLY D 20 24.13 11.65 24.15
CA GLY D 20 24.72 11.44 22.84
C GLY D 20 23.44 11.37 22.05
N GLU D 21 23.20 12.48 21.36
CA GLU D 21 21.97 12.75 20.62
C GLU D 21 21.09 11.72 19.86
N ARG D 22 19.83 11.80 20.32
CA ARG D 22 18.54 11.10 20.08
C ARG D 22 17.91 10.42 18.84
N GLY D 23 17.43 9.18 19.06
CA GLY D 23 16.75 8.36 18.05
C GLY D 23 15.99 7.15 18.66
N PHE D 24 14.94 6.70 17.98
CA PHE D 24 14.06 5.60 18.41
C PHE D 24 14.62 4.16 18.38
C1 DIO E . -21.98 -19.75 -39.61
C2 DIO E . -20.58 -18.73 -41.18
C1' DIO E . -22.04 -18.46 -38.78
C2' DIO E . -20.61 -17.42 -40.37
O1 DIO E . -21.83 -19.42 -41.01
O1' DIO E . -20.82 -17.69 -38.96
#